data_7YA2
#
_entry.id   7YA2
#
_cell.length_a   302.909
_cell.length_b   84.340
_cell.length_c   145.085
_cell.angle_alpha   90.000
_cell.angle_beta   110.650
_cell.angle_gamma   90.000
#
_symmetry.space_group_name_H-M   'C 1 2 1'
#
_entity_poly.entity_id   1
_entity_poly.type   'polypeptide(L)'
_entity_poly.pdbx_seq_one_letter_code
;MEKLKLMTIVGTRPEIIRLSSTIKACDQYFNQILVHTGQNYDYTLNQIFFDDLELRQPDHYLEAVGSNLGETMGNIIAKT
YDVLLREQPDALLILGDTNSCLAAVSAKRLKIPVFHMEAGNRCFDQNVPEEINRKIVDHVSDVNLPYTEHSRRYLLDEGF
NKANIFVTGSPMTEVIEAHRDKINHSDVLNKLGLEPQQYILVSAHREENIDNEKNFKSLMNAINDIAKKYKMPVIYSTHP
RSWKKIEESKFEFDPLVKQLKPFGFFDYNALQKDAFVVLSDSGTLSEESSILKFPGVLIRTSTERPEVLDKGTVIVGGIT
YNNLIQSVELAREMQNNNEPMIDAIDYKDTNVSTKVVKIIQSYKDIINRNTWRK
;
_entity_poly.pdbx_strand_id   A,B,C,D,E,F
#
# COMPACT_ATOMS: atom_id res chain seq x y z
N MET A 1 3.79 44.07 -18.09
CA MET A 1 3.66 43.05 -16.99
C MET A 1 4.89 42.14 -17.00
N GLU A 2 5.49 41.91 -15.82
CA GLU A 2 6.66 41.02 -15.60
C GLU A 2 6.21 39.57 -15.86
N LYS A 3 7.05 38.78 -16.56
CA LYS A 3 6.80 37.34 -16.87
C LYS A 3 7.50 36.47 -15.82
N LEU A 4 6.95 35.29 -15.51
CA LEU A 4 7.46 34.36 -14.48
C LEU A 4 8.95 34.08 -14.74
N LYS A 5 9.78 34.23 -13.70
CA LYS A 5 11.24 33.99 -13.76
C LYS A 5 11.53 32.55 -13.31
N LEU A 6 11.89 31.71 -14.27
CA LEU A 6 12.31 30.30 -14.07
C LEU A 6 13.83 30.24 -14.08
N MET A 7 14.41 29.39 -13.25
CA MET A 7 15.84 29.00 -13.36
C MET A 7 15.91 27.53 -13.82
N THR A 8 16.75 27.23 -14.81
CA THR A 8 16.91 25.90 -15.43
C THR A 8 18.39 25.52 -15.32
N ILE A 9 18.71 24.34 -14.82
CA ILE A 9 20.11 23.94 -14.54
C ILE A 9 20.41 22.66 -15.30
N VAL A 10 21.57 22.64 -15.94
CA VAL A 10 22.09 21.52 -16.77
C VAL A 10 23.57 21.33 -16.43
N GLY A 11 24.15 20.18 -16.76
CA GLY A 11 25.56 19.84 -16.43
C GLY A 11 26.22 18.88 -17.43
N THR A 12 25.48 17.87 -17.90
CA THR A 12 25.96 16.77 -18.77
C THR A 12 25.35 16.94 -20.17
N ARG A 13 25.71 16.06 -21.13
CA ARG A 13 25.13 16.06 -22.51
C ARG A 13 23.61 15.88 -22.39
N PRO A 14 23.15 14.72 -21.87
CA PRO A 14 21.75 14.32 -22.01
C PRO A 14 20.79 15.26 -21.26
N GLU A 15 21.20 15.76 -20.09
CA GLU A 15 20.54 16.93 -19.49
C GLU A 15 20.25 17.94 -20.60
N ILE A 16 21.28 18.42 -21.29
CA ILE A 16 21.16 19.52 -22.28
C ILE A 16 20.30 19.06 -23.45
N ILE A 17 20.41 17.80 -23.89
CA ILE A 17 19.74 17.31 -25.13
C ILE A 17 18.22 17.15 -24.91
N ARG A 18 17.80 16.65 -23.75
CA ARG A 18 16.39 16.31 -23.45
C ARG A 18 15.62 17.59 -23.11
N LEU A 19 16.27 18.47 -22.34
CA LEU A 19 15.78 19.85 -22.05
C LEU A 19 15.77 20.70 -23.33
N SER A 20 16.55 20.30 -24.36
CA SER A 20 16.85 21.12 -25.56
C SER A 20 15.60 21.87 -25.99
N SER A 21 14.49 21.17 -26.26
CA SER A 21 13.25 21.80 -26.80
C SER A 21 12.47 22.44 -25.64
N THR A 22 12.66 21.96 -24.42
CA THR A 22 11.95 22.48 -23.22
C THR A 22 12.55 23.84 -22.81
N ILE A 23 13.84 24.03 -23.08
CA ILE A 23 14.59 25.29 -22.79
C ILE A 23 14.16 26.36 -23.79
N LYS A 24 14.09 26.02 -25.09
CA LYS A 24 13.75 26.96 -26.20
C LYS A 24 12.34 27.52 -26.00
N ALA A 25 11.44 26.72 -25.44
CA ALA A 25 10.04 27.09 -25.18
C ALA A 25 9.98 27.94 -23.90
N CYS A 26 10.77 27.60 -22.89
CA CYS A 26 10.82 28.36 -21.62
C CYS A 26 11.44 29.75 -21.86
N ASP A 27 12.12 29.91 -22.99
CA ASP A 27 12.59 31.25 -23.45
C ASP A 27 11.39 32.01 -23.98
N GLN A 28 10.66 31.39 -24.92
CA GLN A 28 9.46 32.00 -25.55
C GLN A 28 8.60 32.62 -24.44
N TYR A 29 8.11 31.80 -23.51
CA TYR A 29 6.94 32.11 -22.65
C TYR A 29 7.40 32.62 -21.27
N PHE A 30 8.64 32.37 -20.85
CA PHE A 30 9.18 32.84 -19.53
C PHE A 30 10.41 33.73 -19.68
N ASN A 31 10.91 34.14 -18.51
CA ASN A 31 12.19 34.84 -18.30
C ASN A 31 13.18 33.81 -17.73
N GLN A 32 13.87 33.07 -18.60
CA GLN A 32 14.56 31.81 -18.25
C GLN A 32 16.01 32.12 -17.92
N ILE A 33 16.42 31.93 -16.68
CA ILE A 33 17.86 32.03 -16.29
C ILE A 33 18.48 30.65 -16.50
N LEU A 34 19.34 30.52 -17.51
CA LEU A 34 20.07 29.26 -17.82
C LEU A 34 21.37 29.23 -17.01
N VAL A 35 21.45 28.35 -16.01
CA VAL A 35 22.69 28.10 -15.22
C VAL A 35 23.36 26.84 -15.78
N HIS A 36 24.68 26.81 -15.75
CA HIS A 36 25.51 25.65 -16.15
C HIS A 36 26.58 25.48 -15.08
N THR A 37 26.68 24.29 -14.51
CA THR A 37 27.64 23.96 -13.43
C THR A 37 29.03 23.80 -14.07
N GLY A 38 29.91 22.94 -13.55
CA GLY A 38 31.37 22.98 -13.81
C GLY A 38 31.82 22.26 -15.08
N GLN A 39 31.14 21.17 -15.47
CA GLN A 39 31.66 20.14 -16.42
C GLN A 39 31.05 20.36 -17.81
N ASP A 42 33.09 20.70 -23.17
CA ASP A 42 33.93 19.48 -23.01
C ASP A 42 34.34 18.99 -24.40
N TYR A 43 34.79 19.91 -25.26
CA TYR A 43 35.34 19.69 -26.63
C TYR A 43 34.19 19.39 -27.60
N THR A 44 33.36 18.39 -27.30
CA THR A 44 32.33 17.82 -28.20
C THR A 44 30.92 18.03 -27.58
N LEU A 45 30.85 18.65 -26.40
CA LEU A 45 29.64 19.19 -25.73
C LEU A 45 29.38 20.63 -26.24
N ASN A 46 30.42 21.33 -26.71
CA ASN A 46 30.29 22.63 -27.42
C ASN A 46 29.65 22.38 -28.77
N GLN A 47 29.80 21.18 -29.35
CA GLN A 47 29.21 20.81 -30.66
C GLN A 47 27.68 20.64 -30.51
N ILE A 48 27.20 19.86 -29.54
CA ILE A 48 25.75 19.55 -29.40
C ILE A 48 25.02 20.80 -28.90
N PHE A 49 25.52 21.49 -27.87
CA PHE A 49 25.20 22.92 -27.59
C PHE A 49 25.69 23.73 -28.79
N PHE A 50 25.04 24.85 -29.13
CA PHE A 50 25.54 25.85 -30.16
C PHE A 50 25.39 25.29 -31.58
N ASP A 51 26.23 24.34 -31.97
CA ASP A 51 26.41 23.88 -33.38
C ASP A 51 25.22 22.99 -33.80
N ASP A 52 24.92 21.91 -33.07
CA ASP A 52 23.83 20.94 -33.41
C ASP A 52 22.49 21.48 -32.88
N LEU A 53 22.29 21.50 -31.55
CA LEU A 53 21.02 21.96 -30.91
C LEU A 53 20.80 23.44 -31.21
N GLU A 54 21.79 24.14 -31.80
CA GLU A 54 21.75 25.61 -32.01
C GLU A 54 21.04 26.25 -30.81
N LEU A 55 21.62 26.09 -29.63
CA LEU A 55 21.03 26.51 -28.33
C LEU A 55 21.75 27.77 -27.88
N ARG A 56 21.05 28.69 -27.22
CA ARG A 56 21.60 30.01 -26.82
C ARG A 56 22.44 29.90 -25.54
N GLN A 57 23.47 30.73 -25.42
CA GLN A 57 24.44 30.75 -24.29
C GLN A 57 23.73 30.79 -22.92
N PRO A 58 24.24 30.01 -21.94
CA PRO A 58 23.93 30.23 -20.53
C PRO A 58 24.15 31.65 -19.97
N ASP A 59 23.33 32.06 -19.00
CA ASP A 59 23.41 33.34 -18.25
C ASP A 59 24.45 33.22 -17.12
N HIS A 60 24.86 32.00 -16.76
CA HIS A 60 25.98 31.75 -15.82
C HIS A 60 26.60 30.38 -16.07
N TYR A 61 27.93 30.30 -16.14
CA TYR A 61 28.70 29.05 -15.88
C TYR A 61 29.27 29.17 -14.48
N LEU A 62 29.11 28.13 -13.66
CA LEU A 62 29.40 28.20 -12.20
C LEU A 62 30.86 27.79 -11.97
N GLU A 63 31.45 27.01 -12.88
CA GLU A 63 32.82 26.46 -12.71
C GLU A 63 32.90 25.77 -11.34
N ALA A 64 32.15 24.67 -11.16
CA ALA A 64 32.10 23.87 -9.92
C ALA A 64 33.31 22.94 -9.88
N VAL A 65 33.21 21.72 -10.45
CA VAL A 65 34.33 20.74 -10.54
C VAL A 65 35.20 20.79 -9.28
N GLY A 66 36.45 20.33 -9.37
CA GLY A 66 37.37 20.20 -8.23
C GLY A 66 38.04 18.85 -8.26
N SER A 67 39.09 18.69 -7.46
CA SER A 67 39.76 17.39 -7.21
C SER A 67 38.83 16.58 -6.33
N ASN A 68 38.46 15.37 -6.73
CA ASN A 68 37.72 14.41 -5.87
C ASN A 68 36.22 14.76 -5.90
N LEU A 69 35.38 13.74 -6.07
CA LEU A 69 33.89 13.81 -6.16
C LEU A 69 33.35 14.69 -5.03
N GLY A 70 33.75 14.44 -3.79
CA GLY A 70 33.27 15.12 -2.57
C GLY A 70 33.30 16.64 -2.69
N GLU A 71 34.36 17.21 -3.26
CA GLU A 71 34.51 18.68 -3.49
C GLU A 71 33.44 19.10 -4.47
N THR A 72 33.45 18.51 -5.67
CA THR A 72 32.53 18.85 -6.78
C THR A 72 31.09 18.95 -6.23
N MET A 73 30.63 17.94 -5.48
CA MET A 73 29.25 17.86 -4.93
C MET A 73 29.03 19.00 -3.94
N GLY A 74 29.97 19.17 -3.02
CA GLY A 74 30.10 20.37 -2.17
C GLY A 74 29.88 21.65 -2.96
N ASN A 75 30.75 21.95 -3.94
CA ASN A 75 30.68 23.19 -4.77
C ASN A 75 29.26 23.36 -5.31
N ILE A 76 28.82 22.45 -6.18
CA ILE A 76 27.53 22.57 -6.93
C ILE A 76 26.46 23.08 -5.95
N ILE A 77 26.39 22.50 -4.75
CA ILE A 77 25.42 22.88 -3.68
C ILE A 77 25.62 24.35 -3.35
N ALA A 78 26.85 24.72 -2.97
CA ALA A 78 27.28 26.08 -2.57
C ALA A 78 27.05 27.06 -3.73
N LYS A 79 27.78 26.92 -4.84
CA LYS A 79 27.65 27.83 -6.01
C LYS A 79 26.16 27.97 -6.34
N THR A 80 25.50 26.87 -6.63
CA THR A 80 24.05 26.82 -6.91
C THR A 80 23.33 27.67 -5.87
N TYR A 81 23.70 27.53 -4.59
CA TYR A 81 23.01 28.24 -3.49
C TYR A 81 23.01 29.74 -3.82
N ASP A 82 24.17 30.26 -4.26
CA ASP A 82 24.42 31.72 -4.46
C ASP A 82 23.65 32.26 -5.67
N VAL A 83 23.82 31.64 -6.86
CA VAL A 83 23.10 32.09 -8.09
C VAL A 83 21.58 32.01 -7.86
N LEU A 84 21.14 31.16 -6.92
CA LEU A 84 19.70 31.07 -6.52
C LEU A 84 19.34 32.22 -5.57
N LEU A 85 20.29 32.71 -4.76
CA LEU A 85 20.08 33.94 -3.93
C LEU A 85 20.09 35.17 -4.84
N ARG A 86 21.05 35.22 -5.77
CA ARG A 86 21.43 36.41 -6.54
C ARG A 86 20.34 36.71 -7.58
N GLU A 87 19.60 35.68 -8.05
CA GLU A 87 18.61 35.85 -9.13
C GLU A 87 17.18 35.81 -8.55
N GLN A 88 17.00 35.23 -7.34
CA GLN A 88 15.70 34.77 -6.77
C GLN A 88 14.71 34.49 -7.89
N PRO A 89 14.75 33.28 -8.51
CA PRO A 89 13.78 32.91 -9.52
C PRO A 89 12.53 32.44 -8.77
N ASP A 90 11.39 32.46 -9.46
CA ASP A 90 10.09 32.10 -8.89
C ASP A 90 10.04 30.59 -8.73
N ALA A 91 10.85 29.88 -9.51
CA ALA A 91 10.76 28.41 -9.74
C ALA A 91 12.03 27.88 -10.43
N LEU A 92 12.31 26.58 -10.24
CA LEU A 92 13.55 25.88 -10.69
C LEU A 92 13.14 24.70 -11.56
N LEU A 93 13.76 24.55 -12.73
CA LEU A 93 13.66 23.36 -13.63
C LEU A 93 14.91 22.52 -13.41
N ILE A 94 14.74 21.22 -13.28
CA ILE A 94 15.87 20.27 -13.09
C ILE A 94 15.54 19.01 -13.87
N LEU A 95 16.55 18.40 -14.50
CA LEU A 95 16.36 17.11 -15.22
C LEU A 95 17.33 16.08 -14.64
N GLY A 96 16.80 14.98 -14.09
CA GLY A 96 17.52 13.70 -13.95
C GLY A 96 18.29 13.54 -12.64
N ASP A 97 19.52 13.03 -12.75
CA ASP A 97 20.19 12.16 -11.75
C ASP A 97 21.66 12.57 -11.58
N THR A 98 22.15 13.52 -12.38
CA THR A 98 23.52 14.12 -12.26
C THR A 98 23.63 14.92 -10.97
N ASN A 99 24.86 15.27 -10.55
CA ASN A 99 25.08 16.16 -9.36
C ASN A 99 24.48 17.53 -9.64
N SER A 100 24.43 17.91 -10.91
CA SER A 100 24.05 19.27 -11.36
C SER A 100 22.57 19.52 -11.02
N CYS A 101 21.91 18.56 -10.38
CA CYS A 101 20.55 18.72 -9.81
C CYS A 101 20.56 18.34 -8.33
N LEU A 102 21.73 18.37 -7.68
CA LEU A 102 21.85 18.64 -6.22
C LEU A 102 21.47 20.10 -6.00
N ALA A 103 21.31 20.85 -7.09
CA ALA A 103 20.74 22.20 -7.12
C ALA A 103 19.43 22.23 -6.34
N ALA A 104 18.69 21.13 -6.35
CA ALA A 104 17.34 21.03 -5.73
C ALA A 104 17.44 21.29 -4.22
N VAL A 105 18.51 20.81 -3.58
CA VAL A 105 18.70 20.92 -2.11
C VAL A 105 18.75 22.39 -1.72
N SER A 106 19.62 23.17 -2.36
CA SER A 106 19.77 24.63 -2.14
C SER A 106 18.42 25.32 -2.39
N ALA A 107 17.82 25.09 -3.55
CA ALA A 107 16.46 25.58 -3.93
C ALA A 107 15.49 25.41 -2.74
N LYS A 108 15.43 24.20 -2.21
CA LYS A 108 14.45 23.78 -1.19
C LYS A 108 14.69 24.63 0.06
N ARG A 109 15.96 24.91 0.38
CA ARG A 109 16.36 25.68 1.60
C ARG A 109 15.84 27.10 1.46
N LEU A 110 15.91 27.66 0.24
CA LEU A 110 15.46 29.01 -0.13
C LEU A 110 13.99 29.00 -0.54
N LYS A 111 13.22 28.00 -0.10
CA LYS A 111 11.75 27.91 -0.33
C LYS A 111 11.40 28.39 -1.76
N ILE A 112 12.22 27.99 -2.76
CA ILE A 112 11.98 28.17 -4.23
C ILE A 112 11.42 26.87 -4.80
N PRO A 113 10.16 26.84 -5.26
CA PRO A 113 9.56 25.63 -5.84
C PRO A 113 10.38 24.90 -6.92
N VAL A 114 10.50 23.56 -6.81
CA VAL A 114 11.34 22.68 -7.69
C VAL A 114 10.47 21.76 -8.55
N PHE A 115 10.69 21.83 -9.87
CA PHE A 115 10.13 20.94 -10.91
C PHE A 115 11.25 20.04 -11.44
N HIS A 116 11.06 18.73 -11.31
CA HIS A 116 12.02 17.67 -11.70
C HIS A 116 11.40 16.86 -12.81
N MET A 117 11.92 16.98 -14.03
CA MET A 117 11.67 16.06 -15.18
C MET A 117 12.61 14.84 -15.04
N GLU A 118 12.30 13.72 -15.69
CA GLU A 118 12.98 12.39 -15.56
C GLU A 118 12.92 11.96 -14.08
N ALA A 119 11.81 12.30 -13.41
CA ALA A 119 11.40 11.77 -12.08
C ALA A 119 11.21 10.26 -12.14
N GLY A 120 11.16 9.63 -10.96
CA GLY A 120 10.71 8.25 -10.71
C GLY A 120 11.50 7.21 -11.51
N ASN A 121 12.78 7.48 -11.77
CA ASN A 121 13.66 6.63 -12.62
C ASN A 121 14.24 5.51 -11.77
N ARG A 122 13.94 4.25 -12.06
CA ARG A 122 14.34 3.11 -11.19
C ARG A 122 14.84 1.95 -12.04
N CYS A 123 16.06 1.48 -11.76
CA CYS A 123 16.67 0.26 -12.34
C CYS A 123 16.67 -0.84 -11.30
N PHE A 124 16.52 -0.47 -10.02
CA PHE A 124 16.38 -1.40 -8.86
C PHE A 124 17.67 -2.22 -8.68
N ASP A 125 18.81 -1.61 -8.99
CA ASP A 125 20.15 -2.15 -8.63
C ASP A 125 20.90 -1.01 -7.93
N GLN A 126 21.21 -1.19 -6.64
CA GLN A 126 21.92 -0.18 -5.82
C GLN A 126 23.31 0.08 -6.40
N ASN A 127 23.88 -0.90 -7.09
CA ASN A 127 25.29 -0.87 -7.53
C ASN A 127 25.44 0.15 -8.67
N VAL A 128 24.34 0.63 -9.22
CA VAL A 128 24.32 1.73 -10.24
C VAL A 128 24.53 3.03 -9.49
N PRO A 129 25.57 3.82 -9.83
CA PRO A 129 25.84 5.09 -9.15
C PRO A 129 24.66 6.07 -9.21
N GLU A 130 23.99 6.13 -10.35
CA GLU A 130 22.89 7.09 -10.64
C GLU A 130 21.86 7.02 -9.51
N GLU A 131 21.67 5.84 -8.90
CA GLU A 131 20.48 5.55 -8.05
C GLU A 131 20.57 6.27 -6.70
N ILE A 132 21.72 6.82 -6.33
CA ILE A 132 21.88 7.55 -5.03
C ILE A 132 21.14 8.89 -5.13
N ASN A 133 21.34 9.63 -6.22
CA ASN A 133 20.72 10.98 -6.42
C ASN A 133 19.23 10.80 -6.73
N ARG A 134 18.92 10.33 -7.94
CA ARG A 134 17.68 9.62 -8.27
C ARG A 134 16.74 9.54 -7.06
N LYS A 135 17.23 8.99 -5.93
CA LYS A 135 16.44 8.83 -4.66
C LYS A 135 16.26 10.19 -3.97
N ILE A 136 17.32 10.74 -3.35
CA ILE A 136 17.38 12.13 -2.80
C ILE A 136 16.40 13.04 -3.54
N VAL A 137 16.69 13.33 -4.82
CA VAL A 137 16.15 14.50 -5.58
C VAL A 137 14.71 14.23 -6.01
N ASP A 138 14.32 13.00 -6.32
CA ASP A 138 12.89 12.70 -6.50
C ASP A 138 12.13 13.28 -5.29
N HIS A 139 12.75 13.23 -4.09
CA HIS A 139 12.10 13.34 -2.74
C HIS A 139 12.50 14.62 -2.01
N VAL A 140 12.20 15.78 -2.60
CA VAL A 140 12.87 17.09 -2.29
C VAL A 140 12.50 18.06 -3.43
N SER A 141 12.29 17.56 -4.64
CA SER A 141 11.55 18.23 -5.73
C SER A 141 10.07 18.33 -5.36
N ASP A 142 9.45 19.50 -5.49
CA ASP A 142 8.07 19.76 -4.99
C ASP A 142 7.06 19.18 -5.99
N VAL A 143 7.28 19.41 -7.30
CA VAL A 143 6.52 18.81 -8.44
C VAL A 143 7.43 17.84 -9.21
N ASN A 144 7.03 16.57 -9.26
CA ASN A 144 7.78 15.51 -9.97
C ASN A 144 7.05 15.27 -11.30
N LEU A 145 7.81 15.30 -12.39
CA LEU A 145 7.35 15.10 -13.78
C LEU A 145 8.05 13.88 -14.37
N PRO A 146 7.61 12.66 -14.02
CA PRO A 146 8.15 11.44 -14.63
C PRO A 146 7.70 11.20 -16.08
N TYR A 147 8.59 10.57 -16.83
CA TYR A 147 8.43 10.29 -18.28
C TYR A 147 7.27 9.31 -18.48
N THR A 148 7.34 8.14 -17.85
CA THR A 148 6.39 6.99 -17.99
C THR A 148 5.32 7.05 -16.89
N GLU A 149 4.38 6.12 -16.90
CA GLU A 149 3.47 5.84 -15.76
C GLU A 149 4.10 4.84 -14.79
N HIS A 150 5.01 4.00 -15.28
CA HIS A 150 5.90 3.13 -14.46
C HIS A 150 6.54 3.97 -13.36
N SER A 151 7.14 5.08 -13.77
CA SER A 151 7.80 6.04 -12.88
C SER A 151 6.75 6.70 -11.98
N ARG A 152 5.57 7.05 -12.49
CA ARG A 152 4.48 7.62 -11.65
C ARG A 152 4.10 6.60 -10.57
N ARG A 153 3.92 5.34 -10.96
CA ARG A 153 3.67 4.23 -10.01
C ARG A 153 4.80 4.21 -8.96
N TYR A 154 6.05 4.04 -9.39
CA TYR A 154 7.24 3.94 -8.52
C TYR A 154 7.12 5.03 -7.46
N LEU A 155 6.87 6.27 -7.90
CA LEU A 155 6.82 7.52 -7.08
C LEU A 155 5.72 7.44 -6.04
N LEU A 156 4.48 7.14 -6.46
CA LEU A 156 3.32 6.96 -5.55
C LEU A 156 3.64 5.89 -4.49
N ASP A 157 4.36 4.85 -4.90
CA ASP A 157 4.67 3.67 -4.04
C ASP A 157 5.62 4.06 -2.92
N GLU A 158 6.50 5.03 -3.17
CA GLU A 158 7.36 5.65 -2.13
C GLU A 158 6.63 6.83 -1.49
N GLY A 159 5.31 6.89 -1.65
CA GLY A 159 4.41 7.79 -0.91
C GLY A 159 4.75 9.26 -1.11
N PHE A 160 5.01 9.66 -2.36
CA PHE A 160 5.23 11.08 -2.77
C PHE A 160 3.88 11.68 -3.19
N ASN A 161 3.68 12.96 -2.89
CA ASN A 161 2.34 13.59 -2.91
C ASN A 161 1.72 13.36 -4.29
N LYS A 162 0.72 12.49 -4.37
CA LYS A 162 0.03 12.12 -5.63
C LYS A 162 -0.59 13.34 -6.30
N ALA A 163 -0.79 14.43 -5.57
CA ALA A 163 -1.32 15.71 -6.10
C ALA A 163 -0.28 16.33 -7.06
N ASN A 164 1.02 16.18 -6.76
CA ASN A 164 2.10 16.98 -7.39
C ASN A 164 2.92 16.10 -8.33
N ILE A 165 2.25 15.15 -8.97
CA ILE A 165 2.82 14.28 -10.02
C ILE A 165 2.07 14.54 -11.32
N PHE A 166 2.81 14.76 -12.39
CA PHE A 166 2.30 14.83 -13.79
C PHE A 166 3.25 14.01 -14.66
N VAL A 167 2.68 13.28 -15.63
CA VAL A 167 3.43 12.44 -16.58
C VAL A 167 3.54 13.22 -17.90
N THR A 168 4.74 13.74 -18.15
CA THR A 168 5.12 14.52 -19.35
C THR A 168 5.07 13.63 -20.60
N GLY A 169 5.47 12.38 -20.46
CA GLY A 169 5.96 11.56 -21.58
C GLY A 169 7.41 11.91 -21.81
N SER A 170 8.14 11.09 -22.56
CA SER A 170 9.55 11.34 -22.91
C SER A 170 9.68 12.61 -23.73
N PRO A 171 10.73 13.43 -23.48
CA PRO A 171 10.99 14.65 -24.23
C PRO A 171 11.67 14.35 -25.58
N MET A 172 12.17 13.13 -25.72
CA MET A 172 13.13 12.70 -26.76
C MET A 172 12.43 12.47 -28.10
N THR A 173 11.10 12.36 -28.14
CA THR A 173 10.36 12.28 -29.44
C THR A 173 10.43 13.66 -30.09
N GLU A 174 9.91 14.66 -29.38
CA GLU A 174 9.95 16.10 -29.74
C GLU A 174 11.36 16.52 -30.14
N VAL A 175 12.37 16.19 -29.33
CA VAL A 175 13.77 16.63 -29.55
C VAL A 175 14.28 16.04 -30.86
N ILE A 176 14.00 14.76 -31.13
CA ILE A 176 14.43 14.04 -32.37
C ILE A 176 13.67 14.62 -33.56
N GLU A 177 12.37 14.87 -33.41
CA GLU A 177 11.46 15.46 -34.44
C GLU A 177 12.02 16.79 -34.93
N ALA A 178 12.26 17.72 -34.00
CA ALA A 178 12.74 19.10 -34.27
C ALA A 178 13.91 19.06 -35.24
N HIS A 179 14.79 18.07 -35.09
CA HIS A 179 16.11 17.98 -35.77
C HIS A 179 16.11 16.80 -36.76
N ARG A 180 14.94 16.27 -37.12
CA ARG A 180 14.80 15.03 -37.95
C ARG A 180 15.47 15.29 -39.30
N ASP A 181 15.22 16.46 -39.88
CA ASP A 181 15.86 16.97 -41.12
C ASP A 181 17.35 16.66 -41.04
N LYS A 182 18.02 17.28 -40.07
CA LYS A 182 19.50 17.24 -39.92
C LYS A 182 19.97 15.80 -39.74
N ILE A 183 19.17 14.91 -39.11
CA ILE A 183 19.57 13.51 -38.82
C ILE A 183 19.63 12.72 -40.14
N ASN A 184 18.65 12.90 -41.03
CA ASN A 184 18.49 12.16 -42.32
C ASN A 184 19.45 12.72 -43.36
N HIS A 185 19.88 13.98 -43.17
CA HIS A 185 20.78 14.73 -44.08
C HIS A 185 22.23 14.64 -43.58
N SER A 186 22.43 14.10 -42.39
CA SER A 186 23.78 13.82 -41.86
C SER A 186 24.56 13.05 -42.93
N ASP A 187 25.69 13.58 -43.40
CA ASP A 187 26.55 12.89 -44.41
C ASP A 187 27.59 12.03 -43.67
N VAL A 188 27.41 11.84 -42.36
CA VAL A 188 28.39 11.18 -41.44
C VAL A 188 28.78 9.81 -42.00
N LEU A 189 27.83 9.08 -42.58
CA LEU A 189 28.12 7.79 -43.24
C LEU A 189 29.17 8.02 -44.34
N ASN A 190 28.97 9.04 -45.17
CA ASN A 190 29.75 9.32 -46.41
C ASN A 190 31.15 9.80 -46.04
N LYS A 191 31.34 10.25 -44.79
CA LYS A 191 32.59 10.87 -44.27
C LYS A 191 33.38 9.86 -43.42
N LEU A 192 32.84 8.64 -43.25
CA LEU A 192 33.55 7.49 -42.63
C LEU A 192 33.66 6.37 -43.66
N GLY A 193 33.14 6.61 -44.88
CA GLY A 193 33.01 5.62 -45.96
C GLY A 193 32.33 4.35 -45.49
N LEU A 194 31.15 4.49 -44.87
CA LEU A 194 30.35 3.38 -44.29
C LEU A 194 29.06 3.23 -45.09
N GLU A 195 28.66 1.98 -45.34
CA GLU A 195 27.47 1.59 -46.14
C GLU A 195 26.37 1.11 -45.19
N PRO A 196 25.20 1.78 -45.14
CA PRO A 196 24.08 1.38 -44.27
C PRO A 196 23.83 -0.13 -44.14
N GLN A 197 23.67 -0.60 -42.90
CA GLN A 197 23.43 -2.01 -42.51
C GLN A 197 24.71 -2.83 -42.75
N GLN A 198 25.86 -2.17 -42.93
CA GLN A 198 27.17 -2.86 -43.03
C GLN A 198 28.20 -2.09 -42.16
N TYR A 199 27.85 -1.93 -40.89
CA TYR A 199 28.76 -1.56 -39.76
C TYR A 199 27.97 -1.69 -38.45
N ILE A 200 28.61 -2.26 -37.44
CA ILE A 200 28.03 -2.44 -36.08
C ILE A 200 28.62 -1.36 -35.19
N LEU A 201 27.77 -0.57 -34.52
CA LEU A 201 28.15 0.56 -33.63
C LEU A 201 28.05 0.08 -32.19
N VAL A 202 29.05 0.41 -31.37
CA VAL A 202 29.12 0.06 -29.92
C VAL A 202 29.36 1.34 -29.10
N SER A 203 28.69 1.45 -27.94
CA SER A 203 28.90 2.52 -26.93
C SER A 203 28.98 1.90 -25.53
N ALA A 204 30.18 1.49 -25.10
CA ALA A 204 30.48 1.17 -23.69
C ALA A 204 31.12 2.41 -23.05
N HIS A 205 30.32 3.26 -22.43
CA HIS A 205 30.78 4.50 -21.78
C HIS A 205 30.76 4.33 -20.26
N ARG A 206 30.00 3.36 -19.74
CA ARG A 206 29.56 3.31 -18.31
C ARG A 206 30.65 2.73 -17.41
N GLU A 207 30.69 3.17 -16.15
CA GLU A 207 31.79 2.92 -15.19
C GLU A 207 31.90 1.43 -14.92
N GLU A 208 30.75 0.77 -14.69
CA GLU A 208 30.65 -0.65 -14.25
C GLU A 208 30.86 -1.59 -15.44
N ASN A 209 31.22 -1.05 -16.61
CA ASN A 209 31.48 -1.80 -17.87
C ASN A 209 32.95 -1.62 -18.32
N ILE A 210 33.79 -0.99 -17.49
CA ILE A 210 35.20 -0.66 -17.88
C ILE A 210 36.15 -0.88 -16.70
N ASP A 211 35.87 -0.23 -15.57
CA ASP A 211 36.75 -0.18 -14.36
C ASP A 211 36.55 -1.43 -13.50
N ASN A 212 35.41 -2.12 -13.64
CA ASN A 212 35.21 -3.49 -13.11
C ASN A 212 35.82 -4.45 -14.15
N GLU A 213 36.42 -5.53 -13.66
CA GLU A 213 37.58 -6.19 -14.31
C GLU A 213 37.02 -7.29 -15.24
N LYS A 214 36.35 -8.30 -14.66
CA LYS A 214 35.76 -9.45 -15.40
C LYS A 214 34.84 -8.89 -16.51
N ASN A 215 34.05 -7.86 -16.20
CA ASN A 215 33.04 -7.26 -17.13
C ASN A 215 33.77 -6.79 -18.41
N PHE A 216 34.66 -5.81 -18.28
CA PHE A 216 35.43 -5.24 -19.41
C PHE A 216 35.95 -6.37 -20.29
N LYS A 217 36.41 -7.47 -19.67
CA LYS A 217 36.97 -8.65 -20.38
C LYS A 217 35.87 -9.27 -21.27
N SER A 218 34.68 -9.49 -20.69
CA SER A 218 33.52 -10.11 -21.38
C SER A 218 33.16 -9.26 -22.61
N LEU A 219 32.75 -8.02 -22.40
CA LEU A 219 32.57 -6.99 -23.46
C LEU A 219 33.55 -7.26 -24.61
N MET A 220 34.84 -7.06 -24.34
CA MET A 220 35.92 -6.88 -25.34
C MET A 220 36.02 -8.14 -26.21
N ASN A 221 36.09 -9.31 -25.56
CA ASN A 221 36.14 -10.64 -26.22
C ASN A 221 34.99 -10.74 -27.23
N ALA A 222 33.81 -10.24 -26.87
CA ALA A 222 32.57 -10.31 -27.68
C ALA A 222 32.65 -9.32 -28.84
N ILE A 223 33.06 -8.08 -28.54
CA ILE A 223 33.26 -6.99 -29.53
C ILE A 223 34.09 -7.53 -30.71
N ASN A 224 35.13 -8.33 -30.42
CA ASN A 224 35.89 -9.10 -31.46
C ASN A 224 34.93 -10.04 -32.20
N ASP A 225 34.39 -11.04 -31.50
CA ASP A 225 33.66 -12.20 -32.09
C ASP A 225 32.51 -11.67 -32.94
N ILE A 226 31.97 -10.49 -32.56
CA ILE A 226 30.88 -9.74 -33.27
C ILE A 226 31.45 -9.20 -34.59
N ALA A 227 32.66 -8.66 -34.58
CA ALA A 227 33.40 -8.22 -35.79
C ALA A 227 33.49 -9.41 -36.75
N LYS A 228 34.10 -10.50 -36.27
CA LYS A 228 34.38 -11.74 -37.02
C LYS A 228 33.06 -12.36 -37.52
N LYS A 229 32.09 -12.57 -36.62
CA LYS A 229 30.86 -13.38 -36.90
C LYS A 229 30.05 -12.77 -38.05
N TYR A 230 30.19 -11.48 -38.34
CA TYR A 230 29.40 -10.77 -39.39
C TYR A 230 30.32 -10.18 -40.46
N LYS A 231 31.53 -9.75 -40.06
CA LYS A 231 32.63 -9.26 -40.95
C LYS A 231 32.27 -7.89 -41.52
N MET A 232 31.61 -7.02 -40.73
CA MET A 232 31.46 -5.57 -41.03
C MET A 232 32.22 -4.78 -39.99
N PRO A 233 32.70 -3.57 -40.35
CA PRO A 233 33.47 -2.76 -39.41
C PRO A 233 32.69 -2.49 -38.12
N VAL A 234 33.33 -2.70 -36.97
CA VAL A 234 32.77 -2.38 -35.63
C VAL A 234 33.27 -0.98 -35.22
N ILE A 235 32.32 -0.05 -35.05
CA ILE A 235 32.52 1.42 -34.82
C ILE A 235 32.45 1.67 -33.30
N TYR A 236 33.55 1.42 -32.58
CA TYR A 236 33.57 1.29 -31.10
C TYR A 236 33.86 2.66 -30.45
N SER A 237 32.88 3.17 -29.70
CA SER A 237 32.81 4.52 -29.10
C SER A 237 32.81 4.38 -27.57
N THR A 238 33.93 4.68 -26.92
CA THR A 238 34.14 4.49 -25.45
C THR A 238 34.74 5.79 -24.88
N HIS A 239 35.49 5.69 -23.76
CA HIS A 239 36.34 6.78 -23.20
C HIS A 239 37.79 6.52 -23.61
N PRO A 240 38.65 7.55 -23.71
CA PRO A 240 40.00 7.36 -24.22
C PRO A 240 40.77 6.34 -23.37
N ARG A 241 40.80 6.55 -22.04
CA ARG A 241 41.45 5.62 -21.07
C ARG A 241 41.10 4.17 -21.46
N SER A 242 39.83 3.91 -21.80
CA SER A 242 39.29 2.58 -22.20
C SER A 242 40.07 2.04 -23.39
N TRP A 243 40.54 2.92 -24.28
CA TRP A 243 41.32 2.51 -25.46
C TRP A 243 42.78 2.31 -25.07
N LYS A 244 43.36 3.26 -24.33
CA LYS A 244 44.77 3.20 -23.83
C LYS A 244 44.93 1.96 -22.95
N LYS A 245 43.90 1.63 -22.17
CA LYS A 245 43.88 0.49 -21.22
C LYS A 245 43.80 -0.85 -21.98
N ILE A 246 43.42 -0.84 -23.27
CA ILE A 246 43.10 -2.09 -24.04
C ILE A 246 44.38 -2.65 -24.67
N GLU A 247 45.54 -2.05 -24.41
CA GLU A 247 46.83 -2.67 -24.79
C GLU A 247 47.00 -3.92 -23.93
N GLU A 248 47.69 -3.82 -22.80
CA GLU A 248 48.08 -4.99 -21.97
C GLU A 248 48.05 -6.24 -22.86
N SER A 249 48.72 -6.17 -24.02
CA SER A 249 49.00 -7.30 -24.97
C SER A 249 47.75 -8.16 -25.21
N LYS A 250 46.56 -7.57 -25.23
CA LYS A 250 45.33 -8.21 -25.78
C LYS A 250 45.27 -7.91 -27.28
N PHE A 251 45.49 -6.65 -27.67
CA PHE A 251 45.56 -6.16 -29.08
C PHE A 251 44.41 -6.78 -29.89
N GLU A 252 44.68 -7.90 -30.58
CA GLU A 252 43.75 -8.63 -31.50
C GLU A 252 42.81 -7.62 -32.19
N PHE A 253 41.66 -7.33 -31.58
CA PHE A 253 40.70 -6.34 -32.10
C PHE A 253 40.64 -6.37 -33.64
N ASP A 254 40.74 -7.56 -34.24
CA ASP A 254 40.65 -7.75 -35.71
C ASP A 254 41.29 -6.52 -36.38
N PRO A 255 41.26 -6.37 -37.74
CA PRO A 255 41.41 -5.04 -38.34
C PRO A 255 40.18 -4.20 -38.00
N LEU A 256 39.01 -4.84 -37.94
CA LEU A 256 37.70 -4.19 -38.20
C LEU A 256 37.31 -3.23 -37.07
N VAL A 257 37.63 -3.56 -35.82
CA VAL A 257 37.25 -2.72 -34.64
C VAL A 257 37.99 -1.39 -34.76
N LYS A 258 37.26 -0.31 -35.06
CA LYS A 258 37.79 1.06 -35.21
C LYS A 258 37.55 1.84 -33.91
N GLN A 259 38.44 2.79 -33.56
CA GLN A 259 38.22 3.80 -32.48
C GLN A 259 37.51 4.99 -33.11
N LEU A 260 36.50 5.53 -32.43
CA LEU A 260 35.49 6.41 -33.05
C LEU A 260 35.39 7.75 -32.30
N LYS A 261 35.61 8.85 -33.02
CA LYS A 261 35.53 10.23 -32.49
C LYS A 261 34.15 10.40 -31.85
N PRO A 262 34.05 11.06 -30.67
CA PRO A 262 32.74 11.39 -30.09
C PRO A 262 31.99 12.42 -30.97
N PHE A 263 30.79 12.05 -31.42
CA PHE A 263 30.01 12.79 -32.45
C PHE A 263 28.89 13.60 -31.81
N GLY A 264 28.39 14.58 -32.57
CA GLY A 264 27.24 15.40 -32.17
C GLY A 264 25.97 14.58 -32.18
N PHE A 265 24.84 15.22 -31.88
CA PHE A 265 23.50 14.61 -31.80
C PHE A 265 23.14 14.01 -33.17
N PHE A 266 22.95 14.85 -34.20
CA PHE A 266 22.51 14.41 -35.55
C PHE A 266 23.40 13.23 -35.93
N ASP A 267 24.71 13.47 -35.93
CA ASP A 267 25.71 12.56 -36.52
C ASP A 267 25.56 11.20 -35.85
N TYR A 268 25.54 11.15 -34.51
CA TYR A 268 25.53 9.89 -33.72
C TYR A 268 24.19 9.19 -33.92
N ASN A 269 23.10 9.94 -34.09
CA ASN A 269 21.77 9.34 -34.36
C ASN A 269 21.77 8.74 -35.77
N ALA A 270 22.03 9.56 -36.78
CA ALA A 270 22.13 9.14 -38.20
C ALA A 270 22.91 7.82 -38.28
N LEU A 271 24.04 7.76 -37.56
CA LEU A 271 24.90 6.57 -37.38
C LEU A 271 24.05 5.41 -36.83
N GLN A 272 23.48 5.58 -35.63
CA GLN A 272 22.56 4.62 -34.96
C GLN A 272 21.48 4.14 -35.94
N LYS A 273 20.74 5.07 -36.55
CA LYS A 273 19.52 4.79 -37.38
C LYS A 273 19.84 3.75 -38.44
N ASP A 274 21.02 3.85 -39.06
CA ASP A 274 21.38 3.11 -40.29
C ASP A 274 22.46 2.09 -39.96
N ALA A 275 22.66 1.80 -38.68
CA ALA A 275 23.56 0.73 -38.22
C ALA A 275 22.87 -0.61 -38.45
N PHE A 276 23.66 -1.68 -38.43
CA PHE A 276 23.21 -3.09 -38.52
C PHE A 276 22.62 -3.52 -37.18
N VAL A 277 23.32 -3.16 -36.11
CA VAL A 277 22.96 -3.40 -34.68
C VAL A 277 23.64 -2.30 -33.84
N VAL A 278 23.00 -1.85 -32.77
CA VAL A 278 23.64 -0.93 -31.80
C VAL A 278 23.73 -1.65 -30.45
N LEU A 279 24.93 -1.82 -29.90
CA LEU A 279 25.15 -2.15 -28.46
C LEU A 279 25.55 -0.88 -27.70
N SER A 280 24.66 -0.33 -26.87
CA SER A 280 24.88 0.94 -26.13
C SER A 280 24.46 0.74 -24.66
N ASP A 281 25.22 1.29 -23.71
CA ASP A 281 24.77 1.41 -22.29
C ASP A 281 24.23 2.82 -22.09
N SER A 282 24.19 3.61 -23.17
CA SER A 282 23.53 4.93 -23.28
C SER A 282 22.15 4.92 -22.58
N GLY A 283 21.80 6.02 -21.91
CA GLY A 283 20.46 6.24 -21.31
C GLY A 283 19.40 6.35 -22.38
N THR A 284 19.77 6.92 -23.53
CA THR A 284 18.85 7.31 -24.63
C THR A 284 18.52 6.11 -25.54
N LEU A 285 19.19 4.96 -25.38
CA LEU A 285 19.01 3.78 -26.29
C LEU A 285 17.55 3.31 -26.28
N SER A 286 17.09 2.75 -25.16
CA SER A 286 15.70 2.26 -25.01
C SER A 286 14.75 3.16 -25.80
N GLU A 287 14.99 4.49 -25.81
CA GLU A 287 14.11 5.52 -26.45
C GLU A 287 14.53 5.76 -27.91
N GLU A 288 15.82 6.01 -28.15
CA GLU A 288 16.38 6.24 -29.51
C GLU A 288 15.90 5.09 -30.41
N SER A 289 16.00 3.85 -29.92
CA SER A 289 15.65 2.64 -30.69
C SER A 289 14.15 2.62 -30.98
N SER A 290 13.32 3.07 -30.04
CA SER A 290 11.83 3.01 -30.11
C SER A 290 11.30 4.02 -31.12
N ILE A 291 11.97 5.18 -31.22
CA ILE A 291 11.55 6.36 -32.05
C ILE A 291 12.14 6.19 -33.45
N LEU A 292 13.47 6.14 -33.54
CA LEU A 292 14.22 6.03 -34.81
C LEU A 292 14.15 4.61 -35.35
N LYS A 293 13.52 3.69 -34.62
CA LYS A 293 13.15 2.36 -35.18
C LYS A 293 14.43 1.62 -35.62
N PHE A 294 15.22 1.05 -34.71
CA PHE A 294 16.46 0.30 -35.05
C PHE A 294 16.78 -0.74 -33.97
N PRO A 295 17.48 -1.83 -34.35
CA PRO A 295 17.85 -2.88 -33.40
C PRO A 295 18.94 -2.47 -32.42
N GLY A 296 18.57 -2.40 -31.15
CA GLY A 296 19.48 -2.12 -30.03
C GLY A 296 19.53 -3.28 -29.05
N VAL A 297 20.70 -3.86 -28.84
CA VAL A 297 20.97 -4.67 -27.63
C VAL A 297 21.43 -3.70 -26.56
N LEU A 298 20.82 -3.73 -25.39
CA LEU A 298 21.06 -2.73 -24.33
C LEU A 298 21.98 -3.36 -23.29
N ILE A 299 23.19 -2.85 -23.15
CA ILE A 299 24.31 -3.62 -22.57
C ILE A 299 24.42 -3.23 -21.09
N ARG A 300 23.35 -3.52 -20.35
CA ARG A 300 23.25 -3.34 -18.89
C ARG A 300 22.63 -4.59 -18.27
N THR A 301 22.60 -4.64 -16.94
CA THR A 301 22.18 -5.80 -16.11
C THR A 301 20.82 -5.47 -15.48
N SER A 302 20.24 -4.35 -15.92
CA SER A 302 19.12 -3.60 -15.32
C SER A 302 18.77 -2.50 -16.32
N THR A 303 17.50 -2.11 -16.40
CA THR A 303 17.02 -0.98 -17.25
C THR A 303 16.11 -0.13 -16.40
N GLU A 304 16.06 1.18 -16.65
CA GLU A 304 15.08 2.08 -15.99
C GLU A 304 13.91 2.37 -16.94
N ARG A 305 13.89 1.69 -18.10
CA ARG A 305 12.96 1.92 -19.25
C ARG A 305 12.22 0.63 -19.60
N PRO A 306 11.34 0.09 -18.73
CA PRO A 306 10.63 -1.16 -18.98
C PRO A 306 9.49 -1.01 -19.98
N GLU A 307 8.88 0.19 -20.02
CA GLU A 307 7.77 0.54 -20.95
C GLU A 307 8.05 -0.03 -22.33
N VAL A 308 9.33 -0.27 -22.63
CA VAL A 308 9.82 -0.62 -23.98
C VAL A 308 9.83 -2.16 -24.15
N LEU A 309 10.19 -2.91 -23.10
CA LEU A 309 10.04 -4.39 -23.01
C LEU A 309 8.56 -4.80 -23.13
N ASP A 310 7.68 -3.96 -22.55
CA ASP A 310 6.19 -4.08 -22.62
C ASP A 310 5.72 -4.03 -24.08
N LYS A 311 6.57 -3.62 -25.03
CA LYS A 311 6.17 -3.45 -26.47
C LYS A 311 7.12 -4.20 -27.43
N GLY A 312 8.18 -4.82 -26.93
CA GLY A 312 9.18 -5.55 -27.74
C GLY A 312 9.99 -4.63 -28.64
N THR A 313 10.62 -3.62 -28.07
CA THR A 313 11.40 -2.57 -28.78
C THR A 313 12.90 -2.78 -28.49
N VAL A 314 13.27 -3.53 -27.44
CA VAL A 314 14.69 -3.67 -27.00
C VAL A 314 14.93 -5.07 -26.42
N ILE A 315 16.21 -5.46 -26.36
CA ILE A 315 16.73 -6.75 -25.83
C ILE A 315 17.90 -6.42 -24.91
N VAL A 316 18.02 -7.11 -23.78
CA VAL A 316 18.98 -6.71 -22.72
C VAL A 316 20.16 -7.69 -22.67
N GLY A 317 21.21 -7.35 -23.43
CA GLY A 317 22.52 -8.01 -23.49
C GLY A 317 23.01 -8.44 -22.13
N GLY A 318 23.40 -7.49 -21.29
CA GLY A 318 24.14 -7.77 -20.04
C GLY A 318 25.62 -7.77 -20.34
N ILE A 319 26.45 -8.42 -19.52
CA ILE A 319 27.91 -8.46 -19.79
C ILE A 319 28.35 -9.87 -20.17
N THR A 320 28.03 -10.91 -19.39
CA THR A 320 28.48 -12.30 -19.72
C THR A 320 28.38 -12.50 -21.23
N TYR A 321 29.40 -13.14 -21.80
CA TYR A 321 29.70 -13.16 -23.25
C TYR A 321 28.48 -13.74 -24.00
N ASN A 322 27.91 -14.86 -23.54
CA ASN A 322 26.90 -15.65 -24.29
C ASN A 322 25.72 -14.75 -24.62
N ASN A 323 25.15 -14.09 -23.61
CA ASN A 323 23.85 -13.41 -23.76
C ASN A 323 24.03 -12.18 -24.67
N LEU A 324 25.23 -11.58 -24.72
CA LEU A 324 25.53 -10.49 -25.68
C LEU A 324 25.42 -11.03 -27.09
N ILE A 325 26.19 -12.09 -27.39
CA ILE A 325 26.11 -12.86 -28.68
C ILE A 325 24.65 -13.21 -28.99
N GLN A 326 24.03 -14.07 -28.17
CA GLN A 326 22.62 -14.51 -28.33
C GLN A 326 21.77 -13.29 -28.68
N SER A 327 21.92 -12.23 -27.90
CA SER A 327 21.12 -10.99 -28.03
C SER A 327 21.27 -10.41 -29.44
N VAL A 328 22.50 -10.31 -29.94
CA VAL A 328 22.79 -9.63 -31.23
C VAL A 328 22.26 -10.50 -32.37
N GLU A 329 22.42 -11.83 -32.25
CA GLU A 329 21.85 -12.81 -33.21
C GLU A 329 20.32 -12.75 -33.15
N LEU A 330 19.73 -12.68 -31.95
CA LEU A 330 18.27 -12.46 -31.80
C LEU A 330 17.88 -11.16 -32.51
N ALA A 331 18.56 -10.07 -32.14
CA ALA A 331 18.33 -8.68 -32.58
C ALA A 331 18.20 -8.60 -34.11
N ARG A 332 19.08 -9.30 -34.82
CA ARG A 332 19.18 -9.18 -36.29
C ARG A 332 18.16 -10.11 -36.95
N GLU A 333 18.21 -11.41 -36.61
CA GLU A 333 17.23 -12.43 -37.04
C GLU A 333 15.84 -11.79 -37.06
N MET A 334 15.47 -11.16 -35.94
CA MET A 334 14.17 -10.49 -35.71
C MET A 334 13.92 -9.46 -36.81
N GLN A 335 14.87 -8.53 -36.98
CA GLN A 335 14.77 -7.36 -37.88
C GLN A 335 14.85 -7.86 -39.34
N ASN A 336 15.48 -9.02 -39.55
CA ASN A 336 15.59 -9.70 -40.86
C ASN A 336 14.27 -10.38 -41.25
N ASN A 337 13.27 -10.42 -40.35
CA ASN A 337 11.90 -10.89 -40.65
C ASN A 337 10.90 -9.74 -40.53
N ASN A 338 11.37 -8.49 -40.70
CA ASN A 338 10.51 -7.27 -40.72
C ASN A 338 9.44 -7.41 -39.61
N GLU A 339 9.85 -7.85 -38.43
CA GLU A 339 8.98 -8.17 -37.25
C GLU A 339 8.59 -6.86 -36.55
N PRO A 340 7.32 -6.63 -36.16
CA PRO A 340 6.87 -5.30 -35.76
C PRO A 340 7.68 -4.69 -34.60
N MET A 341 7.83 -3.36 -34.61
CA MET A 341 8.49 -2.55 -33.56
C MET A 341 7.63 -1.31 -33.31
N ILE A 342 6.97 -1.28 -32.16
CA ILE A 342 5.79 -0.41 -31.87
C ILE A 342 6.21 0.75 -30.97
N ASP A 343 5.65 1.94 -31.20
CA ASP A 343 5.80 3.07 -30.25
C ASP A 343 5.32 2.60 -28.87
N ALA A 344 6.13 2.81 -27.84
CA ALA A 344 5.71 2.75 -26.43
C ALA A 344 4.71 3.86 -26.14
N ILE A 345 3.79 3.63 -25.21
CA ILE A 345 2.57 4.46 -24.97
C ILE A 345 2.98 5.88 -24.62
N ASP A 346 4.01 6.01 -23.78
CA ASP A 346 4.35 7.27 -23.06
C ASP A 346 5.31 8.10 -23.92
N TYR A 347 5.80 7.55 -25.03
CA TYR A 347 6.71 8.25 -25.97
C TYR A 347 5.94 8.92 -27.12
N LYS A 348 4.64 8.68 -27.28
CA LYS A 348 3.87 9.19 -28.47
C LYS A 348 3.90 10.72 -28.49
N ASP A 349 3.58 11.38 -27.36
CA ASP A 349 3.41 12.86 -27.30
C ASP A 349 4.74 13.57 -27.55
N THR A 350 4.71 14.57 -28.43
CA THR A 350 5.88 15.37 -28.89
C THR A 350 5.76 16.84 -28.42
N ASN A 351 4.85 17.12 -27.49
CA ASN A 351 4.56 18.49 -27.00
C ASN A 351 4.98 18.61 -25.52
N VAL A 352 6.05 17.91 -25.11
CA VAL A 352 6.52 17.93 -23.70
C VAL A 352 6.83 19.38 -23.34
N SER A 353 7.63 20.05 -24.16
CA SER A 353 8.06 21.46 -23.97
C SER A 353 6.93 22.24 -23.31
N THR A 354 5.79 22.31 -23.99
CA THR A 354 4.65 23.18 -23.63
C THR A 354 3.86 22.60 -22.44
N LYS A 355 3.90 21.27 -22.24
CA LYS A 355 3.20 20.58 -21.12
C LYS A 355 3.77 21.05 -19.79
N VAL A 356 5.11 21.20 -19.77
CA VAL A 356 5.97 21.60 -18.61
C VAL A 356 5.81 23.09 -18.32
N VAL A 357 5.93 23.93 -19.36
CA VAL A 357 5.75 25.41 -19.23
C VAL A 357 4.39 25.67 -18.60
N LYS A 358 3.37 24.96 -19.05
CA LYS A 358 2.02 25.09 -18.49
C LYS A 358 2.00 24.50 -17.08
N ILE A 359 2.76 23.46 -16.77
CA ILE A 359 2.71 22.88 -15.39
C ILE A 359 3.36 23.88 -14.43
N ILE A 360 4.47 24.53 -14.84
CA ILE A 360 5.23 25.53 -14.03
C ILE A 360 4.37 26.78 -13.74
N GLN A 361 3.69 27.35 -14.76
CA GLN A 361 2.74 28.48 -14.58
C GLN A 361 1.65 28.09 -13.58
N SER A 362 1.14 26.87 -13.69
CA SER A 362 -0.01 26.36 -12.92
C SER A 362 0.37 26.10 -11.46
N TYR A 363 1.57 25.58 -11.19
CA TYR A 363 1.89 24.84 -9.95
C TYR A 363 2.94 25.55 -9.09
N LYS A 364 3.51 26.66 -9.58
CA LYS A 364 4.41 27.56 -8.78
C LYS A 364 3.62 28.09 -7.58
N ASP A 365 2.55 28.84 -7.82
CA ASP A 365 1.70 29.38 -6.74
C ASP A 365 1.19 28.21 -5.89
N ILE A 366 0.61 27.18 -6.52
CA ILE A 366 -0.05 26.05 -5.80
C ILE A 366 0.89 25.43 -4.76
N ILE A 367 2.18 25.31 -5.06
CA ILE A 367 3.19 24.79 -4.09
C ILE A 367 3.48 25.84 -3.01
N ASN A 368 3.76 27.09 -3.40
CA ASN A 368 3.90 28.21 -2.44
C ASN A 368 2.74 28.16 -1.46
N ARG A 369 1.50 28.16 -1.98
CA ARG A 369 0.24 28.11 -1.18
C ARG A 369 0.30 26.90 -0.25
N ASN A 370 0.57 25.70 -0.79
CA ASN A 370 0.43 24.41 -0.06
C ASN A 370 1.68 24.13 0.78
N THR A 371 2.76 23.67 0.16
CA THR A 371 4.03 23.36 0.83
C THR A 371 4.38 24.48 1.82
N TRP A 372 4.67 25.70 1.34
CA TRP A 372 5.40 26.76 2.08
C TRP A 372 4.43 27.72 2.79
N ARG A 373 3.15 27.71 2.41
CA ARG A 373 2.09 28.55 3.02
C ARG A 373 2.48 30.03 2.96
N LYS A 374 2.35 30.66 1.79
CA LYS A 374 2.63 32.11 1.59
C LYS A 374 1.30 32.83 1.32
N MET B 1 43.71 -9.58 16.81
CA MET B 1 42.36 -9.04 17.15
C MET B 1 41.77 -8.37 15.90
N GLU B 2 41.93 -7.03 15.76
CA GLU B 2 41.33 -6.14 14.72
C GLU B 2 39.81 -6.06 14.93
N LYS B 3 39.33 -4.97 15.54
CA LYS B 3 37.89 -4.67 15.68
C LYS B 3 37.38 -3.86 14.48
N LEU B 4 36.14 -4.08 14.09
CA LEU B 4 35.40 -3.26 13.09
C LEU B 4 35.66 -1.77 13.39
N LYS B 5 36.07 -1.00 12.37
CA LYS B 5 36.34 0.46 12.48
C LYS B 5 35.05 1.19 12.16
N LEU B 6 34.52 1.89 13.16
CA LEU B 6 33.29 2.70 13.05
C LEU B 6 33.68 4.17 13.03
N MET B 7 33.27 4.91 12.00
CA MET B 7 33.24 6.39 12.05
C MET B 7 31.84 6.80 12.51
N THR B 8 31.74 7.62 13.57
CA THR B 8 30.48 8.26 14.04
C THR B 8 30.58 9.76 13.84
N ILE B 9 29.59 10.37 13.22
CA ILE B 9 29.61 11.83 12.92
C ILE B 9 28.51 12.54 13.70
N VAL B 10 28.88 13.64 14.37
CA VAL B 10 27.99 14.50 15.18
C VAL B 10 28.28 15.97 14.84
N GLY B 11 27.38 16.89 15.19
CA GLY B 11 27.47 18.31 14.77
C GLY B 11 26.95 19.28 15.85
N THR B 12 25.77 19.00 16.41
CA THR B 12 25.11 19.85 17.43
C THR B 12 24.95 19.05 18.71
N ARG B 13 24.63 19.72 19.82
CA ARG B 13 24.68 19.14 21.19
C ARG B 13 23.63 18.05 21.37
N PRO B 14 22.35 18.32 21.00
CA PRO B 14 21.28 17.35 21.20
C PRO B 14 21.59 16.01 20.52
N GLU B 15 22.05 16.06 19.28
CA GLU B 15 22.66 14.93 18.56
C GLU B 15 23.62 14.21 19.50
N ILE B 16 24.53 14.95 20.16
CA ILE B 16 25.64 14.38 20.99
C ILE B 16 25.06 13.78 22.27
N ILE B 17 24.15 14.51 22.92
CA ILE B 17 23.48 14.06 24.17
C ILE B 17 22.87 12.67 23.99
N ARG B 18 22.28 12.36 22.83
CA ARG B 18 21.50 11.10 22.64
C ARG B 18 22.44 9.99 22.18
N LEU B 19 23.37 10.37 21.32
CA LEU B 19 24.49 9.50 20.89
C LEU B 19 25.37 9.17 22.10
N SER B 20 25.43 10.09 23.08
CA SER B 20 26.23 10.01 24.33
C SER B 20 26.46 8.56 24.77
N SER B 21 25.41 7.80 25.08
CA SER B 21 25.54 6.46 25.69
C SER B 21 25.86 5.40 24.63
N THR B 22 25.53 5.68 23.37
CA THR B 22 25.78 4.78 22.21
C THR B 22 27.22 4.96 21.73
N ILE B 23 27.85 6.09 22.06
CA ILE B 23 29.25 6.40 21.68
C ILE B 23 30.17 5.63 22.63
N LYS B 24 30.02 5.87 23.92
CA LYS B 24 30.78 5.15 24.96
C LYS B 24 30.73 3.64 24.66
N ALA B 25 29.59 3.12 24.21
CA ALA B 25 29.38 1.69 23.89
C ALA B 25 30.21 1.29 22.66
N CYS B 26 30.26 2.14 21.65
CA CYS B 26 30.95 1.85 20.36
C CYS B 26 32.46 1.93 20.57
N ASP B 27 32.91 2.69 21.58
CA ASP B 27 34.34 2.78 21.99
C ASP B 27 34.79 1.44 22.57
N GLN B 28 33.97 0.86 23.46
CA GLN B 28 34.26 -0.40 24.17
C GLN B 28 34.55 -1.55 23.18
N TYR B 29 33.71 -1.65 22.15
CA TYR B 29 33.50 -2.89 21.38
C TYR B 29 34.09 -2.69 19.98
N PHE B 30 34.06 -1.46 19.46
CA PHE B 30 34.67 -1.09 18.15
C PHE B 30 35.89 -0.18 18.32
N ASN B 31 36.57 0.06 17.21
CA ASN B 31 37.57 1.14 17.03
C ASN B 31 36.83 2.36 16.44
N GLN B 32 36.18 3.13 17.30
CA GLN B 32 35.29 4.24 16.89
C GLN B 32 36.12 5.48 16.62
N ILE B 33 35.78 6.23 15.59
CA ILE B 33 36.43 7.52 15.24
C ILE B 33 35.36 8.63 15.26
N LEU B 34 35.29 9.37 16.36
CA LEU B 34 34.30 10.46 16.55
C LEU B 34 34.71 11.64 15.68
N VAL B 35 33.76 12.21 14.93
CA VAL B 35 34.01 13.29 13.92
C VAL B 35 32.98 14.41 14.12
N HIS B 36 33.34 15.45 14.85
CA HIS B 36 32.61 16.73 14.93
C HIS B 36 32.79 17.44 13.58
N THR B 37 31.74 18.05 13.03
CA THR B 37 31.76 18.73 11.70
C THR B 37 32.19 20.18 11.86
N GLY B 38 31.99 20.76 13.06
CA GLY B 38 32.11 22.20 13.34
C GLY B 38 33.41 22.59 14.06
N GLN B 39 33.37 23.71 14.79
CA GLN B 39 34.55 24.42 15.36
C GLN B 39 34.58 24.17 16.88
N ASN B 40 35.79 24.06 17.45
CA ASN B 40 36.02 23.95 18.92
C ASN B 40 36.30 25.34 19.51
N TYR B 41 35.90 26.42 18.81
CA TYR B 41 36.50 27.77 18.93
C TYR B 41 36.25 28.37 20.31
N ASP B 42 35.08 28.11 20.92
CA ASP B 42 34.79 28.48 22.32
C ASP B 42 35.09 27.27 23.22
N TYR B 43 36.35 26.82 23.16
CA TYR B 43 36.98 25.79 24.02
C TYR B 43 36.38 25.82 25.44
N THR B 44 36.24 27.01 26.04
CA THR B 44 35.71 27.18 27.43
C THR B 44 34.38 26.43 27.52
N LEU B 45 33.43 26.79 26.65
CA LEU B 45 32.04 26.23 26.60
C LEU B 45 32.08 24.76 26.11
N ASN B 46 32.61 24.49 24.91
CA ASN B 46 32.78 23.10 24.42
C ASN B 46 33.22 22.22 25.60
N GLN B 47 34.27 22.64 26.32
CA GLN B 47 35.12 21.79 27.21
C GLN B 47 34.24 21.18 28.31
N ILE B 48 33.31 21.98 28.88
CA ILE B 48 32.47 21.55 30.03
C ILE B 48 31.37 20.59 29.55
N PHE B 49 30.91 20.73 28.31
CA PHE B 49 29.86 19.88 27.69
C PHE B 49 30.34 18.42 27.63
N PHE B 50 31.53 18.20 27.04
CA PHE B 50 32.18 16.87 26.87
C PHE B 50 32.66 16.36 28.24
N ASP B 51 32.46 17.18 29.27
CA ASP B 51 32.85 16.89 30.68
C ASP B 51 31.61 16.50 31.47
N ASP B 52 30.54 17.31 31.36
CA ASP B 52 29.20 17.07 31.93
C ASP B 52 28.69 15.69 31.50
N LEU B 53 29.06 15.28 30.29
CA LEU B 53 28.63 14.00 29.68
C LEU B 53 29.65 12.90 29.98
N GLU B 54 30.83 13.24 30.50
CA GLU B 54 31.94 12.26 30.75
C GLU B 54 32.21 11.52 29.44
N LEU B 55 32.15 12.26 28.34
CA LEU B 55 32.27 11.79 26.93
C LEU B 55 33.63 12.23 26.41
N ARG B 56 34.43 11.32 25.86
CA ARG B 56 35.76 11.67 25.32
C ARG B 56 35.61 12.76 24.26
N GLN B 57 36.68 13.53 24.02
CA GLN B 57 36.73 14.49 22.90
C GLN B 57 36.71 13.71 21.58
N PRO B 58 36.30 14.36 20.47
CA PRO B 58 36.39 13.77 19.13
C PRO B 58 37.81 13.69 18.53
N ASP B 59 37.98 12.86 17.49
CA ASP B 59 39.30 12.59 16.84
C ASP B 59 39.55 13.61 15.72
N HIS B 60 38.56 14.43 15.40
CA HIS B 60 38.55 15.32 14.22
C HIS B 60 37.46 16.38 14.42
N TYR B 61 37.78 17.68 14.29
CA TYR B 61 36.78 18.76 14.09
C TYR B 61 36.91 19.28 12.67
N LEU B 62 36.03 18.89 11.74
CA LEU B 62 36.22 19.16 10.29
C LEU B 62 36.09 20.67 10.01
N GLU B 63 35.59 21.45 10.98
CA GLU B 63 35.49 22.95 10.93
C GLU B 63 34.92 23.42 9.58
N ALA B 64 33.83 22.79 9.11
CA ALA B 64 32.92 23.35 8.08
C ALA B 64 32.37 24.67 8.60
N VAL B 65 31.40 25.25 7.91
CA VAL B 65 30.73 26.52 8.31
C VAL B 65 31.25 27.60 7.36
N GLY B 66 30.47 28.62 7.04
CA GLY B 66 30.84 29.59 5.99
C GLY B 66 29.82 30.71 5.84
N SER B 67 30.04 31.60 4.88
CA SER B 67 29.17 32.78 4.63
C SER B 67 27.71 32.37 4.86
N ASN B 68 27.26 31.28 4.23
CA ASN B 68 25.82 30.89 4.14
C ASN B 68 25.63 29.38 4.28
N LEU B 69 24.60 28.98 5.04
CA LEU B 69 23.89 27.69 4.90
C LEU B 69 23.87 27.35 3.42
N GLY B 70 24.85 26.59 2.94
CA GLY B 70 24.99 26.27 1.51
C GLY B 70 26.44 26.17 1.13
N GLU B 71 27.23 27.17 1.53
CA GLU B 71 28.70 27.02 1.57
C GLU B 71 29.00 25.95 2.60
N THR B 72 28.35 26.03 3.77
CA THR B 72 28.60 25.13 4.92
C THR B 72 28.01 23.75 4.64
N MET B 73 26.88 23.67 3.92
CA MET B 73 26.35 22.37 3.43
C MET B 73 27.42 21.73 2.53
N GLY B 74 27.80 22.43 1.45
CA GLY B 74 28.95 22.09 0.62
C GLY B 74 30.09 21.53 1.45
N ASN B 75 30.72 22.40 2.26
CA ASN B 75 31.88 22.09 3.14
C ASN B 75 31.68 20.73 3.77
N ILE B 76 30.53 20.54 4.44
CA ILE B 76 30.28 19.30 5.22
C ILE B 76 30.49 18.14 4.25
N ILE B 77 29.69 18.07 3.18
CA ILE B 77 29.79 17.00 2.14
C ILE B 77 31.27 16.76 1.80
N ALA B 78 31.94 17.78 1.29
CA ALA B 78 33.38 17.75 0.94
C ALA B 78 34.21 17.15 2.09
N LYS B 79 34.29 17.81 3.24
CA LYS B 79 35.31 17.51 4.29
C LYS B 79 35.06 16.12 4.85
N THR B 80 33.79 15.73 4.96
CA THR B 80 33.32 14.37 5.36
C THR B 80 33.87 13.35 4.37
N TYR B 81 33.65 13.60 3.08
CA TYR B 81 34.13 12.75 1.98
C TYR B 81 35.59 12.37 2.26
N ASP B 82 36.43 13.37 2.48
CA ASP B 82 37.90 13.25 2.63
C ASP B 82 38.22 12.35 3.84
N VAL B 83 37.65 12.66 4.99
CA VAL B 83 38.03 12.02 6.27
C VAL B 83 37.52 10.58 6.19
N LEU B 84 36.43 10.39 5.43
CA LEU B 84 35.78 9.08 5.11
C LEU B 84 36.63 8.32 4.09
N LEU B 85 37.39 9.03 3.27
CA LEU B 85 38.32 8.42 2.32
C LEU B 85 39.56 7.96 3.08
N ARG B 86 40.16 8.82 3.88
CA ARG B 86 41.43 8.53 4.61
C ARG B 86 41.17 7.37 5.59
N GLU B 87 40.40 7.61 6.67
CA GLU B 87 40.32 6.71 7.85
C GLU B 87 39.66 5.40 7.40
N GLN B 88 38.98 5.41 6.24
CA GLN B 88 38.47 4.20 5.53
C GLN B 88 37.67 3.38 6.52
N PRO B 89 36.56 3.89 7.09
CA PRO B 89 35.87 3.20 8.17
C PRO B 89 35.04 2.11 7.53
N ASP B 90 34.65 1.13 8.36
CA ASP B 90 33.93 -0.10 7.95
C ASP B 90 32.46 0.26 7.75
N ALA B 91 32.03 1.34 8.40
CA ALA B 91 30.63 1.78 8.54
C ALA B 91 30.58 3.13 9.24
N LEU B 92 29.45 3.83 9.07
CA LEU B 92 29.17 5.22 9.52
C LEU B 92 27.92 5.15 10.41
N LEU B 93 27.97 5.78 11.60
CA LEU B 93 26.85 5.95 12.58
C LEU B 93 26.41 7.41 12.56
N ILE B 94 25.11 7.66 12.50
CA ILE B 94 24.55 9.03 12.30
C ILE B 94 23.25 9.12 13.09
N LEU B 95 22.96 10.29 13.67
CA LEU B 95 21.74 10.52 14.47
C LEU B 95 21.01 11.73 13.91
N GLY B 96 19.78 11.54 13.43
CA GLY B 96 18.81 12.64 13.24
C GLY B 96 18.87 13.24 11.84
N ASP B 97 18.75 14.57 11.75
CA ASP B 97 18.37 15.30 10.53
C ASP B 97 19.00 16.70 10.51
N THR B 98 20.12 16.88 11.24
CA THR B 98 21.00 18.08 11.18
C THR B 98 21.70 18.10 9.82
N ASN B 99 22.37 19.20 9.47
CA ASN B 99 23.14 19.30 8.21
C ASN B 99 24.32 18.32 8.26
N SER B 100 24.75 17.92 9.47
CA SER B 100 25.84 16.94 9.72
C SER B 100 25.54 15.58 9.10
N CYS B 101 24.27 15.22 8.97
CA CYS B 101 23.85 13.87 8.51
C CYS B 101 24.05 13.72 7.00
N LEU B 102 24.32 14.83 6.28
CA LEU B 102 24.56 14.80 4.81
C LEU B 102 25.83 14.01 4.54
N ALA B 103 26.68 13.86 5.57
CA ALA B 103 27.80 12.88 5.64
C ALA B 103 27.41 11.58 4.93
N ALA B 104 26.16 11.14 5.11
CA ALA B 104 25.57 9.91 4.53
C ALA B 104 25.79 9.90 3.02
N VAL B 105 25.57 11.05 2.38
CA VAL B 105 25.62 11.23 0.91
C VAL B 105 27.05 10.93 0.45
N SER B 106 28.05 11.38 1.21
CA SER B 106 29.49 11.14 0.91
C SER B 106 29.82 9.65 1.12
N ALA B 107 29.85 9.19 2.38
CA ALA B 107 29.87 7.77 2.80
C ALA B 107 29.38 6.88 1.66
N LYS B 108 28.21 7.23 1.12
CA LYS B 108 27.42 6.41 0.18
C LYS B 108 28.15 6.33 -1.16
N ARG B 109 28.76 7.42 -1.64
CA ARG B 109 29.54 7.38 -2.92
C ARG B 109 30.77 6.49 -2.69
N LEU B 110 31.15 6.30 -1.42
CA LEU B 110 32.36 5.51 -1.01
C LEU B 110 31.93 4.08 -0.63
N LYS B 111 30.68 3.73 -0.83
CA LYS B 111 30.18 2.34 -0.58
C LYS B 111 30.57 1.89 0.83
N ILE B 112 30.60 2.84 1.78
CA ILE B 112 30.64 2.65 3.26
C ILE B 112 29.20 2.60 3.78
N PRO B 113 28.76 1.44 4.32
CA PRO B 113 27.41 1.33 4.89
C PRO B 113 27.11 2.36 5.98
N VAL B 114 25.97 3.03 5.86
CA VAL B 114 25.47 4.08 6.80
C VAL B 114 24.34 3.52 7.70
N PHE B 115 24.53 3.57 9.01
CA PHE B 115 23.51 3.29 10.05
C PHE B 115 22.94 4.63 10.55
N HIS B 116 21.64 4.84 10.36
CA HIS B 116 20.91 6.07 10.73
C HIS B 116 20.07 5.82 11.97
N MET B 117 20.32 6.55 13.07
CA MET B 117 19.51 6.55 14.30
C MET B 117 18.54 7.75 14.21
N GLU B 118 17.41 7.71 14.93
CA GLU B 118 16.29 8.70 14.90
C GLU B 118 15.78 8.85 13.47
N ALA B 119 15.50 7.72 12.82
CA ALA B 119 14.95 7.64 11.44
C ALA B 119 13.41 7.67 11.48
N GLY B 120 12.78 7.67 10.29
CA GLY B 120 11.32 7.72 10.08
C GLY B 120 10.67 8.89 10.81
N ASN B 121 11.42 9.98 10.97
CA ASN B 121 11.03 11.10 11.86
C ASN B 121 10.11 12.05 11.09
N ARG B 122 8.81 12.01 11.37
CA ARG B 122 7.79 12.70 10.53
C ARG B 122 6.86 13.53 11.44
N CYS B 123 6.59 14.78 11.03
CA CYS B 123 5.59 15.69 11.65
C CYS B 123 4.60 16.24 10.60
N PHE B 124 4.89 16.08 9.30
CA PHE B 124 3.91 16.26 8.18
C PHE B 124 3.54 17.75 8.02
N ASP B 125 4.50 18.64 8.30
CA ASP B 125 4.41 20.10 8.00
C ASP B 125 5.68 20.51 7.26
N GLN B 126 5.61 20.58 5.94
CA GLN B 126 6.77 20.85 5.06
C GLN B 126 7.39 22.19 5.45
N ASN B 127 6.59 23.07 6.09
CA ASN B 127 7.00 24.44 6.51
C ASN B 127 8.07 24.35 7.61
N VAL B 128 8.33 23.13 8.11
CA VAL B 128 9.37 22.84 9.16
C VAL B 128 10.71 22.66 8.44
N PRO B 129 11.79 23.35 8.87
CA PRO B 129 13.09 23.24 8.20
C PRO B 129 13.65 21.82 8.24
N GLU B 130 13.51 21.16 9.40
CA GLU B 130 14.13 19.84 9.71
C GLU B 130 13.70 18.81 8.65
N GLU B 131 12.52 18.97 8.03
CA GLU B 131 11.86 17.89 7.24
C GLU B 131 12.60 17.66 5.91
N ILE B 132 13.27 18.67 5.36
CA ILE B 132 14.06 18.55 4.10
C ILE B 132 15.11 17.47 4.29
N ASN B 133 15.94 17.63 5.32
CA ASN B 133 17.06 16.71 5.62
C ASN B 133 16.48 15.35 6.11
N ARG B 134 15.40 15.34 6.88
CA ARG B 134 14.73 14.08 7.29
C ARG B 134 14.52 13.18 6.08
N LYS B 135 13.87 13.70 5.03
CA LYS B 135 13.39 12.90 3.86
C LYS B 135 14.61 12.41 3.07
N ILE B 136 15.53 13.31 2.74
CA ILE B 136 16.85 12.95 2.11
C ILE B 136 17.47 11.79 2.90
N VAL B 137 17.90 12.05 4.13
CA VAL B 137 18.94 11.23 4.82
C VAL B 137 18.36 9.85 5.17
N ASP B 138 17.09 9.74 5.52
CA ASP B 138 16.44 8.43 5.78
C ASP B 138 16.60 7.54 4.53
N HIS B 139 16.54 8.13 3.32
CA HIS B 139 16.37 7.42 2.02
C HIS B 139 17.73 7.11 1.37
N VAL B 140 18.75 7.87 1.72
CA VAL B 140 20.14 7.66 1.22
C VAL B 140 20.92 6.80 2.24
N SER B 141 20.40 6.62 3.45
CA SER B 141 20.92 5.67 4.47
C SER B 141 20.69 4.22 4.03
N ASP B 142 21.25 3.25 4.76
CA ASP B 142 21.39 1.82 4.37
C ASP B 142 20.60 0.94 5.35
N VAL B 143 20.89 1.05 6.64
CA VAL B 143 20.05 0.59 7.78
C VAL B 143 19.42 1.83 8.45
N ASN B 144 18.10 1.81 8.67
CA ASN B 144 17.37 2.84 9.43
C ASN B 144 16.98 2.26 10.79
N LEU B 145 17.38 2.94 11.85
CA LEU B 145 17.09 2.57 13.25
C LEU B 145 16.11 3.60 13.81
N PRO B 146 14.81 3.49 13.44
CA PRO B 146 13.79 4.44 13.90
C PRO B 146 13.45 4.20 15.37
N TYR B 147 13.24 5.29 16.11
CA TYR B 147 13.03 5.26 17.57
C TYR B 147 11.79 4.42 17.89
N THR B 148 10.63 4.85 17.36
CA THR B 148 9.27 4.29 17.61
C THR B 148 8.83 3.36 16.50
N GLU B 149 7.83 2.54 16.79
CA GLU B 149 7.14 1.65 15.82
C GLU B 149 6.37 2.49 14.78
N HIS B 150 5.86 3.66 15.18
CA HIS B 150 5.22 4.67 14.29
C HIS B 150 6.17 4.98 13.13
N SER B 151 7.41 5.31 13.47
CA SER B 151 8.46 5.69 12.50
C SER B 151 8.75 4.50 11.58
N ARG B 152 8.83 3.29 12.12
CA ARG B 152 9.03 2.08 11.28
C ARG B 152 7.90 2.02 10.24
N ARG B 153 6.67 2.35 10.62
CA ARG B 153 5.54 2.35 9.67
C ARG B 153 5.79 3.45 8.63
N TYR B 154 6.03 4.67 9.10
CA TYR B 154 6.27 5.87 8.26
C TYR B 154 7.24 5.49 7.11
N LEU B 155 8.27 4.69 7.39
CA LEU B 155 9.33 4.27 6.42
C LEU B 155 8.78 3.20 5.48
N LEU B 156 8.25 2.09 6.02
CA LEU B 156 7.60 1.03 5.20
C LEU B 156 6.66 1.69 4.17
N ASP B 157 6.05 2.81 4.56
CA ASP B 157 4.98 3.51 3.79
C ASP B 157 5.62 4.28 2.62
N GLU B 158 6.91 4.63 2.74
CA GLU B 158 7.68 5.37 1.71
C GLU B 158 8.64 4.41 1.03
N GLY B 159 8.42 3.10 1.22
CA GLY B 159 8.97 2.04 0.37
C GLY B 159 10.42 1.71 0.70
N PHE B 160 10.88 2.03 1.92
CA PHE B 160 12.23 1.65 2.42
C PHE B 160 12.26 0.14 2.67
N ASN B 161 13.43 -0.46 2.56
CA ASN B 161 13.61 -1.92 2.53
C ASN B 161 13.17 -2.51 3.88
N LYS B 162 12.03 -3.21 3.93
CA LYS B 162 11.51 -3.94 5.15
C LYS B 162 12.69 -4.49 5.97
N ALA B 163 13.64 -5.13 5.28
CA ALA B 163 14.74 -5.95 5.85
C ALA B 163 15.71 -5.08 6.66
N ASN B 164 15.94 -3.85 6.24
CA ASN B 164 17.02 -3.01 6.83
C ASN B 164 16.36 -1.97 7.74
N ILE B 165 15.51 -2.43 8.65
CA ILE B 165 14.86 -1.58 9.66
C ILE B 165 14.86 -2.31 10.99
N PHE B 166 15.16 -1.58 12.05
CA PHE B 166 15.09 -2.04 13.45
C PHE B 166 14.61 -0.86 14.29
N VAL B 167 13.59 -1.09 15.12
CA VAL B 167 13.13 -0.09 16.13
C VAL B 167 14.01 -0.25 17.37
N THR B 168 14.99 0.66 17.52
CA THR B 168 15.90 0.66 18.69
C THR B 168 15.08 0.96 19.96
N GLY B 169 13.99 1.74 19.85
CA GLY B 169 13.42 2.49 20.98
C GLY B 169 14.24 3.74 21.23
N SER B 170 13.72 4.71 21.99
CA SER B 170 14.35 6.05 22.18
C SER B 170 15.60 5.94 23.03
N PRO B 171 16.72 6.57 22.64
CA PRO B 171 17.99 6.42 23.36
C PRO B 171 18.03 7.16 24.71
N MET B 172 17.03 8.02 24.96
CA MET B 172 17.02 9.04 26.04
C MET B 172 16.85 8.37 27.40
N THR B 173 16.00 7.35 27.52
CA THR B 173 15.77 6.67 28.83
C THR B 173 17.10 6.16 29.38
N GLU B 174 17.88 5.48 28.54
CA GLU B 174 19.25 5.02 28.88
C GLU B 174 20.11 6.24 29.27
N VAL B 175 20.12 7.29 28.45
CA VAL B 175 20.93 8.53 28.71
C VAL B 175 20.60 9.07 30.10
N ILE B 176 19.33 9.08 30.47
CA ILE B 176 18.89 9.71 31.75
C ILE B 176 19.10 8.72 32.90
N GLU B 177 18.96 7.42 32.65
CA GLU B 177 19.40 6.37 33.61
C GLU B 177 20.85 6.67 34.00
N ALA B 178 21.72 6.73 33.00
CA ALA B 178 23.18 6.94 33.13
C ALA B 178 23.49 8.11 34.05
N HIS B 179 22.60 9.12 34.08
CA HIS B 179 22.87 10.48 34.64
C HIS B 179 21.85 10.90 35.71
N ARG B 180 21.07 9.99 36.32
CA ARG B 180 20.01 10.46 37.26
C ARG B 180 20.65 10.82 38.61
N ASP B 181 21.55 9.96 39.12
CA ASP B 181 22.45 10.32 40.26
C ASP B 181 22.65 11.84 40.23
N LYS B 182 23.09 12.35 39.07
CA LYS B 182 23.51 13.76 38.83
C LYS B 182 22.26 14.64 38.70
N ILE B 183 21.20 14.18 38.06
CA ILE B 183 19.96 14.99 37.94
C ILE B 183 19.37 15.13 39.34
N ASN B 184 19.47 14.07 40.15
CA ASN B 184 18.77 13.92 41.45
C ASN B 184 19.44 14.80 42.52
N HIS B 185 20.76 15.06 42.40
CA HIS B 185 21.55 15.82 43.41
C HIS B 185 21.74 17.29 42.96
N SER B 186 21.67 17.56 41.65
CA SER B 186 21.81 18.92 41.06
C SER B 186 21.26 19.96 42.04
N ASP B 187 22.11 20.89 42.48
CA ASP B 187 21.73 22.01 43.40
C ASP B 187 20.98 23.08 42.60
N VAL B 188 20.95 22.99 41.27
CA VAL B 188 20.31 23.95 40.32
C VAL B 188 19.23 24.77 41.03
N LEU B 189 18.29 24.13 41.74
CA LEU B 189 17.16 24.81 42.43
C LEU B 189 17.72 25.71 43.54
N ASN B 190 18.41 25.11 44.51
CA ASN B 190 19.16 25.80 45.60
C ASN B 190 19.86 27.05 45.02
N LYS B 191 20.68 26.90 43.97
CA LYS B 191 21.53 27.96 43.39
C LYS B 191 20.65 29.10 42.83
N LEU B 192 19.56 28.78 42.13
CA LEU B 192 18.64 29.80 41.56
C LEU B 192 17.73 30.31 42.68
N GLY B 193 17.59 29.55 43.78
CA GLY B 193 16.71 29.90 44.91
C GLY B 193 15.24 29.78 44.53
N LEU B 194 14.81 28.57 44.14
CA LEU B 194 13.44 28.21 43.70
C LEU B 194 12.99 26.97 44.46
N GLU B 195 11.71 26.91 44.84
CA GLU B 195 11.10 25.70 45.51
C GLU B 195 10.33 24.92 44.45
N PRO B 196 10.29 23.57 44.50
CA PRO B 196 9.43 22.80 43.60
C PRO B 196 8.01 23.37 43.49
N GLN B 197 7.47 23.34 42.27
CA GLN B 197 6.06 23.69 41.93
C GLN B 197 5.83 25.20 42.05
N GLN B 198 6.87 25.97 42.42
CA GLN B 198 6.74 27.44 42.65
C GLN B 198 7.52 28.20 41.56
N TYR B 199 7.65 27.59 40.37
CA TYR B 199 8.28 28.22 39.16
C TYR B 199 7.86 27.45 37.89
N ILE B 200 7.72 28.21 36.79
CA ILE B 200 7.38 27.72 35.43
C ILE B 200 8.60 27.92 34.53
N LEU B 201 8.96 26.89 33.78
CA LEU B 201 10.14 26.87 32.89
C LEU B 201 9.66 26.87 31.44
N VAL B 202 10.02 27.89 30.67
CA VAL B 202 9.66 28.00 29.24
C VAL B 202 10.96 27.94 28.44
N SER B 203 10.90 27.29 27.28
CA SER B 203 12.03 27.13 26.31
C SER B 203 11.49 27.29 24.88
N ALA B 204 11.84 28.39 24.20
CA ALA B 204 11.42 28.68 22.80
C ALA B 204 12.65 29.05 21.99
N HIS B 205 13.32 28.04 21.44
CA HIS B 205 14.55 28.20 20.64
C HIS B 205 14.18 28.30 19.16
N ARG B 206 13.13 27.60 18.71
CA ARG B 206 12.79 27.40 17.28
C ARG B 206 12.59 28.75 16.56
N GLU B 207 13.20 28.90 15.38
CA GLU B 207 12.77 29.88 14.35
C GLU B 207 11.33 29.51 13.96
N GLU B 208 10.54 30.50 13.57
CA GLU B 208 9.08 30.36 13.28
C GLU B 208 8.31 30.34 14.61
N ASN B 209 9.00 30.08 15.73
CA ASN B 209 8.49 30.24 17.12
C ASN B 209 9.15 31.46 17.79
N ILE B 210 9.98 32.21 17.05
CA ILE B 210 10.67 33.46 17.52
C ILE B 210 10.58 34.52 16.44
N ASP B 211 11.06 34.17 15.23
CA ASP B 211 11.26 35.11 14.09
C ASP B 211 9.88 35.58 13.60
N ASN B 212 9.09 34.68 13.02
CA ASN B 212 7.75 35.04 12.46
C ASN B 212 7.01 35.93 13.47
N GLU B 213 6.63 37.15 13.03
CA GLU B 213 6.44 38.36 13.89
C GLU B 213 5.22 38.16 14.82
N LYS B 214 4.10 37.67 14.29
CA LYS B 214 2.89 37.35 15.10
C LYS B 214 3.26 36.34 16.20
N ASN B 215 3.43 35.07 15.83
CA ASN B 215 3.91 33.96 16.70
C ASN B 215 4.61 34.52 17.94
N PHE B 216 5.51 35.49 17.77
CA PHE B 216 6.41 35.96 18.85
C PHE B 216 5.58 36.56 20.00
N LYS B 217 4.75 37.56 19.70
CA LYS B 217 3.88 38.22 20.72
C LYS B 217 3.00 37.15 21.37
N SER B 218 2.27 36.38 20.53
CA SER B 218 1.37 35.26 20.94
C SER B 218 1.96 34.54 22.15
N LEU B 219 3.27 34.26 22.11
CA LEU B 219 4.02 33.53 23.17
C LEU B 219 4.36 34.50 24.32
N MET B 220 5.00 35.63 23.98
CA MET B 220 5.33 36.71 24.96
C MET B 220 4.08 37.03 25.79
N ASN B 221 3.06 37.59 25.13
CA ASN B 221 1.74 37.96 25.71
C ASN B 221 1.32 36.88 26.72
N ALA B 222 1.30 35.61 26.28
CA ALA B 222 0.82 34.44 27.05
C ALA B 222 1.68 34.24 28.31
N ILE B 223 3.00 34.41 28.18
CA ILE B 223 3.97 34.25 29.30
C ILE B 223 3.59 35.21 30.43
N ASN B 224 3.26 36.46 30.11
CA ASN B 224 2.82 37.49 31.10
C ASN B 224 1.67 36.92 31.91
N ASP B 225 0.57 36.59 31.24
CA ASP B 225 -0.71 36.13 31.85
C ASP B 225 -0.42 34.93 32.78
N ILE B 226 0.41 34.00 32.31
CA ILE B 226 0.86 32.78 33.07
C ILE B 226 1.65 33.25 34.30
N ALA B 227 2.63 34.12 34.11
CA ALA B 227 3.39 34.76 35.21
C ALA B 227 2.38 35.20 36.28
N LYS B 228 1.33 35.93 35.83
CA LYS B 228 0.29 36.56 36.68
C LYS B 228 -0.65 35.49 37.25
N LYS B 229 -1.45 34.82 36.41
CA LYS B 229 -2.61 33.95 36.81
C LYS B 229 -2.19 32.88 37.83
N TYR B 230 -0.88 32.69 38.04
CA TYR B 230 -0.30 31.69 39.00
C TYR B 230 0.51 32.41 40.09
N LYS B 231 1.09 33.56 39.76
CA LYS B 231 1.93 34.41 40.65
C LYS B 231 3.18 33.62 41.04
N MET B 232 3.95 33.23 40.01
CA MET B 232 5.19 32.42 40.12
C MET B 232 6.27 33.05 39.26
N PRO B 233 7.56 32.75 39.53
CA PRO B 233 8.64 33.12 38.62
C PRO B 233 8.52 32.26 37.35
N VAL B 234 9.11 32.72 36.25
CA VAL B 234 9.06 32.05 34.91
C VAL B 234 10.47 32.09 34.31
N ILE B 235 11.10 30.94 34.13
CA ILE B 235 12.54 30.83 33.75
C ILE B 235 12.61 30.62 32.23
N TYR B 236 12.47 31.70 31.46
CA TYR B 236 12.32 31.66 29.99
C TYR B 236 13.73 31.61 29.35
N SER B 237 14.21 30.40 29.02
CA SER B 237 15.48 30.13 28.29
C SER B 237 15.22 30.10 26.79
N THR B 238 15.78 31.04 26.03
CA THR B 238 15.60 31.18 24.56
C THR B 238 16.99 31.46 23.92
N HIS B 239 17.05 32.37 22.94
CA HIS B 239 18.27 32.72 22.15
C HIS B 239 18.65 34.18 22.40
N PRO B 240 19.74 34.70 21.77
CA PRO B 240 20.06 36.12 21.85
C PRO B 240 19.09 37.02 21.07
N ARG B 241 18.94 36.73 19.77
CA ARG B 241 18.19 37.55 18.78
C ARG B 241 16.83 37.96 19.36
N SER B 242 16.25 37.14 20.23
CA SER B 242 15.08 37.50 21.08
C SER B 242 15.50 38.60 22.06
N TRP B 243 16.37 38.27 23.02
CA TRP B 243 16.77 39.12 24.17
C TRP B 243 16.99 40.57 23.74
N LYS B 244 17.60 40.77 22.56
CA LYS B 244 17.78 42.10 21.93
C LYS B 244 16.40 42.63 21.54
N LYS B 245 15.65 41.86 20.76
CA LYS B 245 14.33 42.26 20.19
C LYS B 245 13.23 42.16 21.26
N ILE B 246 13.49 41.55 22.43
CA ILE B 246 12.49 41.42 23.54
C ILE B 246 12.42 42.76 24.31
N GLU B 247 13.59 43.31 24.67
CA GLU B 247 13.75 44.55 25.47
C GLU B 247 13.44 45.76 24.58
N GLU B 248 13.58 45.59 23.26
CA GLU B 248 13.32 46.60 22.21
C GLU B 248 12.01 47.35 22.52
N SER B 249 10.87 46.66 22.41
CA SER B 249 9.52 47.25 22.20
C SER B 249 8.94 47.77 23.52
N LYS B 250 7.88 47.12 24.01
CA LYS B 250 7.17 47.46 25.28
C LYS B 250 7.96 46.86 26.46
N PHE B 251 8.50 45.65 26.28
CA PHE B 251 9.31 44.87 27.28
C PHE B 251 8.63 44.90 28.65
N GLU B 252 7.39 44.41 28.71
CA GLU B 252 6.48 44.49 29.90
C GLU B 252 6.81 43.38 30.92
N PHE B 253 7.38 42.25 30.46
CA PHE B 253 7.78 41.07 31.26
C PHE B 253 7.34 41.25 32.73
N ASP B 254 8.11 41.99 33.52
CA ASP B 254 7.85 42.30 34.95
C ASP B 254 8.75 41.39 35.80
N PRO B 255 8.69 41.46 37.16
CA PRO B 255 9.66 40.76 38.00
C PRO B 255 9.53 39.24 37.83
N LEU B 256 8.32 38.75 37.56
CA LEU B 256 7.98 37.31 37.55
C LEU B 256 8.86 36.59 36.51
N VAL B 257 9.06 37.20 35.32
CA VAL B 257 9.94 36.65 34.23
C VAL B 257 11.41 36.86 34.63
N LYS B 258 12.23 35.81 34.48
CA LYS B 258 13.71 35.86 34.62
C LYS B 258 14.33 35.53 33.24
N GLN B 259 15.66 35.57 33.13
CA GLN B 259 16.46 35.03 31.98
C GLN B 259 17.44 33.99 32.50
N LEU B 260 17.46 32.80 31.88
CA LEU B 260 18.47 31.75 32.17
C LEU B 260 19.80 32.19 31.61
N LYS B 261 20.87 31.55 32.07
CA LYS B 261 22.13 31.33 31.33
C LYS B 261 22.02 29.94 30.70
N PRO B 262 22.89 29.55 29.75
CA PRO B 262 22.88 28.18 29.24
C PRO B 262 23.19 27.27 30.42
N PHE B 263 22.61 26.07 30.40
CA PHE B 263 22.64 25.11 31.52
C PHE B 263 22.98 23.72 30.98
N GLY B 264 23.99 23.07 31.59
CA GLY B 264 24.34 21.67 31.35
C GLY B 264 23.10 20.80 31.20
N PHE B 265 23.25 19.64 30.55
CA PHE B 265 22.20 18.62 30.40
C PHE B 265 21.55 18.37 31.77
N PHE B 266 22.32 17.82 32.72
CA PHE B 266 21.78 17.28 33.99
C PHE B 266 21.08 18.40 34.77
N ASP B 267 21.48 19.67 34.60
CA ASP B 267 20.92 20.84 35.34
C ASP B 267 19.50 21.17 34.81
N TYR B 268 19.35 21.43 33.50
CA TYR B 268 18.09 21.85 32.83
C TYR B 268 17.05 20.72 33.00
N ASN B 269 17.50 19.47 33.19
CA ASN B 269 16.61 18.30 33.38
C ASN B 269 16.06 18.31 34.80
N ALA B 270 16.95 18.40 35.79
CA ALA B 270 16.63 18.55 37.23
C ALA B 270 15.68 19.75 37.46
N LEU B 271 15.81 20.76 36.61
CA LEU B 271 15.02 22.03 36.64
C LEU B 271 13.67 21.83 35.93
N GLN B 272 13.56 20.83 35.05
CA GLN B 272 12.30 20.45 34.37
C GLN B 272 11.44 19.61 35.34
N LYS B 273 12.04 18.64 36.06
CA LYS B 273 11.29 17.53 36.71
C LYS B 273 10.66 18.01 38.00
N ASP B 274 11.01 19.23 38.44
CA ASP B 274 10.52 19.84 39.71
C ASP B 274 9.78 21.15 39.40
N ALA B 275 9.67 21.53 38.12
CA ALA B 275 8.93 22.71 37.64
C ALA B 275 7.43 22.46 37.79
N PHE B 276 6.63 23.52 37.83
CA PHE B 276 5.15 23.42 37.90
C PHE B 276 4.64 22.98 36.53
N VAL B 277 5.00 23.75 35.52
CA VAL B 277 4.59 23.52 34.12
C VAL B 277 5.77 23.89 33.21
N VAL B 278 6.03 23.05 32.21
CA VAL B 278 7.13 23.21 31.21
C VAL B 278 6.51 23.52 29.84
N LEU B 279 6.94 24.62 29.19
CA LEU B 279 6.60 25.01 27.79
C LEU B 279 7.88 25.09 26.96
N SER B 280 8.22 24.01 26.25
CA SER B 280 9.45 23.85 25.43
C SER B 280 9.03 23.48 24.00
N ASP B 281 9.85 23.83 22.99
CA ASP B 281 9.68 23.37 21.58
C ASP B 281 10.84 22.42 21.24
N SER B 282 11.61 22.03 22.27
CA SER B 282 12.59 20.92 22.26
C SER B 282 11.92 19.64 21.73
N GLY B 283 12.64 18.86 20.93
CA GLY B 283 12.25 17.50 20.52
C GLY B 283 12.25 16.55 21.70
N THR B 284 13.13 16.81 22.70
CA THR B 284 13.31 15.99 23.93
C THR B 284 12.15 16.17 24.91
N LEU B 285 11.48 17.32 24.89
CA LEU B 285 10.31 17.61 25.76
C LEU B 285 9.33 16.42 25.75
N SER B 286 8.82 16.04 24.57
CA SER B 286 7.82 14.95 24.40
C SER B 286 8.28 13.69 25.16
N GLU B 287 9.57 13.35 25.07
CA GLU B 287 10.19 12.15 25.74
C GLU B 287 10.55 12.51 27.20
N GLU B 288 11.36 13.55 27.39
CA GLU B 288 11.93 13.96 28.70
C GLU B 288 10.82 13.90 29.76
N SER B 289 9.61 14.33 29.39
CA SER B 289 8.44 14.43 30.30
C SER B 289 7.84 13.04 30.57
N SER B 290 7.71 12.19 29.55
CA SER B 290 7.20 10.78 29.66
C SER B 290 8.13 9.98 30.59
N ILE B 291 9.38 10.39 30.73
CA ILE B 291 10.39 9.67 31.55
C ILE B 291 10.46 10.29 32.95
N LEU B 292 10.82 11.58 33.03
CA LEU B 292 10.90 12.35 34.29
C LEU B 292 9.52 12.92 34.63
N LYS B 293 8.54 12.05 34.83
CA LYS B 293 7.07 12.36 34.79
C LYS B 293 6.76 13.80 35.24
N PHE B 294 6.79 14.79 34.33
CA PHE B 294 6.49 16.22 34.61
C PHE B 294 5.50 16.80 33.60
N PRO B 295 4.71 17.83 34.01
CA PRO B 295 3.62 18.36 33.20
C PRO B 295 4.11 19.19 32.00
N GLY B 296 4.24 18.55 30.84
CA GLY B 296 4.79 19.17 29.62
C GLY B 296 3.70 19.76 28.73
N VAL B 297 3.95 20.93 28.16
CA VAL B 297 3.15 21.49 27.03
C VAL B 297 4.10 21.91 25.91
N LEU B 298 3.79 21.49 24.68
CA LEU B 298 4.69 21.61 23.49
C LEU B 298 4.20 22.77 22.62
N ILE B 299 5.00 23.84 22.53
CA ILE B 299 4.64 25.10 21.79
C ILE B 299 4.96 24.91 20.31
N ARG B 300 4.43 23.84 19.71
CA ARG B 300 4.56 23.51 18.26
C ARG B 300 3.17 23.20 17.71
N THR B 301 3.04 23.13 16.39
CA THR B 301 1.76 22.98 15.65
C THR B 301 1.74 21.57 15.02
N SER B 302 2.61 20.71 15.53
CA SER B 302 2.83 19.31 15.08
C SER B 302 3.85 18.73 16.06
N THR B 303 3.70 17.44 16.42
CA THR B 303 4.75 16.62 17.09
C THR B 303 5.30 15.66 16.08
N GLU B 304 6.58 15.30 16.23
CA GLU B 304 7.16 14.09 15.58
C GLU B 304 7.13 12.95 16.60
N ARG B 305 6.33 13.09 17.65
CA ARG B 305 6.24 12.14 18.78
C ARG B 305 4.78 11.88 19.12
N PRO B 306 4.01 11.21 18.21
CA PRO B 306 2.62 10.89 18.46
C PRO B 306 2.44 9.72 19.44
N GLU B 307 3.47 8.86 19.60
CA GLU B 307 3.46 7.68 20.51
C GLU B 307 3.10 8.11 21.93
N VAL B 308 3.41 9.37 22.26
CA VAL B 308 3.18 10.00 23.59
C VAL B 308 1.69 10.32 23.76
N LEU B 309 1.07 10.94 22.75
CA LEU B 309 -0.39 11.30 22.71
C LEU B 309 -1.29 10.05 22.80
N ASP B 310 -0.80 8.90 22.31
CA ASP B 310 -1.47 7.56 22.43
C ASP B 310 -1.60 7.18 23.90
N LYS B 311 -0.82 7.82 24.80
CA LYS B 311 -0.61 7.40 26.22
C LYS B 311 -0.92 8.52 27.21
N GLY B 312 -1.22 9.73 26.72
CA GLY B 312 -1.62 10.89 27.54
C GLY B 312 -0.49 11.32 28.45
N THR B 313 0.50 12.01 27.89
CA THR B 313 1.78 12.35 28.52
C THR B 313 2.06 13.83 28.24
N VAL B 314 1.44 14.39 27.21
CA VAL B 314 1.70 15.78 26.76
C VAL B 314 0.43 16.36 26.16
N ILE B 315 0.34 17.69 26.22
CA ILE B 315 -0.70 18.53 25.56
C ILE B 315 0.04 19.46 24.61
N VAL B 316 -0.47 19.64 23.40
CA VAL B 316 0.22 20.40 22.34
C VAL B 316 -0.38 21.80 22.28
N GLY B 317 0.20 22.71 23.05
CA GLY B 317 -0.28 24.10 23.25
C GLY B 317 -0.46 24.86 21.95
N GLY B 318 0.37 24.60 20.95
CA GLY B 318 0.38 25.36 19.69
C GLY B 318 0.93 26.74 19.92
N ILE B 319 0.49 27.72 19.12
CA ILE B 319 0.99 29.13 19.20
C ILE B 319 -0.13 30.11 19.58
N THR B 320 -1.35 29.98 19.02
CA THR B 320 -2.49 30.92 19.31
C THR B 320 -2.57 31.14 20.83
N TYR B 321 -2.35 32.39 21.28
CA TYR B 321 -2.37 32.78 22.71
C TYR B 321 -3.41 31.93 23.45
N ASN B 322 -4.60 31.86 22.87
CA ASN B 322 -5.79 31.25 23.52
C ASN B 322 -5.46 29.81 23.94
N ASN B 323 -5.28 28.92 22.99
CA ASN B 323 -5.08 27.46 23.26
C ASN B 323 -3.88 27.29 24.20
N LEU B 324 -2.82 28.08 24.03
CA LEU B 324 -1.58 27.98 24.83
C LEU B 324 -1.95 27.98 26.31
N ILE B 325 -2.55 29.08 26.75
CA ILE B 325 -3.17 29.27 28.09
C ILE B 325 -3.95 28.01 28.48
N GLN B 326 -5.07 27.76 27.79
CA GLN B 326 -6.03 26.66 28.10
C GLN B 326 -5.28 25.36 28.40
N SER B 327 -4.27 25.07 27.58
CA SER B 327 -3.40 23.87 27.67
C SER B 327 -2.61 23.90 28.99
N VAL B 328 -2.05 25.07 29.35
CA VAL B 328 -1.22 25.26 30.58
C VAL B 328 -2.10 25.11 31.81
N GLU B 329 -3.37 25.54 31.71
CA GLU B 329 -4.41 25.25 32.73
C GLU B 329 -4.57 23.73 32.77
N LEU B 330 -5.27 23.15 31.79
CA LEU B 330 -5.49 21.68 31.66
C LEU B 330 -4.36 20.93 32.39
N ALA B 331 -3.12 21.28 32.05
CA ALA B 331 -1.88 20.62 32.50
C ALA B 331 -1.77 20.62 34.02
N ARG B 332 -1.72 21.80 34.63
CA ARG B 332 -1.65 21.94 36.10
C ARG B 332 -2.89 21.20 36.63
N GLU B 333 -4.07 21.63 36.22
CA GLU B 333 -5.35 21.13 36.77
C GLU B 333 -5.26 19.60 36.85
N MET B 334 -4.84 18.97 35.75
CA MET B 334 -4.88 17.50 35.60
C MET B 334 -3.82 16.85 36.51
N GLN B 335 -2.73 17.57 36.85
CA GLN B 335 -1.69 17.04 37.76
C GLN B 335 -2.14 17.25 39.22
N ASN B 336 -2.84 18.36 39.51
CA ASN B 336 -3.45 18.61 40.85
C ASN B 336 -4.48 17.52 41.14
N ASN B 337 -4.89 16.75 40.13
CA ASN B 337 -5.87 15.64 40.27
C ASN B 337 -5.15 14.28 40.35
N ASN B 338 -3.81 14.25 40.32
CA ASN B 338 -2.99 13.01 40.48
C ASN B 338 -3.30 12.02 39.34
N GLU B 339 -3.67 12.53 38.14
CA GLU B 339 -4.06 11.71 36.95
C GLU B 339 -2.80 11.04 36.38
N PRO B 340 -2.92 9.82 35.76
CA PRO B 340 -1.75 8.97 35.55
C PRO B 340 -0.86 9.47 34.40
N MET B 341 0.46 9.55 34.65
CA MET B 341 1.52 9.74 33.61
C MET B 341 2.06 8.36 33.25
N ILE B 342 1.70 7.87 32.06
CA ILE B 342 1.89 6.45 31.64
C ILE B 342 3.02 6.36 30.62
N ASP B 343 3.96 5.44 30.84
CA ASP B 343 5.19 5.30 30.02
C ASP B 343 4.80 4.96 28.59
N ALA B 344 5.53 5.50 27.60
CA ALA B 344 5.42 5.14 26.17
C ALA B 344 6.13 3.80 25.92
N ILE B 345 5.67 3.05 24.91
CA ILE B 345 5.95 1.58 24.81
C ILE B 345 7.33 1.39 24.19
N ASP B 346 7.78 2.32 23.33
CA ASP B 346 9.11 2.27 22.68
C ASP B 346 10.09 3.12 23.47
N TYR B 347 9.75 3.51 24.69
CA TYR B 347 10.65 4.26 25.61
C TYR B 347 11.16 3.37 26.74
N LYS B 348 10.68 2.13 26.84
CA LYS B 348 10.89 1.31 28.06
C LYS B 348 12.34 0.81 28.09
N ASP B 349 12.74 -0.01 27.11
CA ASP B 349 14.11 -0.59 26.96
C ASP B 349 15.18 0.49 27.17
N THR B 350 16.33 0.11 27.75
CA THR B 350 17.44 1.03 28.12
C THR B 350 18.81 0.47 27.68
N ASN B 351 18.81 -0.48 26.73
CA ASN B 351 20.05 -1.04 26.11
C ASN B 351 20.19 -0.56 24.66
N VAL B 352 19.59 0.60 24.31
CA VAL B 352 19.66 1.15 22.92
C VAL B 352 21.12 1.10 22.47
N SER B 353 22.03 1.53 23.35
CA SER B 353 23.50 1.56 23.14
C SER B 353 23.99 0.27 22.47
N THR B 354 23.74 -0.88 23.10
CA THR B 354 24.28 -2.20 22.68
C THR B 354 23.42 -2.77 21.56
N LYS B 355 22.13 -2.42 21.51
CA LYS B 355 21.21 -2.82 20.40
C LYS B 355 21.84 -2.44 19.05
N VAL B 356 22.39 -1.22 19.00
CA VAL B 356 23.01 -0.57 17.80
C VAL B 356 24.35 -1.23 17.52
N VAL B 357 25.22 -1.36 18.54
CA VAL B 357 26.50 -2.10 18.41
C VAL B 357 26.19 -3.42 17.71
N LYS B 358 25.19 -4.12 18.18
CA LYS B 358 24.94 -5.50 17.74
C LYS B 358 24.45 -5.44 16.30
N ILE B 359 23.65 -4.45 15.99
CA ILE B 359 23.09 -4.31 14.62
C ILE B 359 24.26 -4.02 13.66
N ILE B 360 25.13 -3.05 14.01
CA ILE B 360 26.32 -2.66 13.20
C ILE B 360 27.17 -3.91 12.86
N GLN B 361 27.66 -4.64 13.87
CA GLN B 361 28.45 -5.90 13.65
C GLN B 361 27.68 -6.86 12.74
N SER B 362 26.38 -7.03 13.01
CA SER B 362 25.47 -7.96 12.28
C SER B 362 25.30 -7.56 10.80
N TYR B 363 25.08 -6.26 10.52
CA TYR B 363 24.46 -5.80 9.24
C TYR B 363 25.42 -5.04 8.32
N LYS B 364 26.55 -4.55 8.85
CA LYS B 364 27.65 -3.93 8.06
C LYS B 364 28.00 -4.85 6.88
N ASP B 365 28.34 -6.12 7.16
CA ASP B 365 28.69 -7.14 6.13
C ASP B 365 27.49 -7.37 5.22
N ILE B 366 26.29 -7.47 5.81
CA ILE B 366 25.05 -7.85 5.06
C ILE B 366 24.78 -6.80 3.98
N ILE B 367 24.72 -5.52 4.33
CA ILE B 367 24.62 -4.37 3.38
C ILE B 367 25.69 -4.48 2.29
N ASN B 368 26.96 -4.70 2.67
CA ASN B 368 28.12 -4.77 1.73
C ASN B 368 27.90 -5.89 0.71
N ARG B 369 27.26 -7.00 1.08
CA ARG B 369 26.92 -8.15 0.18
C ARG B 369 25.70 -7.79 -0.68
N ASN B 370 24.58 -7.42 -0.05
CA ASN B 370 23.27 -7.15 -0.72
C ASN B 370 23.37 -5.88 -1.59
N THR B 371 23.66 -4.74 -0.99
CA THR B 371 23.58 -3.42 -1.66
C THR B 371 24.73 -3.27 -2.65
N TRP B 372 25.94 -3.64 -2.24
CA TRP B 372 27.19 -3.26 -2.95
C TRP B 372 27.86 -4.48 -3.58
N ARG B 373 27.36 -5.69 -3.30
CA ARG B 373 27.72 -6.98 -3.98
C ARG B 373 29.25 -7.21 -3.94
N LYS B 374 29.81 -7.43 -2.76
CA LYS B 374 31.26 -7.69 -2.60
C LYS B 374 31.47 -9.08 -1.98
N MET C 1 26.82 -21.05 -32.92
CA MET C 1 26.00 -19.93 -32.33
C MET C 1 25.63 -20.27 -30.87
N GLU C 2 25.02 -21.45 -30.64
CA GLU C 2 24.16 -21.79 -29.47
C GLU C 2 22.96 -20.83 -29.46
N LYS C 3 21.81 -21.29 -29.00
CA LYS C 3 20.61 -20.43 -28.76
C LYS C 3 20.09 -20.73 -27.36
N LEU C 4 19.16 -19.90 -26.89
CA LEU C 4 18.58 -20.09 -25.54
C LEU C 4 17.68 -21.33 -25.61
N LYS C 5 17.78 -22.22 -24.62
CA LYS C 5 17.01 -23.47 -24.56
C LYS C 5 15.76 -23.20 -23.72
N LEU C 6 14.59 -23.10 -24.37
CA LEU C 6 13.30 -22.80 -23.71
C LEU C 6 12.43 -24.06 -23.68
N MET C 7 12.13 -24.60 -22.51
CA MET C 7 11.04 -25.60 -22.31
C MET C 7 9.68 -24.87 -22.22
N THR C 8 8.72 -25.21 -23.07
CA THR C 8 7.34 -24.67 -23.02
C THR C 8 6.40 -25.79 -22.57
N ILE C 9 5.87 -25.74 -21.35
CA ILE C 9 5.00 -26.81 -20.79
C ILE C 9 3.51 -26.43 -20.97
N VAL C 10 2.69 -27.38 -21.48
CA VAL C 10 1.23 -27.21 -21.79
C VAL C 10 0.42 -28.42 -21.28
N GLY C 11 -0.92 -28.30 -21.26
CA GLY C 11 -1.84 -29.29 -20.65
C GLY C 11 -3.21 -29.33 -21.32
N THR C 12 -3.97 -28.25 -21.19
CA THR C 12 -5.35 -28.14 -21.74
C THR C 12 -5.30 -27.47 -23.11
N ARG C 13 -6.38 -27.56 -23.89
CA ARG C 13 -6.42 -27.07 -25.29
C ARG C 13 -6.34 -25.55 -25.30
N PRO C 14 -7.18 -24.83 -24.52
CA PRO C 14 -7.13 -23.37 -24.50
C PRO C 14 -5.71 -22.83 -24.22
N GLU C 15 -4.94 -23.50 -23.35
CA GLU C 15 -3.50 -23.23 -23.10
C GLU C 15 -2.75 -23.24 -24.45
N ILE C 16 -3.02 -24.20 -25.31
CA ILE C 16 -2.20 -24.47 -26.53
C ILE C 16 -2.57 -23.45 -27.61
N ILE C 17 -3.84 -23.03 -27.64
CA ILE C 17 -4.35 -22.03 -28.62
C ILE C 17 -3.68 -20.68 -28.34
N ARG C 18 -3.78 -20.18 -27.10
CA ARG C 18 -3.23 -18.86 -26.68
C ARG C 18 -1.71 -18.84 -26.93
N LEU C 19 -1.03 -19.95 -26.60
CA LEU C 19 0.43 -20.09 -26.79
C LEU C 19 0.78 -20.28 -28.28
N SER C 20 -0.22 -20.53 -29.14
CA SER C 20 -0.01 -20.96 -30.55
C SER C 20 0.95 -19.98 -31.26
N SER C 21 0.57 -18.70 -31.34
CA SER C 21 1.37 -17.62 -31.96
C SER C 21 2.73 -17.53 -31.27
N THR C 22 2.74 -17.54 -29.93
CA THR C 22 3.94 -17.36 -29.08
C THR C 22 4.91 -18.54 -29.24
N ILE C 23 4.41 -19.77 -29.39
CA ILE C 23 5.26 -21.01 -29.48
C ILE C 23 6.01 -20.99 -30.82
N LYS C 24 5.26 -20.76 -31.91
CA LYS C 24 5.78 -20.75 -33.31
C LYS C 24 6.99 -19.80 -33.39
N ALA C 25 6.99 -18.75 -32.56
CA ALA C 25 8.01 -17.68 -32.47
C ALA C 25 9.26 -18.18 -31.73
N CYS C 26 9.10 -18.74 -30.54
CA CYS C 26 10.22 -19.32 -29.73
C CYS C 26 10.91 -20.42 -30.53
N ASP C 27 10.18 -21.12 -31.40
CA ASP C 27 10.76 -22.11 -32.35
C ASP C 27 11.70 -21.37 -33.31
N GLN C 28 11.24 -20.26 -33.89
CA GLN C 28 11.99 -19.39 -34.86
C GLN C 28 13.31 -18.91 -34.26
N TYR C 29 13.30 -18.49 -32.99
CA TYR C 29 14.38 -17.67 -32.38
C TYR C 29 15.13 -18.42 -31.26
N PHE C 30 14.60 -19.55 -30.78
CA PHE C 30 15.20 -20.32 -29.65
C PHE C 30 15.33 -21.81 -30.00
N ASN C 31 15.90 -22.55 -29.06
CA ASN C 31 15.89 -24.03 -29.00
C ASN C 31 14.72 -24.49 -28.10
N GLN C 32 13.50 -24.51 -28.63
CA GLN C 32 12.24 -24.76 -27.85
C GLN C 32 11.97 -26.27 -27.73
N ILE C 33 11.74 -26.76 -26.50
CA ILE C 33 11.41 -28.18 -26.16
C ILE C 33 9.99 -28.23 -25.59
N LEU C 34 8.98 -28.42 -26.44
CA LEU C 34 7.53 -28.30 -26.09
C LEU C 34 7.08 -29.60 -25.41
N VAL C 35 6.47 -29.51 -24.23
CA VAL C 35 6.11 -30.67 -23.36
C VAL C 35 4.63 -30.62 -23.00
N HIS C 36 3.93 -31.72 -23.20
CA HIS C 36 2.49 -31.90 -22.88
C HIS C 36 2.41 -32.84 -21.66
N THR C 37 1.54 -32.54 -20.70
CA THR C 37 1.45 -33.24 -19.38
C THR C 37 0.60 -34.51 -19.53
N GLY C 38 -0.45 -34.46 -20.36
CA GLY C 38 -1.39 -35.57 -20.63
C GLY C 38 -0.77 -36.70 -21.45
N GLN C 39 -1.59 -37.61 -22.00
CA GLN C 39 -1.15 -38.85 -22.69
C GLN C 39 -1.24 -38.68 -24.21
N ASN C 40 -0.31 -39.27 -24.96
CA ASN C 40 -0.29 -39.28 -26.46
C ASN C 40 -0.91 -40.58 -26.98
N TYR C 41 -0.92 -41.64 -26.16
CA TYR C 41 -1.26 -43.02 -26.57
C TYR C 41 -2.68 -43.10 -27.18
N ASP C 42 -3.31 -41.95 -27.49
CA ASP C 42 -4.45 -41.86 -28.43
C ASP C 42 -4.08 -41.00 -29.65
N TYR C 43 -2.77 -40.88 -29.93
CA TYR C 43 -2.16 -40.43 -31.21
C TYR C 43 -3.08 -39.47 -31.96
N THR C 44 -4.08 -39.99 -32.66
CA THR C 44 -4.86 -39.30 -33.72
C THR C 44 -5.22 -37.88 -33.27
N LEU C 45 -6.15 -37.78 -32.32
CA LEU C 45 -6.79 -36.55 -31.79
C LEU C 45 -5.72 -35.53 -31.37
N ASN C 46 -4.82 -35.93 -30.48
CA ASN C 46 -3.63 -35.16 -30.05
C ASN C 46 -2.87 -34.61 -31.26
N GLN C 47 -3.28 -35.02 -32.47
CA GLN C 47 -2.57 -34.71 -33.75
C GLN C 47 -3.56 -34.16 -34.80
N ILE C 48 -4.87 -34.27 -34.59
CA ILE C 48 -5.88 -33.61 -35.47
C ILE C 48 -6.12 -32.21 -34.90
N PHE C 49 -5.93 -32.08 -33.58
CA PHE C 49 -5.95 -30.79 -32.84
C PHE C 49 -4.87 -29.86 -33.42
N PHE C 50 -3.61 -30.28 -33.29
CA PHE C 50 -2.40 -29.50 -33.66
C PHE C 50 -2.44 -29.18 -35.16
N ASP C 51 -2.98 -30.10 -35.97
CA ASP C 51 -2.99 -30.02 -37.45
C ASP C 51 -3.73 -28.77 -37.88
N ASP C 52 -5.03 -28.69 -37.62
CA ASP C 52 -5.82 -27.51 -38.03
C ASP C 52 -5.60 -26.44 -36.95
N LEU C 53 -4.58 -25.58 -37.16
CA LEU C 53 -3.94 -24.64 -36.18
C LEU C 53 -2.43 -24.53 -36.52
N GLU C 54 -1.86 -25.58 -37.13
CA GLU C 54 -0.54 -25.58 -37.81
C GLU C 54 0.57 -25.49 -36.77
N LEU C 55 0.29 -25.82 -35.51
CA LEU C 55 1.31 -25.99 -34.44
C LEU C 55 2.03 -27.32 -34.63
N ARG C 56 3.34 -27.33 -34.38
CA ARG C 56 4.21 -28.54 -34.41
C ARG C 56 3.82 -29.51 -33.28
N GLN C 57 4.34 -30.73 -33.33
CA GLN C 57 4.09 -31.83 -32.35
C GLN C 57 5.04 -31.66 -31.16
N PRO C 58 4.54 -31.81 -29.92
CA PRO C 58 5.38 -31.71 -28.73
C PRO C 58 6.54 -32.72 -28.68
N ASP C 59 7.75 -32.27 -28.36
CA ASP C 59 8.96 -33.13 -28.29
C ASP C 59 8.70 -34.27 -27.30
N HIS C 60 7.81 -34.08 -26.31
CA HIS C 60 7.62 -34.98 -25.12
C HIS C 60 6.18 -34.93 -24.57
N TYR C 61 5.64 -36.07 -24.13
CA TYR C 61 4.31 -36.22 -23.47
C TYR C 61 4.47 -36.97 -22.15
N LEU C 62 3.95 -36.42 -21.05
CA LEU C 62 4.41 -36.80 -19.69
C LEU C 62 3.56 -37.95 -19.15
N GLU C 63 2.52 -38.36 -19.90
CA GLU C 63 1.59 -39.46 -19.51
C GLU C 63 1.54 -39.47 -17.98
N ALA C 64 1.28 -38.30 -17.39
CA ALA C 64 0.80 -38.10 -16.01
C ALA C 64 -0.72 -38.08 -16.09
N VAL C 65 -1.37 -37.96 -14.94
CA VAL C 65 -2.82 -38.23 -14.68
C VAL C 65 -2.96 -39.61 -14.04
N GLY C 66 -3.77 -39.69 -12.98
CA GLY C 66 -3.90 -40.84 -12.06
C GLY C 66 -5.33 -41.05 -11.64
N SER C 67 -5.55 -41.88 -10.63
CA SER C 67 -6.88 -42.30 -10.11
C SER C 67 -7.74 -41.08 -9.73
N ASN C 68 -7.13 -40.10 -9.06
CA ASN C 68 -7.81 -38.87 -8.54
C ASN C 68 -6.91 -37.66 -8.73
N LEU C 69 -7.52 -36.47 -8.90
CA LEU C 69 -6.87 -35.16 -8.62
C LEU C 69 -6.27 -35.25 -7.21
N GLY C 70 -4.95 -35.14 -7.11
CA GLY C 70 -4.21 -35.49 -5.88
C GLY C 70 -3.08 -36.43 -6.21
N GLU C 71 -3.40 -37.56 -6.84
CA GLU C 71 -2.38 -38.43 -7.49
C GLU C 71 -1.85 -37.73 -8.74
N THR C 72 -2.75 -37.14 -9.54
CA THR C 72 -2.45 -36.54 -10.87
C THR C 72 -1.71 -35.20 -10.67
N MET C 73 -2.17 -34.32 -9.76
CA MET C 73 -1.42 -33.12 -9.29
C MET C 73 0.05 -33.49 -9.05
N GLY C 74 0.29 -34.45 -8.15
CA GLY C 74 1.63 -34.87 -7.68
C GLY C 74 2.44 -35.55 -8.78
N ASN C 75 1.76 -36.19 -9.74
CA ASN C 75 2.39 -36.84 -10.93
C ASN C 75 3.01 -35.74 -11.79
N ILE C 76 2.31 -34.63 -12.02
CA ILE C 76 2.83 -33.45 -12.79
C ILE C 76 4.12 -32.90 -12.14
N ILE C 77 4.11 -32.64 -10.83
CA ILE C 77 5.32 -32.11 -10.13
C ILE C 77 6.51 -33.05 -10.41
N ALA C 78 6.37 -34.33 -10.12
CA ALA C 78 7.47 -35.33 -10.15
C ALA C 78 7.89 -35.64 -11.61
N LYS C 79 6.94 -35.79 -12.54
CA LYS C 79 7.24 -36.08 -13.98
C LYS C 79 7.87 -34.84 -14.63
N THR C 80 7.27 -33.67 -14.38
CA THR C 80 7.78 -32.32 -14.74
C THR C 80 9.19 -32.14 -14.18
N TYR C 81 9.33 -32.34 -12.87
CA TYR C 81 10.62 -32.17 -12.16
C TYR C 81 11.69 -32.92 -12.94
N ASP C 82 11.32 -34.08 -13.51
CA ASP C 82 12.27 -35.00 -14.18
C ASP C 82 12.58 -34.43 -15.58
N VAL C 83 11.57 -34.14 -16.41
CA VAL C 83 11.78 -33.63 -17.81
C VAL C 83 12.70 -32.40 -17.76
N LEU C 84 12.52 -31.53 -16.76
CA LEU C 84 13.39 -30.33 -16.52
C LEU C 84 14.84 -30.77 -16.29
N LEU C 85 15.07 -31.70 -15.33
CA LEU C 85 16.41 -32.15 -14.90
C LEU C 85 17.17 -32.79 -16.08
N ARG C 86 16.48 -33.54 -16.94
CA ARG C 86 17.08 -34.19 -18.13
C ARG C 86 17.54 -33.10 -19.10
N GLU C 87 16.60 -32.30 -19.63
CA GLU C 87 16.83 -31.40 -20.78
C GLU C 87 17.72 -30.23 -20.37
N GLN C 88 17.92 -30.03 -19.05
CA GLN C 88 18.64 -28.85 -18.48
C GLN C 88 18.38 -27.66 -19.40
N PRO C 89 17.15 -27.09 -19.38
CA PRO C 89 16.82 -25.92 -20.18
C PRO C 89 17.30 -24.66 -19.47
N ASP C 90 17.26 -23.51 -20.16
CA ASP C 90 17.65 -22.18 -19.63
C ASP C 90 16.49 -21.55 -18.85
N ALA C 91 15.24 -21.80 -19.29
CA ALA C 91 14.04 -21.10 -18.79
C ALA C 91 12.77 -21.91 -19.06
N LEU C 92 11.70 -21.58 -18.34
CA LEU C 92 10.38 -22.26 -18.43
C LEU C 92 9.36 -21.23 -18.93
N LEU C 93 8.58 -21.58 -19.95
CA LEU C 93 7.41 -20.77 -20.42
C LEU C 93 6.13 -21.50 -20.03
N ILE C 94 5.20 -20.78 -19.44
CA ILE C 94 3.94 -21.31 -18.87
C ILE C 94 2.81 -20.33 -19.19
N LEU C 95 1.63 -20.84 -19.50
CA LEU C 95 0.39 -20.04 -19.65
C LEU C 95 -0.58 -20.48 -18.55
N GLY C 96 -1.13 -19.51 -17.81
CA GLY C 96 -2.42 -19.65 -17.10
C GLY C 96 -2.32 -20.43 -15.81
N ASP C 97 -3.37 -21.21 -15.52
CA ASP C 97 -3.78 -21.67 -14.15
C ASP C 97 -4.35 -23.09 -14.20
N THR C 98 -3.97 -23.88 -15.22
CA THR C 98 -4.25 -25.34 -15.33
C THR C 98 -3.27 -26.07 -14.39
N ASN C 99 -3.47 -27.37 -14.14
CA ASN C 99 -2.64 -28.12 -13.17
C ASN C 99 -1.23 -28.30 -13.77
N SER C 100 -1.11 -28.14 -15.11
CA SER C 100 0.17 -28.21 -15.87
C SER C 100 1.26 -27.36 -15.22
N CYS C 101 0.92 -26.14 -14.85
CA CYS C 101 1.90 -25.09 -14.49
C CYS C 101 2.18 -25.13 -12.98
N LEU C 102 2.07 -26.30 -12.35
CA LEU C 102 2.74 -26.61 -11.07
C LEU C 102 4.19 -26.98 -11.39
N ALA C 103 4.43 -27.21 -12.68
CA ALA C 103 5.77 -27.39 -13.31
C ALA C 103 6.76 -26.35 -12.77
N ALA C 104 6.26 -25.13 -12.50
CA ALA C 104 7.00 -24.02 -11.89
C ALA C 104 7.65 -24.49 -10.57
N VAL C 105 6.84 -25.05 -9.67
CA VAL C 105 7.27 -25.51 -8.33
C VAL C 105 8.54 -26.37 -8.44
N SER C 106 8.62 -27.17 -9.52
CA SER C 106 9.76 -28.03 -9.89
C SER C 106 10.89 -27.15 -10.43
N ALA C 107 10.64 -26.45 -11.53
CA ALA C 107 11.62 -25.54 -12.19
C ALA C 107 12.28 -24.65 -11.13
N LYS C 108 11.45 -23.97 -10.34
CA LYS C 108 11.86 -23.05 -9.25
C LYS C 108 12.89 -23.74 -8.34
N ARG C 109 12.67 -25.01 -7.98
CA ARG C 109 13.62 -25.79 -7.12
C ARG C 109 14.94 -25.92 -7.87
N LEU C 110 14.86 -26.39 -9.11
CA LEU C 110 16.03 -26.60 -10.00
C LEU C 110 16.55 -25.25 -10.51
N LYS C 111 16.11 -24.14 -9.89
CA LYS C 111 16.61 -22.78 -10.15
C LYS C 111 16.59 -22.52 -11.65
N ILE C 112 15.40 -22.63 -12.25
CA ILE C 112 15.13 -22.31 -13.68
C ILE C 112 14.16 -21.13 -13.73
N PRO C 113 14.63 -20.01 -14.31
CA PRO C 113 13.76 -18.85 -14.52
C PRO C 113 12.41 -19.26 -15.13
N VAL C 114 11.34 -19.07 -14.39
CA VAL C 114 9.95 -19.26 -14.91
C VAL C 114 9.41 -17.96 -15.51
N PHE C 115 9.00 -18.00 -16.78
CA PHE C 115 8.15 -16.94 -17.41
C PHE C 115 6.72 -17.47 -17.52
N HIS C 116 5.77 -16.71 -16.98
CA HIS C 116 4.39 -17.16 -16.70
C HIS C 116 3.43 -16.16 -17.31
N MET C 117 2.99 -16.40 -18.55
CA MET C 117 1.91 -15.59 -19.18
C MET C 117 0.56 -15.81 -18.45
N GLU C 118 -0.47 -15.06 -18.85
CA GLU C 118 -1.81 -14.90 -18.18
C GLU C 118 -1.66 -14.83 -16.66
N ALA C 119 -0.71 -14.04 -16.18
CA ALA C 119 -0.49 -13.78 -14.75
C ALA C 119 -1.54 -12.78 -14.25
N GLY C 120 -1.64 -12.65 -12.93
CA GLY C 120 -2.52 -11.68 -12.26
C GLY C 120 -3.97 -11.84 -12.68
N ASN C 121 -4.39 -13.04 -13.09
CA ASN C 121 -5.81 -13.40 -13.37
C ASN C 121 -6.54 -13.54 -12.05
N ARG C 122 -7.51 -12.66 -11.76
CA ARG C 122 -8.25 -12.64 -10.48
C ARG C 122 -9.69 -12.25 -10.78
N CYS C 123 -10.63 -13.09 -10.33
CA CYS C 123 -12.10 -12.84 -10.32
C CYS C 123 -12.60 -12.69 -8.88
N PHE C 124 -11.73 -12.89 -7.90
CA PHE C 124 -12.01 -12.62 -6.47
C PHE C 124 -13.19 -13.48 -6.00
N ASP C 125 -13.30 -14.71 -6.49
CA ASP C 125 -14.23 -15.74 -5.91
C ASP C 125 -13.42 -17.02 -5.71
N GLN C 126 -13.10 -17.31 -4.45
CA GLN C 126 -12.27 -18.47 -4.07
C GLN C 126 -13.07 -19.76 -4.29
N ASN C 127 -14.42 -19.67 -4.34
CA ASN C 127 -15.36 -20.75 -4.75
C ASN C 127 -14.94 -21.31 -6.12
N VAL C 128 -14.35 -20.46 -6.97
CA VAL C 128 -13.96 -20.77 -8.38
C VAL C 128 -12.61 -21.47 -8.37
N PRO C 129 -12.53 -22.73 -8.86
CA PRO C 129 -11.39 -23.59 -8.56
C PRO C 129 -10.06 -23.06 -9.12
N GLU C 130 -10.12 -22.25 -10.19
CA GLU C 130 -8.91 -21.67 -10.83
C GLU C 130 -8.12 -20.89 -9.78
N GLU C 131 -8.81 -20.01 -9.02
CA GLU C 131 -8.19 -19.06 -8.05
C GLU C 131 -7.26 -19.78 -7.07
N ILE C 132 -7.35 -21.11 -6.93
CA ILE C 132 -6.38 -21.88 -6.09
C ILE C 132 -5.02 -21.83 -6.79
N ASN C 133 -4.91 -22.48 -7.96
CA ASN C 133 -3.64 -22.52 -8.74
C ASN C 133 -3.18 -21.10 -9.12
N ARG C 134 -4.07 -20.11 -9.21
CA ARG C 134 -3.77 -18.73 -9.71
C ARG C 134 -2.74 -18.09 -8.76
N LYS C 135 -3.12 -17.83 -7.51
CA LYS C 135 -2.24 -17.37 -6.40
C LYS C 135 -0.88 -18.12 -6.41
N ILE C 136 -0.89 -19.45 -6.36
CA ILE C 136 0.33 -20.32 -6.20
C ILE C 136 1.37 -20.01 -7.30
N VAL C 137 1.01 -20.17 -8.57
CA VAL C 137 1.94 -20.13 -9.74
C VAL C 137 2.43 -18.68 -9.96
N ASP C 138 1.52 -17.70 -9.89
CA ASP C 138 1.86 -16.26 -9.99
C ASP C 138 3.08 -16.01 -9.08
N HIS C 139 3.03 -16.50 -7.83
CA HIS C 139 3.96 -16.13 -6.72
C HIS C 139 5.21 -17.00 -6.68
N VAL C 140 5.24 -18.10 -7.43
CA VAL C 140 6.44 -18.99 -7.50
C VAL C 140 7.25 -18.60 -8.76
N SER C 141 6.58 -18.25 -9.86
CA SER C 141 7.22 -17.72 -11.10
C SER C 141 8.17 -16.55 -10.78
N ASP C 142 9.13 -16.30 -11.66
CA ASP C 142 10.27 -15.36 -11.46
C ASP C 142 10.01 -14.09 -12.28
N VAL C 143 9.34 -14.23 -13.43
CA VAL C 143 8.83 -13.11 -14.28
C VAL C 143 7.36 -13.35 -14.55
N ASN C 144 6.48 -12.42 -14.19
CA ASN C 144 5.02 -12.49 -14.42
C ASN C 144 4.66 -11.61 -15.63
N LEU C 145 4.03 -12.20 -16.64
CA LEU C 145 3.63 -11.51 -17.89
C LEU C 145 2.11 -11.44 -17.95
N PRO C 146 1.52 -10.46 -17.25
CA PRO C 146 0.07 -10.30 -17.23
C PRO C 146 -0.47 -9.69 -18.53
N TYR C 147 -1.60 -10.17 -19.06
CA TYR C 147 -2.24 -9.65 -20.29
C TYR C 147 -2.47 -8.14 -20.18
N THR C 148 -2.97 -7.66 -19.03
CA THR C 148 -3.48 -6.28 -18.88
C THR C 148 -2.81 -5.51 -17.74
N GLU C 149 -2.99 -4.21 -17.78
CA GLU C 149 -2.56 -3.29 -16.70
C GLU C 149 -3.33 -3.68 -15.43
N HIS C 150 -4.57 -4.16 -15.55
CA HIS C 150 -5.38 -4.58 -14.38
C HIS C 150 -4.56 -5.64 -13.61
N SER C 151 -4.16 -6.69 -14.32
CA SER C 151 -3.45 -7.86 -13.75
C SER C 151 -2.09 -7.45 -13.17
N ARG C 152 -1.44 -6.44 -13.75
CA ARG C 152 -0.22 -5.83 -13.13
C ARG C 152 -0.63 -5.22 -11.79
N ARG C 153 -1.61 -4.32 -11.80
CA ARG C 153 -2.09 -3.64 -10.57
C ARG C 153 -2.33 -4.73 -9.52
N TYR C 154 -3.06 -5.79 -9.86
CA TYR C 154 -3.38 -6.91 -8.93
C TYR C 154 -2.06 -7.40 -8.30
N LEU C 155 -1.09 -7.77 -9.14
CA LEU C 155 0.20 -8.39 -8.76
C LEU C 155 1.02 -7.48 -7.85
N LEU C 156 1.19 -6.20 -8.23
CA LEU C 156 2.00 -5.23 -7.44
C LEU C 156 1.43 -5.18 -6.01
N ASP C 157 0.12 -5.36 -5.88
CA ASP C 157 -0.62 -5.19 -4.62
C ASP C 157 -0.48 -6.45 -3.76
N GLU C 158 -0.24 -7.59 -4.40
CA GLU C 158 0.24 -8.82 -3.74
C GLU C 158 1.76 -8.72 -3.56
N GLY C 159 2.30 -7.50 -3.61
CA GLY C 159 3.74 -7.19 -3.43
C GLY C 159 4.67 -8.17 -4.14
N PHE C 160 4.43 -8.47 -5.42
CA PHE C 160 5.40 -9.17 -6.31
C PHE C 160 6.43 -8.15 -6.81
N ASN C 161 7.58 -8.61 -7.30
CA ASN C 161 8.75 -7.75 -7.64
C ASN C 161 8.43 -6.83 -8.83
N LYS C 162 7.98 -5.59 -8.54
CA LYS C 162 7.96 -4.39 -9.44
C LYS C 162 8.69 -4.61 -10.77
N ALA C 163 9.96 -5.04 -10.68
CA ALA C 163 10.97 -4.98 -11.76
C ALA C 163 10.79 -6.10 -12.78
N ASN C 164 10.00 -7.13 -12.43
CA ASN C 164 9.76 -8.34 -13.26
C ASN C 164 8.26 -8.51 -13.53
N ILE C 165 7.59 -7.42 -13.87
CA ILE C 165 6.20 -7.43 -14.39
C ILE C 165 6.21 -6.69 -15.71
N PHE C 166 5.81 -7.37 -16.79
CA PHE C 166 5.66 -6.80 -18.15
C PHE C 166 4.27 -7.14 -18.66
N VAL C 167 3.59 -6.17 -19.24
CA VAL C 167 2.21 -6.39 -19.75
C VAL C 167 2.32 -6.70 -21.24
N THR C 168 2.19 -8.00 -21.58
CA THR C 168 2.27 -8.56 -22.95
C THR C 168 1.11 -8.03 -23.80
N GLY C 169 -0.06 -7.78 -23.18
CA GLY C 169 -1.35 -7.67 -23.89
C GLY C 169 -1.95 -9.04 -24.03
N SER C 170 -3.21 -9.17 -24.45
CA SER C 170 -3.85 -10.50 -24.70
C SER C 170 -3.23 -11.10 -25.95
N PRO C 171 -2.93 -12.42 -25.91
CA PRO C 171 -2.35 -13.10 -27.05
C PRO C 171 -3.42 -13.53 -28.05
N MET C 172 -4.70 -13.25 -27.77
CA MET C 172 -5.82 -13.70 -28.65
C MET C 172 -5.86 -12.84 -29.91
N THR C 173 -5.87 -11.51 -29.78
CA THR C 173 -5.89 -10.56 -30.93
C THR C 173 -4.85 -10.97 -31.98
N GLU C 174 -3.74 -11.58 -31.55
CA GLU C 174 -2.69 -12.10 -32.46
C GLU C 174 -3.13 -13.47 -33.03
N VAL C 175 -3.36 -14.46 -32.18
CA VAL C 175 -3.82 -15.82 -32.59
C VAL C 175 -4.96 -15.66 -33.61
N ILE C 176 -5.85 -14.70 -33.39
CA ILE C 176 -7.11 -14.52 -34.18
C ILE C 176 -6.80 -13.85 -35.54
N GLU C 177 -5.80 -12.96 -35.60
CA GLU C 177 -5.32 -12.36 -36.88
C GLU C 177 -4.62 -13.45 -37.71
N ALA C 178 -3.87 -14.32 -37.03
CA ALA C 178 -3.00 -15.33 -37.67
C ALA C 178 -3.84 -16.40 -38.36
N HIS C 179 -5.15 -16.43 -38.06
CA HIS C 179 -6.15 -17.36 -38.66
C HIS C 179 -7.37 -16.57 -39.13
N ARG C 180 -7.20 -15.39 -39.73
CA ARG C 180 -8.33 -14.45 -40.00
C ARG C 180 -9.10 -14.89 -41.25
N ASP C 181 -8.38 -15.46 -42.22
CA ASP C 181 -8.93 -15.94 -43.51
C ASP C 181 -9.63 -17.27 -43.25
N LYS C 182 -8.92 -18.23 -42.64
CA LYS C 182 -9.45 -19.55 -42.19
C LYS C 182 -10.83 -19.41 -41.51
N ILE C 183 -11.14 -18.21 -40.99
CA ILE C 183 -12.43 -17.90 -40.34
C ILE C 183 -13.42 -17.45 -41.42
N ASN C 184 -13.04 -16.42 -42.19
CA ASN C 184 -13.96 -15.67 -43.08
C ASN C 184 -14.26 -16.46 -44.35
N HIS C 185 -13.34 -17.35 -44.76
CA HIS C 185 -13.52 -18.38 -45.83
C HIS C 185 -13.83 -19.74 -45.17
N SER C 186 -14.79 -19.79 -44.23
CA SER C 186 -15.20 -21.01 -43.49
C SER C 186 -16.68 -21.31 -43.74
N ASP C 187 -17.01 -22.60 -43.76
CA ASP C 187 -18.28 -23.18 -44.28
C ASP C 187 -19.34 -23.21 -43.18
N VAL C 188 -18.90 -23.39 -41.93
CA VAL C 188 -19.72 -23.85 -40.78
C VAL C 188 -21.18 -23.39 -40.91
N LEU C 189 -21.47 -22.30 -41.64
CA LEU C 189 -22.84 -21.74 -41.77
C LEU C 189 -23.61 -22.49 -42.86
N ASN C 190 -22.95 -22.82 -43.96
CA ASN C 190 -23.47 -23.78 -44.98
C ASN C 190 -23.60 -25.16 -44.31
N LYS C 191 -22.49 -25.70 -43.81
CA LYS C 191 -22.42 -27.02 -43.10
C LYS C 191 -23.71 -27.25 -42.28
N LEU C 192 -24.17 -26.27 -41.50
CA LEU C 192 -25.29 -26.44 -40.52
C LEU C 192 -26.59 -25.84 -41.06
N GLY C 193 -26.55 -25.17 -42.21
CA GLY C 193 -27.74 -24.60 -42.86
C GLY C 193 -28.35 -23.49 -42.02
N LEU C 194 -27.56 -22.45 -41.76
CA LEU C 194 -27.99 -21.26 -40.99
C LEU C 194 -27.62 -20.01 -41.79
N GLU C 195 -28.56 -19.05 -41.87
CA GLU C 195 -28.30 -17.66 -42.34
C GLU C 195 -27.65 -16.90 -41.19
N PRO C 196 -26.63 -16.05 -41.45
CA PRO C 196 -26.08 -15.18 -40.40
C PRO C 196 -27.18 -14.39 -39.66
N GLN C 197 -26.94 -14.05 -38.38
CA GLN C 197 -27.80 -13.21 -37.48
C GLN C 197 -29.13 -13.91 -37.18
N GLN C 198 -29.20 -15.22 -37.42
CA GLN C 198 -30.47 -16.00 -37.46
C GLN C 198 -30.44 -17.17 -36.47
N TYR C 199 -29.30 -17.40 -35.79
CA TYR C 199 -29.13 -18.46 -34.76
C TYR C 199 -28.48 -17.87 -33.50
N ILE C 200 -28.95 -18.31 -32.33
CA ILE C 200 -28.31 -18.06 -31.01
C ILE C 200 -27.31 -19.20 -30.74
N LEU C 201 -26.20 -18.91 -30.06
CA LEU C 201 -25.18 -19.91 -29.65
C LEU C 201 -25.12 -19.96 -28.12
N VAL C 202 -25.06 -21.15 -27.54
CA VAL C 202 -24.97 -21.37 -26.07
C VAL C 202 -23.89 -22.42 -25.78
N SER C 203 -22.85 -22.03 -25.07
CA SER C 203 -21.74 -22.90 -24.61
C SER C 203 -21.72 -22.89 -23.08
N ALA C 204 -22.08 -24.00 -22.43
CA ALA C 204 -22.07 -24.14 -20.95
C ALA C 204 -21.28 -25.39 -20.55
N HIS C 205 -19.96 -25.27 -20.43
CA HIS C 205 -19.03 -26.41 -20.19
C HIS C 205 -18.58 -26.45 -18.74
N ARG C 206 -18.38 -25.29 -18.10
CA ARG C 206 -17.97 -25.16 -16.67
C ARG C 206 -18.84 -26.06 -15.78
N GLU C 207 -18.24 -27.00 -15.04
CA GLU C 207 -18.88 -27.63 -13.84
C GLU C 207 -19.28 -26.48 -12.91
N GLU C 208 -20.46 -26.56 -12.29
CA GLU C 208 -21.01 -25.53 -11.35
C GLU C 208 -21.92 -24.56 -12.11
N ASN C 209 -21.81 -24.47 -13.44
CA ASN C 209 -22.89 -23.96 -14.31
C ASN C 209 -23.80 -25.14 -14.67
N ILE C 210 -23.30 -26.37 -14.46
CA ILE C 210 -23.84 -27.67 -14.99
C ILE C 210 -24.13 -28.63 -13.83
N ASP C 211 -23.11 -29.02 -13.06
CA ASP C 211 -23.18 -30.04 -11.99
C ASP C 211 -23.88 -29.49 -10.75
N ASN C 212 -24.21 -28.19 -10.73
CA ASN C 212 -25.05 -27.58 -9.66
C ASN C 212 -26.51 -27.64 -10.10
N GLU C 213 -27.35 -28.29 -9.28
CA GLU C 213 -28.70 -28.79 -9.67
C GLU C 213 -29.65 -27.60 -9.81
N LYS C 214 -29.49 -26.54 -9.02
CA LYS C 214 -30.32 -25.31 -9.13
C LYS C 214 -29.93 -24.54 -10.40
N ASN C 215 -28.63 -24.30 -10.58
CA ASN C 215 -28.09 -23.48 -11.69
C ASN C 215 -28.46 -24.13 -13.01
N PHE C 216 -28.32 -25.46 -13.10
CA PHE C 216 -28.68 -26.28 -14.28
C PHE C 216 -30.14 -25.97 -14.66
N LYS C 217 -31.03 -25.98 -13.67
CA LYS C 217 -32.48 -25.65 -13.81
C LYS C 217 -32.62 -24.33 -14.57
N SER C 218 -32.19 -23.25 -13.94
CA SER C 218 -32.35 -21.86 -14.41
C SER C 218 -31.80 -21.73 -15.84
N LEU C 219 -30.64 -22.31 -16.13
CA LEU C 219 -29.99 -22.16 -17.46
C LEU C 219 -30.87 -22.82 -18.54
N MET C 220 -31.15 -24.11 -18.37
CA MET C 220 -32.01 -24.91 -19.30
C MET C 220 -33.34 -24.19 -19.47
N ASN C 221 -33.97 -23.79 -18.35
CA ASN C 221 -35.19 -22.96 -18.34
C ASN C 221 -35.02 -21.75 -19.25
N ALA C 222 -33.94 -20.98 -19.08
CA ALA C 222 -33.68 -19.69 -19.77
C ALA C 222 -33.37 -19.92 -21.25
N ILE C 223 -32.61 -20.97 -21.59
CA ILE C 223 -32.34 -21.43 -22.99
C ILE C 223 -33.67 -21.75 -23.65
N ASN C 224 -34.59 -22.40 -22.91
CA ASN C 224 -35.97 -22.70 -23.34
C ASN C 224 -36.63 -21.41 -23.84
N ASP C 225 -36.94 -20.50 -22.91
CA ASP C 225 -37.90 -19.38 -23.13
C ASP C 225 -37.18 -18.27 -23.93
N ILE C 226 -35.89 -18.48 -24.24
CA ILE C 226 -35.13 -17.76 -25.31
C ILE C 226 -35.58 -18.30 -26.67
N ALA C 227 -35.46 -19.61 -26.87
CA ALA C 227 -35.81 -20.31 -28.13
C ALA C 227 -37.21 -19.85 -28.58
N LYS C 228 -38.16 -19.82 -27.64
CA LYS C 228 -39.58 -19.45 -27.85
C LYS C 228 -39.71 -17.95 -28.13
N LYS C 229 -39.07 -17.10 -27.33
CA LYS C 229 -39.17 -15.62 -27.42
C LYS C 229 -38.66 -15.16 -28.80
N TYR C 230 -37.49 -15.65 -29.25
CA TYR C 230 -36.80 -15.17 -30.48
C TYR C 230 -37.07 -16.13 -31.65
N LYS C 231 -37.57 -17.34 -31.36
CA LYS C 231 -38.02 -18.32 -32.39
C LYS C 231 -36.95 -18.44 -33.48
N MET C 232 -35.70 -18.67 -33.07
CA MET C 232 -34.59 -19.03 -33.97
C MET C 232 -34.01 -20.34 -33.48
N PRO C 233 -33.16 -21.02 -34.28
CA PRO C 233 -32.38 -22.16 -33.77
C PRO C 233 -31.39 -21.73 -32.67
N VAL C 234 -31.18 -22.58 -31.67
CA VAL C 234 -30.31 -22.31 -30.48
C VAL C 234 -29.23 -23.41 -30.39
N ILE C 235 -28.12 -23.20 -31.09
CA ILE C 235 -26.97 -24.15 -31.27
C ILE C 235 -26.29 -24.37 -29.91
N TYR C 236 -26.71 -25.39 -29.16
CA TYR C 236 -26.25 -25.63 -27.76
C TYR C 236 -24.97 -26.47 -27.79
N SER C 237 -23.96 -26.05 -27.03
CA SER C 237 -22.68 -26.77 -26.81
C SER C 237 -22.45 -26.97 -25.30
N THR C 238 -22.48 -28.20 -24.82
CA THR C 238 -22.25 -28.54 -23.39
C THR C 238 -21.67 -29.94 -23.28
N HIS C 239 -21.07 -30.27 -22.14
CA HIS C 239 -20.57 -31.63 -21.81
C HIS C 239 -21.73 -32.61 -21.93
N PRO C 240 -21.47 -33.92 -22.10
CA PRO C 240 -22.53 -34.93 -22.24
C PRO C 240 -23.08 -35.43 -20.88
N ARG C 241 -22.30 -35.36 -19.79
CA ARG C 241 -22.80 -35.63 -18.42
C ARG C 241 -24.11 -34.84 -18.21
N SER C 242 -24.26 -33.70 -18.91
CA SER C 242 -25.46 -32.82 -18.91
C SER C 242 -26.52 -33.33 -19.90
N TRP C 243 -26.16 -33.55 -21.17
CA TRP C 243 -27.07 -34.08 -22.22
C TRP C 243 -27.83 -35.29 -21.67
N LYS C 244 -27.11 -36.39 -21.39
CA LYS C 244 -27.64 -37.64 -20.78
C LYS C 244 -28.63 -37.28 -19.66
N LYS C 245 -28.42 -36.14 -18.98
CA LYS C 245 -29.23 -35.64 -17.83
C LYS C 245 -30.46 -34.86 -18.33
N ILE C 246 -30.73 -34.83 -19.65
CA ILE C 246 -31.93 -34.19 -20.24
C ILE C 246 -33.11 -35.18 -20.20
N GLU C 247 -32.82 -36.47 -20.06
CA GLU C 247 -33.84 -37.56 -20.13
C GLU C 247 -34.49 -37.74 -18.75
N GLU C 248 -35.54 -36.94 -18.48
CA GLU C 248 -36.59 -37.21 -17.46
C GLU C 248 -37.50 -35.98 -17.39
N SER C 249 -38.32 -35.82 -18.43
CA SER C 249 -39.64 -35.13 -18.42
C SER C 249 -39.46 -33.62 -18.64
N LYS C 250 -38.35 -33.05 -18.19
CA LYS C 250 -38.00 -31.63 -18.43
C LYS C 250 -37.27 -31.53 -19.77
N PHE C 251 -37.53 -32.50 -20.67
CA PHE C 251 -36.85 -32.67 -21.99
C PHE C 251 -37.32 -31.56 -22.95
N GLU C 252 -38.49 -30.99 -22.66
CA GLU C 252 -39.25 -30.06 -23.54
C GLU C 252 -38.29 -29.10 -24.27
N PHE C 253 -38.13 -27.88 -23.72
CA PHE C 253 -37.54 -26.65 -24.32
C PHE C 253 -37.52 -26.71 -25.87
N ASP C 254 -38.69 -26.89 -26.48
CA ASP C 254 -38.93 -26.67 -27.94
C ASP C 254 -37.98 -27.54 -28.77
N PRO C 255 -38.24 -27.64 -30.10
CA PRO C 255 -37.39 -28.41 -31.01
C PRO C 255 -36.27 -27.60 -31.67
N LEU C 256 -36.23 -26.28 -31.48
CA LEU C 256 -35.30 -25.37 -32.19
C LEU C 256 -33.88 -25.55 -31.61
N VAL C 257 -33.81 -25.83 -30.31
CA VAL C 257 -32.56 -26.23 -29.58
C VAL C 257 -31.95 -27.47 -30.27
N LYS C 258 -30.78 -27.34 -30.88
CA LYS C 258 -30.03 -28.48 -31.47
C LYS C 258 -28.90 -28.88 -30.51
N GLN C 259 -28.23 -30.00 -30.76
CA GLN C 259 -26.90 -30.29 -30.17
C GLN C 259 -25.86 -29.51 -30.98
N LEU C 260 -24.58 -29.57 -30.57
CA LEU C 260 -23.44 -29.09 -31.37
C LEU C 260 -22.37 -30.18 -31.46
N LYS C 261 -22.02 -30.56 -32.68
CA LYS C 261 -20.77 -31.30 -32.98
C LYS C 261 -19.64 -30.33 -32.68
N PRO C 262 -18.65 -30.68 -31.83
CA PRO C 262 -17.55 -29.75 -31.55
C PRO C 262 -16.95 -29.32 -32.89
N PHE C 263 -16.36 -28.11 -32.97
CA PHE C 263 -15.67 -27.58 -34.18
C PHE C 263 -14.30 -27.02 -33.80
N GLY C 264 -13.28 -27.37 -34.58
CA GLY C 264 -11.98 -26.70 -34.55
C GLY C 264 -12.12 -25.22 -34.26
N PHE C 265 -11.01 -24.58 -33.89
CA PHE C 265 -10.95 -23.17 -33.47
C PHE C 265 -11.60 -22.28 -34.56
N PHE C 266 -11.08 -22.33 -35.80
CA PHE C 266 -11.50 -21.41 -36.90
C PHE C 266 -13.01 -21.32 -36.91
N ASP C 267 -13.65 -22.49 -36.95
CA ASP C 267 -15.09 -22.66 -37.31
C ASP C 267 -15.97 -22.15 -36.16
N TYR C 268 -15.60 -22.48 -34.91
CA TYR C 268 -16.39 -22.11 -33.70
C TYR C 268 -16.52 -20.57 -33.64
N ASN C 269 -15.44 -19.87 -33.96
CA ASN C 269 -15.36 -18.38 -33.92
C ASN C 269 -16.24 -17.81 -35.04
N ALA C 270 -16.08 -18.30 -36.26
CA ALA C 270 -16.96 -18.01 -37.42
C ALA C 270 -18.42 -18.15 -36.98
N LEU C 271 -18.73 -19.27 -36.31
CA LEU C 271 -20.08 -19.51 -35.76
C LEU C 271 -20.45 -18.36 -34.81
N GLN C 272 -19.61 -18.08 -33.81
CA GLN C 272 -19.84 -16.98 -32.82
C GLN C 272 -19.97 -15.64 -33.54
N LYS C 273 -19.02 -15.29 -34.42
CA LYS C 273 -18.97 -13.91 -34.96
C LYS C 273 -20.36 -13.58 -35.52
N ASP C 274 -20.85 -14.40 -36.45
CA ASP C 274 -22.08 -14.14 -37.25
C ASP C 274 -23.35 -14.47 -36.45
N ALA C 275 -23.22 -14.96 -35.21
CA ALA C 275 -24.37 -15.29 -34.35
C ALA C 275 -25.13 -14.01 -33.98
N PHE C 276 -26.42 -14.15 -33.68
CA PHE C 276 -27.34 -13.06 -33.29
C PHE C 276 -27.01 -12.62 -31.87
N VAL C 277 -26.66 -13.61 -31.03
CA VAL C 277 -26.31 -13.48 -29.59
C VAL C 277 -25.48 -14.71 -29.20
N VAL C 278 -24.54 -14.56 -28.26
CA VAL C 278 -23.73 -15.69 -27.74
C VAL C 278 -23.82 -15.71 -26.21
N LEU C 279 -24.28 -16.83 -25.66
CA LEU C 279 -24.07 -17.19 -24.23
C LEU C 279 -22.91 -18.16 -24.18
N SER C 280 -21.94 -17.94 -23.32
CA SER C 280 -20.86 -18.91 -23.04
C SER C 280 -20.28 -18.63 -21.65
N ASP C 281 -19.61 -19.62 -21.07
CA ASP C 281 -18.92 -19.49 -19.77
C ASP C 281 -17.42 -19.69 -20.02
N SER C 282 -16.99 -19.56 -21.27
CA SER C 282 -15.56 -19.52 -21.64
C SER C 282 -14.96 -18.19 -21.16
N GLY C 283 -13.70 -18.21 -20.70
CA GLY C 283 -12.95 -16.97 -20.37
C GLY C 283 -12.61 -16.21 -21.64
N THR C 284 -12.59 -16.96 -22.76
CA THR C 284 -12.39 -16.50 -24.14
C THR C 284 -13.62 -15.74 -24.64
N LEU C 285 -14.79 -15.94 -24.03
CA LEU C 285 -16.03 -15.21 -24.42
C LEU C 285 -15.78 -13.70 -24.36
N SER C 286 -15.22 -13.22 -23.23
CA SER C 286 -14.79 -11.81 -23.03
C SER C 286 -13.98 -11.31 -24.24
N GLU C 287 -12.83 -11.93 -24.53
CA GLU C 287 -11.86 -11.49 -25.58
C GLU C 287 -12.47 -11.69 -26.98
N GLU C 288 -12.94 -12.91 -27.29
CA GLU C 288 -13.45 -13.30 -28.62
C GLU C 288 -14.48 -12.24 -29.06
N SER C 289 -15.45 -11.94 -28.20
CA SER C 289 -16.53 -10.94 -28.49
C SER C 289 -15.95 -9.53 -28.74
N SER C 290 -14.83 -9.15 -28.12
CA SER C 290 -14.18 -7.83 -28.30
C SER C 290 -13.55 -7.77 -29.69
N ILE C 291 -12.85 -8.84 -30.06
CA ILE C 291 -11.95 -8.84 -31.26
C ILE C 291 -12.77 -9.09 -32.54
N LEU C 292 -13.85 -9.88 -32.45
CA LEU C 292 -14.74 -10.22 -33.60
C LEU C 292 -16.08 -9.50 -33.44
N LYS C 293 -16.19 -8.58 -32.49
CA LYS C 293 -17.35 -7.66 -32.30
C LYS C 293 -18.66 -8.42 -32.60
N PHE C 294 -19.05 -9.32 -31.69
CA PHE C 294 -20.39 -9.97 -31.63
C PHE C 294 -20.91 -9.91 -30.19
N PRO C 295 -22.25 -9.88 -29.99
CA PRO C 295 -22.83 -9.60 -28.68
C PRO C 295 -22.76 -10.83 -27.76
N GLY C 296 -21.75 -10.88 -26.90
CA GLY C 296 -21.53 -11.95 -25.91
C GLY C 296 -22.25 -11.68 -24.60
N VAL C 297 -22.55 -12.75 -23.87
CA VAL C 297 -23.22 -12.71 -22.54
C VAL C 297 -22.60 -13.82 -21.70
N LEU C 298 -21.70 -13.42 -20.78
CA LEU C 298 -20.99 -14.33 -19.86
C LEU C 298 -22.04 -14.93 -18.91
N ILE C 299 -22.18 -16.27 -18.91
CA ILE C 299 -22.91 -17.02 -17.84
C ILE C 299 -21.91 -17.35 -16.74
N ARG C 300 -21.48 -16.32 -16.01
CA ARG C 300 -20.74 -16.43 -14.72
C ARG C 300 -21.22 -15.32 -13.80
N THR C 301 -20.73 -15.28 -12.56
CA THR C 301 -20.97 -14.18 -11.60
C THR C 301 -19.61 -13.61 -11.16
N SER C 302 -18.67 -13.52 -12.10
CA SER C 302 -17.31 -12.93 -11.94
C SER C 302 -16.58 -13.02 -13.28
N THR C 303 -16.00 -11.92 -13.73
CA THR C 303 -15.02 -11.87 -14.86
C THR C 303 -13.64 -11.92 -14.23
N GLU C 304 -12.62 -12.31 -15.00
CA GLU C 304 -11.20 -11.97 -14.75
C GLU C 304 -10.73 -11.09 -15.92
N ARG C 305 -11.71 -10.45 -16.58
CA ARG C 305 -11.56 -9.65 -17.82
C ARG C 305 -12.36 -8.37 -17.64
N PRO C 306 -12.15 -7.63 -16.52
CA PRO C 306 -12.92 -6.43 -16.28
C PRO C 306 -12.61 -5.38 -17.35
N GLU C 307 -11.44 -5.47 -18.00
CA GLU C 307 -11.01 -4.51 -19.07
C GLU C 307 -12.14 -4.29 -20.10
N VAL C 308 -12.96 -5.31 -20.30
CA VAL C 308 -13.94 -5.37 -21.43
C VAL C 308 -15.18 -4.53 -21.04
N LEU C 309 -15.52 -4.49 -19.74
CA LEU C 309 -16.63 -3.68 -19.16
C LEU C 309 -16.24 -2.20 -19.12
N ASP C 310 -14.94 -1.94 -18.96
CA ASP C 310 -14.36 -0.56 -19.04
C ASP C 310 -14.76 0.05 -20.38
N LYS C 311 -15.02 -0.77 -21.42
CA LYS C 311 -15.32 -0.32 -22.80
C LYS C 311 -16.76 -0.66 -23.24
N GLY C 312 -17.44 -1.55 -22.49
CA GLY C 312 -18.80 -2.03 -22.79
C GLY C 312 -18.83 -2.96 -23.99
N THR C 313 -17.91 -3.91 -24.06
CA THR C 313 -17.83 -4.97 -25.09
C THR C 313 -18.67 -6.18 -24.67
N VAL C 314 -19.26 -6.19 -23.47
CA VAL C 314 -19.86 -7.42 -22.88
C VAL C 314 -20.84 -7.10 -21.76
N ILE C 315 -21.78 -8.03 -21.53
CA ILE C 315 -22.78 -8.08 -20.41
C ILE C 315 -22.59 -9.39 -19.63
N VAL C 316 -22.77 -9.34 -18.31
CA VAL C 316 -22.63 -10.54 -17.43
C VAL C 316 -24.02 -11.04 -17.06
N GLY C 317 -24.42 -12.18 -17.63
CA GLY C 317 -25.76 -12.77 -17.43
C GLY C 317 -25.96 -13.17 -15.99
N GLY C 318 -25.01 -13.93 -15.43
CA GLY C 318 -25.18 -14.66 -14.17
C GLY C 318 -25.73 -16.06 -14.43
N ILE C 319 -26.42 -16.62 -13.43
CA ILE C 319 -26.95 -18.00 -13.44
C ILE C 319 -28.46 -17.97 -13.10
N THR C 320 -28.97 -16.82 -12.70
CA THR C 320 -30.40 -16.60 -12.36
C THR C 320 -31.21 -16.49 -13.65
N TYR C 321 -32.36 -17.14 -13.72
CA TYR C 321 -33.26 -17.13 -14.90
C TYR C 321 -33.57 -15.68 -15.30
N ASN C 322 -34.00 -14.86 -14.35
CA ASN C 322 -34.45 -13.46 -14.58
C ASN C 322 -33.33 -12.67 -15.27
N ASN C 323 -32.17 -12.52 -14.62
CA ASN C 323 -31.05 -11.64 -15.08
C ASN C 323 -30.45 -12.20 -16.37
N LEU C 324 -30.83 -13.40 -16.79
CA LEU C 324 -30.30 -14.04 -18.01
C LEU C 324 -31.16 -13.68 -19.22
N ILE C 325 -32.45 -13.94 -19.17
CA ILE C 325 -33.38 -13.50 -20.25
C ILE C 325 -33.10 -12.02 -20.49
N GLN C 326 -33.06 -11.23 -19.41
CA GLN C 326 -32.87 -9.75 -19.42
C GLN C 326 -31.61 -9.41 -20.22
N SER C 327 -30.48 -9.95 -19.78
CA SER C 327 -29.13 -9.69 -20.29
C SER C 327 -29.01 -10.10 -21.76
N VAL C 328 -29.78 -11.10 -22.21
CA VAL C 328 -29.86 -11.50 -23.64
C VAL C 328 -30.67 -10.44 -24.40
N GLU C 329 -31.79 -9.98 -23.81
CA GLU C 329 -32.67 -8.97 -24.46
C GLU C 329 -31.83 -7.72 -24.72
N LEU C 330 -31.14 -7.22 -23.68
CA LEU C 330 -30.21 -6.07 -23.79
C LEU C 330 -29.26 -6.28 -24.98
N ALA C 331 -28.51 -7.39 -25.00
CA ALA C 331 -27.46 -7.71 -26.00
C ALA C 331 -27.95 -7.35 -27.40
N ARG C 332 -29.09 -7.92 -27.80
CA ARG C 332 -29.68 -7.81 -29.16
C ARG C 332 -30.46 -6.49 -29.29
N GLU C 333 -31.19 -6.09 -28.24
CA GLU C 333 -31.84 -4.76 -28.12
C GLU C 333 -30.80 -3.68 -28.41
N MET C 334 -29.60 -3.87 -27.87
CA MET C 334 -28.45 -2.94 -27.99
C MET C 334 -27.67 -3.25 -29.28
N GLN C 335 -27.79 -4.47 -29.83
CA GLN C 335 -27.30 -4.77 -31.19
C GLN C 335 -28.21 -4.08 -32.22
N ASN C 336 -29.52 -4.18 -32.05
CA ASN C 336 -30.55 -3.66 -32.98
C ASN C 336 -30.21 -2.21 -33.32
N ASN C 337 -29.80 -1.42 -32.32
CA ASN C 337 -29.58 0.06 -32.41
C ASN C 337 -28.13 0.38 -32.82
N ASN C 338 -27.36 -0.63 -33.27
CA ASN C 338 -26.01 -0.47 -33.88
C ASN C 338 -25.08 0.22 -32.87
N GLU C 339 -25.26 -0.03 -31.57
CA GLU C 339 -24.44 0.60 -30.49
C GLU C 339 -23.00 0.14 -30.69
N PRO C 340 -22.01 0.97 -30.30
CA PRO C 340 -20.62 0.73 -30.72
C PRO C 340 -19.96 -0.43 -29.95
N MET C 341 -18.89 -1.00 -30.50
CA MET C 341 -18.15 -2.12 -29.86
C MET C 341 -16.64 -1.81 -29.90
N ILE C 342 -16.15 -1.26 -28.79
CA ILE C 342 -14.86 -0.54 -28.69
C ILE C 342 -13.75 -1.52 -28.29
N ASP C 343 -12.62 -1.48 -29.01
CA ASP C 343 -11.40 -2.23 -28.68
C ASP C 343 -10.93 -1.83 -27.28
N ALA C 344 -10.84 -2.79 -26.36
CA ALA C 344 -10.10 -2.70 -25.08
C ALA C 344 -8.60 -2.46 -25.34
N ILE C 345 -7.95 -1.74 -24.41
CA ILE C 345 -6.58 -1.20 -24.58
C ILE C 345 -5.58 -2.36 -24.72
N ASP C 346 -5.69 -3.40 -23.89
CA ASP C 346 -4.64 -4.44 -23.73
C ASP C 346 -4.97 -5.61 -24.66
N TYR C 347 -5.90 -5.40 -25.60
CA TYR C 347 -6.24 -6.33 -26.71
C TYR C 347 -5.75 -5.78 -28.05
N LYS C 348 -5.11 -4.60 -28.08
CA LYS C 348 -4.80 -3.91 -29.36
C LYS C 348 -3.56 -4.54 -29.96
N ASP C 349 -2.44 -4.55 -29.26
CA ASP C 349 -1.14 -4.99 -29.85
C ASP C 349 -1.30 -6.45 -30.26
N THR C 350 -0.55 -6.89 -31.27
CA THR C 350 -0.57 -8.27 -31.85
C THR C 350 0.86 -8.83 -32.06
N ASN C 351 1.83 -8.42 -31.23
CA ASN C 351 3.24 -8.90 -31.29
C ASN C 351 3.58 -9.62 -29.97
N VAL C 352 2.54 -10.01 -29.23
CA VAL C 352 2.66 -10.70 -27.92
C VAL C 352 3.73 -11.78 -28.01
N SER C 353 3.83 -12.48 -29.14
CA SER C 353 4.88 -13.51 -29.37
C SER C 353 6.28 -12.86 -29.26
N THR C 354 6.54 -11.83 -30.06
CA THR C 354 7.89 -11.24 -30.20
C THR C 354 8.24 -10.48 -28.91
N LYS C 355 7.22 -9.96 -28.23
CA LYS C 355 7.37 -9.33 -26.89
C LYS C 355 7.98 -10.37 -25.95
N VAL C 356 7.36 -11.55 -25.88
CA VAL C 356 7.69 -12.64 -24.93
C VAL C 356 9.07 -13.18 -25.29
N VAL C 357 9.38 -13.28 -26.58
CA VAL C 357 10.72 -13.73 -27.03
C VAL C 357 11.74 -12.73 -26.49
N LYS C 358 11.59 -11.45 -26.84
CA LYS C 358 12.58 -10.39 -26.51
C LYS C 358 12.77 -10.34 -24.99
N ILE C 359 11.70 -10.56 -24.23
CA ILE C 359 11.70 -10.50 -22.74
C ILE C 359 12.51 -11.67 -22.17
N ILE C 360 12.20 -12.90 -22.59
CA ILE C 360 12.85 -14.14 -22.08
C ILE C 360 14.37 -14.06 -22.25
N GLN C 361 14.86 -13.52 -23.36
CA GLN C 361 16.32 -13.38 -23.60
C GLN C 361 16.87 -12.39 -22.55
N SER C 362 16.39 -11.14 -22.64
CA SER C 362 16.60 -10.00 -21.70
C SER C 362 16.71 -10.50 -20.26
N TYR C 363 15.67 -11.11 -19.73
CA TYR C 363 15.48 -11.26 -18.26
C TYR C 363 15.97 -12.63 -17.76
N LYS C 364 16.20 -13.60 -18.64
CA LYS C 364 16.63 -14.97 -18.22
C LYS C 364 17.91 -14.80 -17.40
N ASP C 365 18.93 -14.17 -17.98
CA ASP C 365 20.23 -13.99 -17.31
C ASP C 365 20.10 -13.06 -16.09
N ILE C 366 19.17 -12.11 -16.14
CA ILE C 366 18.88 -11.15 -15.04
C ILE C 366 18.42 -11.94 -13.82
N ILE C 367 17.51 -12.88 -13.99
CA ILE C 367 16.94 -13.71 -12.89
C ILE C 367 18.07 -14.53 -12.24
N ASN C 368 18.96 -15.10 -13.05
CA ASN C 368 20.06 -15.94 -12.54
C ASN C 368 20.95 -15.11 -11.63
N ARG C 369 21.18 -13.85 -11.99
CA ARG C 369 22.00 -12.90 -11.19
C ARG C 369 21.23 -12.58 -9.92
N ASN C 370 19.97 -12.17 -10.04
CA ASN C 370 19.23 -11.44 -8.98
C ASN C 370 18.72 -12.45 -7.96
N THR C 371 17.77 -13.30 -8.36
CA THR C 371 17.18 -14.39 -7.52
C THR C 371 18.31 -15.29 -7.00
N TRP C 372 19.08 -15.89 -7.92
CA TRP C 372 19.82 -17.16 -7.69
C TRP C 372 21.34 -16.91 -7.56
N ARG C 373 21.80 -15.67 -7.75
CA ARG C 373 23.21 -15.24 -7.50
C ARG C 373 24.20 -16.21 -8.16
N LYS C 374 24.35 -16.22 -9.48
CA LYS C 374 25.31 -17.13 -10.19
C LYS C 374 26.41 -16.28 -10.87
N MET D 1 -21.23 -36.20 22.80
CA MET D 1 -20.45 -34.93 22.78
C MET D 1 -20.18 -34.53 21.31
N GLU D 2 -19.44 -35.36 20.56
CA GLU D 2 -19.03 -35.18 19.13
C GLU D 2 -18.14 -33.94 19.00
N LYS D 3 -16.84 -34.14 18.73
CA LYS D 3 -15.80 -33.08 18.75
C LYS D 3 -15.26 -32.82 17.34
N LEU D 4 -14.71 -31.62 17.14
CA LEU D 4 -14.10 -31.18 15.87
C LEU D 4 -13.02 -32.20 15.48
N LYS D 5 -12.99 -32.66 14.23
CA LYS D 5 -11.97 -33.64 13.79
C LYS D 5 -10.85 -32.89 13.08
N LEU D 6 -9.70 -32.79 13.75
CA LEU D 6 -8.50 -32.12 13.23
C LEU D 6 -7.53 -33.17 12.69
N MET D 7 -6.87 -32.87 11.56
CA MET D 7 -5.72 -33.65 11.04
C MET D 7 -4.49 -32.73 11.00
N THR D 8 -3.59 -32.87 11.99
CA THR D 8 -2.27 -32.18 12.07
C THR D 8 -1.21 -33.00 11.33
N ILE D 9 -0.56 -32.43 10.33
CA ILE D 9 0.35 -33.18 9.42
C ILE D 9 1.76 -32.63 9.58
N VAL D 10 2.71 -33.49 9.95
CA VAL D 10 4.13 -33.12 10.21
C VAL D 10 5.03 -34.00 9.32
N GLY D 11 6.37 -33.90 9.45
CA GLY D 11 7.33 -34.69 8.64
C GLY D 11 8.77 -34.69 9.19
N THR D 12 9.14 -33.69 10.01
CA THR D 12 10.52 -33.39 10.43
C THR D 12 10.54 -33.21 11.96
N ARG D 13 11.64 -33.54 12.62
CA ARG D 13 11.79 -33.46 14.11
C ARG D 13 11.52 -32.04 14.61
N PRO D 14 12.09 -30.97 14.00
CA PRO D 14 11.94 -29.61 14.53
C PRO D 14 10.53 -29.04 14.35
N GLU D 15 9.88 -29.34 13.21
CA GLU D 15 8.42 -29.22 13.01
C GLU D 15 7.71 -29.70 14.28
N ILE D 16 7.88 -30.99 14.61
CA ILE D 16 7.14 -31.70 15.71
C ILE D 16 7.40 -30.95 17.02
N ILE D 17 8.66 -30.77 17.38
CA ILE D 17 9.10 -30.12 18.65
C ILE D 17 8.25 -28.86 18.95
N ARG D 18 8.02 -28.00 17.96
CA ARG D 18 7.32 -26.69 18.12
C ARG D 18 5.82 -26.95 18.35
N LEU D 19 5.26 -27.85 17.56
CA LEU D 19 3.88 -28.35 17.70
C LEU D 19 3.71 -29.14 19.02
N SER D 20 4.81 -29.68 19.58
CA SER D 20 4.78 -30.57 20.77
C SER D 20 3.70 -30.08 21.75
N SER D 21 3.80 -28.84 22.24
CA SER D 21 2.87 -28.30 23.26
C SER D 21 1.49 -28.03 22.64
N THR D 22 1.42 -27.66 21.36
CA THR D 22 0.14 -27.44 20.64
C THR D 22 -0.60 -28.79 20.49
N ILE D 23 0.07 -29.80 19.94
CA ILE D 23 -0.51 -31.16 19.67
C ILE D 23 -1.19 -31.67 20.94
N LYS D 24 -0.50 -31.60 22.08
CA LYS D 24 -0.99 -32.14 23.37
C LYS D 24 -2.37 -31.56 23.68
N ALA D 25 -2.52 -30.24 23.56
CA ALA D 25 -3.78 -29.50 23.79
C ALA D 25 -4.84 -29.95 22.78
N CYS D 26 -4.44 -30.44 21.62
CA CYS D 26 -5.39 -30.78 20.52
C CYS D 26 -6.00 -32.16 20.79
N ASP D 27 -5.27 -33.06 21.48
CA ASP D 27 -5.81 -34.36 21.97
C ASP D 27 -6.84 -34.12 23.07
N GLN D 28 -6.58 -33.11 23.90
CA GLN D 28 -7.46 -32.71 25.02
C GLN D 28 -8.78 -32.22 24.45
N TYR D 29 -8.76 -31.27 23.52
CA TYR D 29 -9.93 -30.39 23.24
C TYR D 29 -10.61 -30.80 21.94
N PHE D 30 -9.92 -31.46 21.00
CA PHE D 30 -10.52 -31.96 19.73
C PHE D 30 -10.28 -33.47 19.59
N ASN D 31 -10.81 -34.03 18.49
CA ASN D 31 -10.50 -35.38 17.94
C ASN D 31 -9.37 -35.24 16.92
N GLN D 32 -8.11 -35.29 17.39
CA GLN D 32 -6.88 -35.02 16.59
C GLN D 32 -6.38 -36.32 15.93
N ILE D 33 -6.23 -36.30 14.60
CA ILE D 33 -5.54 -37.35 13.81
C ILE D 33 -4.17 -36.80 13.41
N LEU D 34 -3.09 -37.33 13.99
CA LEU D 34 -1.69 -36.86 13.75
C LEU D 34 -1.00 -37.72 12.67
N VAL D 35 -0.87 -37.19 11.46
CA VAL D 35 -0.26 -37.84 10.27
C VAL D 35 1.22 -37.48 10.21
N HIS D 36 2.06 -38.38 9.68
CA HIS D 36 3.52 -38.17 9.43
C HIS D 36 3.85 -38.54 7.97
N THR D 37 4.76 -37.83 7.31
CA THR D 37 4.94 -37.95 5.84
C THR D 37 6.03 -38.98 5.53
N GLY D 38 6.76 -39.44 6.54
CA GLY D 38 7.88 -40.39 6.39
C GLY D 38 7.52 -41.77 6.90
N GLN D 39 8.52 -42.59 7.23
CA GLN D 39 8.33 -43.93 7.83
C GLN D 39 8.65 -43.86 9.32
N ASN D 40 8.00 -44.73 10.11
CA ASN D 40 8.46 -45.10 11.48
C ASN D 40 9.52 -46.19 11.32
N TYR D 41 9.21 -47.24 10.52
CA TYR D 41 10.05 -48.45 10.30
C TYR D 41 11.46 -48.18 10.85
N ASP D 42 11.58 -48.32 12.17
CA ASP D 42 12.67 -47.81 13.06
C ASP D 42 12.06 -47.48 14.43
N TYR D 43 11.58 -48.52 15.14
CA TYR D 43 11.18 -48.45 16.57
C TYR D 43 12.33 -47.88 17.41
N THR D 44 13.56 -48.19 16.98
CA THR D 44 14.85 -47.96 17.72
C THR D 44 14.96 -46.47 18.13
N LEU D 45 14.73 -45.55 17.19
CA LEU D 45 14.94 -44.07 17.37
C LEU D 45 13.61 -43.29 17.33
N ASN D 46 12.65 -43.72 16.50
CA ASN D 46 11.35 -43.02 16.28
C ASN D 46 10.45 -43.17 17.51
N GLN D 47 10.77 -44.09 18.44
CA GLN D 47 10.03 -44.28 19.72
C GLN D 47 10.71 -43.45 20.83
N ILE D 48 12.04 -43.56 20.94
CA ILE D 48 12.86 -42.78 21.92
C ILE D 48 12.63 -41.27 21.67
N PHE D 49 12.41 -40.86 20.41
CA PHE D 49 12.19 -39.42 20.05
C PHE D 49 10.92 -38.88 20.71
N PHE D 50 9.82 -39.65 20.66
CA PHE D 50 8.48 -39.24 21.16
C PHE D 50 8.36 -39.55 22.67
N ASP D 51 9.23 -40.43 23.17
CA ASP D 51 9.39 -40.70 24.63
C ASP D 51 9.57 -39.35 25.34
N ASP D 52 10.67 -38.63 25.04
CA ASP D 52 11.11 -37.39 25.77
C ASP D 52 10.01 -36.30 25.67
N LEU D 53 9.46 -36.09 24.47
CA LEU D 53 8.46 -35.02 24.22
C LEU D 53 7.10 -35.40 24.87
N GLU D 54 7.03 -36.56 25.54
CA GLU D 54 5.82 -37.06 26.26
C GLU D 54 4.61 -37.04 25.31
N LEU D 55 4.82 -37.34 24.04
CA LEU D 55 3.80 -37.18 22.95
C LEU D 55 3.38 -38.55 22.46
N ARG D 56 2.07 -38.81 22.42
CA ARG D 56 1.47 -39.99 21.73
C ARG D 56 2.10 -40.12 20.34
N GLN D 57 2.14 -41.33 19.79
CA GLN D 57 2.63 -41.61 18.40
C GLN D 57 1.64 -41.09 17.35
N PRO D 58 2.10 -40.89 16.10
CA PRO D 58 1.20 -40.55 14.98
C PRO D 58 0.14 -41.63 14.67
N ASP D 59 -1.09 -41.20 14.35
CA ASP D 59 -2.21 -42.10 13.98
C ASP D 59 -1.90 -42.79 12.64
N HIS D 60 -1.09 -42.17 11.79
CA HIS D 60 -0.80 -42.62 10.39
C HIS D 60 0.65 -42.25 10.02
N TYR D 61 1.23 -42.89 8.99
CA TYR D 61 2.65 -42.75 8.58
C TYR D 61 2.76 -42.97 7.06
N LEU D 62 2.67 -41.91 6.28
CA LEU D 62 2.38 -41.95 4.82
C LEU D 62 3.53 -42.62 4.05
N GLU D 63 4.76 -42.52 4.59
CA GLU D 63 6.01 -43.11 4.02
C GLU D 63 6.33 -42.46 2.67
N ALA D 64 5.64 -41.37 2.30
CA ALA D 64 5.98 -40.47 1.17
C ALA D 64 7.48 -40.29 1.17
N VAL D 65 8.08 -40.12 -0.01
CA VAL D 65 9.56 -40.01 -0.21
C VAL D 65 9.90 -40.85 -1.43
N GLY D 66 11.06 -40.61 -2.05
CA GLY D 66 11.49 -41.41 -3.21
C GLY D 66 12.67 -40.79 -3.91
N SER D 67 13.17 -41.48 -4.94
CA SER D 67 14.34 -41.10 -5.77
C SER D 67 14.80 -39.67 -5.44
N ASN D 68 14.17 -38.67 -6.06
CA ASN D 68 14.64 -37.26 -6.11
C ASN D 68 13.64 -36.36 -5.38
N LEU D 69 14.11 -35.26 -4.78
CA LEU D 69 13.29 -34.07 -4.40
C LEU D 69 12.39 -33.68 -5.59
N GLY D 70 11.24 -34.33 -5.75
CA GLY D 70 10.40 -34.23 -6.95
C GLY D 70 9.36 -35.33 -6.95
N GLU D 71 9.79 -36.58 -7.06
CA GLU D 71 9.04 -37.79 -6.63
C GLU D 71 8.44 -37.50 -5.25
N THR D 72 9.30 -37.15 -4.30
CA THR D 72 8.99 -37.00 -2.85
C THR D 72 8.01 -35.83 -2.60
N MET D 73 8.19 -34.68 -3.27
CA MET D 73 7.17 -33.58 -3.23
C MET D 73 5.85 -34.16 -3.73
N GLY D 74 5.90 -34.70 -4.96
CA GLY D 74 4.76 -35.23 -5.72
C GLY D 74 3.93 -36.17 -4.87
N ASN D 75 4.60 -36.99 -4.06
CA ASN D 75 3.94 -38.00 -3.19
C ASN D 75 3.24 -37.31 -2.02
N ILE D 76 3.94 -36.45 -1.28
CA ILE D 76 3.34 -35.81 -0.08
C ILE D 76 1.99 -35.23 -0.50
N ILE D 77 1.89 -34.74 -1.74
CA ILE D 77 0.63 -34.16 -2.33
C ILE D 77 -0.42 -35.26 -2.51
N ALA D 78 -0.06 -36.37 -3.16
CA ALA D 78 -0.97 -37.48 -3.50
C ALA D 78 -1.37 -38.21 -2.23
N LYS D 79 -0.38 -38.55 -1.38
CA LYS D 79 -0.57 -39.42 -0.19
C LYS D 79 -1.32 -38.64 0.90
N THR D 80 -1.19 -37.31 0.90
CA THR D 80 -1.91 -36.41 1.84
C THR D 80 -3.38 -36.37 1.39
N TYR D 81 -3.60 -36.18 0.10
CA TYR D 81 -4.94 -36.11 -0.54
C TYR D 81 -5.73 -37.36 -0.15
N ASP D 82 -5.14 -38.54 -0.35
CA ASP D 82 -5.74 -39.86 0.00
C ASP D 82 -6.23 -39.82 1.46
N VAL D 83 -5.31 -39.66 2.41
CA VAL D 83 -5.61 -39.76 3.87
C VAL D 83 -6.58 -38.63 4.25
N LEU D 84 -6.56 -37.52 3.50
CA LEU D 84 -7.46 -36.37 3.74
C LEU D 84 -8.89 -36.73 3.28
N LEU D 85 -9.01 -37.53 2.22
CA LEU D 85 -10.33 -38.06 1.74
C LEU D 85 -10.94 -38.97 2.81
N ARG D 86 -10.18 -39.98 3.25
CA ARG D 86 -10.60 -41.06 4.18
C ARG D 86 -11.22 -40.48 5.45
N GLU D 87 -10.52 -39.54 6.11
CA GLU D 87 -10.86 -39.07 7.49
C GLU D 87 -11.89 -37.93 7.42
N GLN D 88 -12.02 -37.29 6.24
CA GLN D 88 -12.89 -36.11 6.01
C GLN D 88 -12.86 -35.23 7.26
N PRO D 89 -11.67 -34.69 7.62
CA PRO D 89 -11.49 -33.96 8.86
C PRO D 89 -12.04 -32.55 8.63
N ASP D 90 -12.34 -31.84 9.70
CA ASP D 90 -13.07 -30.55 9.64
C ASP D 90 -12.09 -29.42 9.32
N ALA D 91 -10.77 -29.67 9.52
CA ALA D 91 -9.68 -28.65 9.62
C ALA D 91 -8.30 -29.32 9.51
N LEU D 92 -7.32 -28.62 8.93
CA LEU D 92 -5.91 -29.11 8.84
C LEU D 92 -4.99 -28.15 9.59
N LEU D 93 -4.15 -28.67 10.50
CA LEU D 93 -3.13 -27.88 11.22
C LEU D 93 -1.74 -28.23 10.69
N ILE D 94 -0.97 -27.20 10.37
CA ILE D 94 0.29 -27.27 9.59
C ILE D 94 1.29 -26.28 10.20
N LEU D 95 2.58 -26.61 10.18
CA LEU D 95 3.66 -25.74 10.74
C LEU D 95 4.76 -25.56 9.68
N GLY D 96 4.99 -24.31 9.27
CA GLY D 96 6.27 -23.87 8.68
C GLY D 96 6.32 -24.04 7.17
N ASP D 97 7.49 -24.46 6.68
CA ASP D 97 7.96 -24.28 5.28
C ASP D 97 8.69 -25.54 4.79
N THR D 98 8.45 -26.69 5.45
CA THR D 98 8.86 -28.05 5.01
C THR D 98 8.09 -28.40 3.73
N ASN D 99 8.36 -29.55 3.13
CA ASN D 99 7.59 -30.08 1.98
C ASN D 99 6.30 -30.69 2.53
N SER D 100 6.35 -31.12 3.78
CA SER D 100 5.21 -31.74 4.49
C SER D 100 3.96 -30.85 4.37
N CYS D 101 4.12 -29.52 4.36
CA CYS D 101 2.97 -28.60 4.35
C CYS D 101 2.50 -28.31 2.93
N LEU D 102 3.03 -28.98 1.91
CA LEU D 102 2.35 -29.04 0.58
C LEU D 102 1.04 -29.80 0.77
N ALA D 103 0.85 -30.40 1.95
CA ALA D 103 -0.41 -30.98 2.43
C ALA D 103 -1.57 -30.03 2.18
N ALA D 104 -1.31 -28.72 2.24
CA ALA D 104 -2.33 -27.66 2.15
C ALA D 104 -2.81 -27.50 0.71
N VAL D 105 -1.99 -27.86 -0.29
CA VAL D 105 -2.41 -27.86 -1.73
C VAL D 105 -3.55 -28.88 -1.89
N SER D 106 -3.37 -30.09 -1.37
CA SER D 106 -4.34 -31.20 -1.43
C SER D 106 -5.60 -30.81 -0.64
N ALA D 107 -5.44 -30.47 0.64
CA ALA D 107 -6.55 -30.11 1.56
C ALA D 107 -7.39 -28.96 0.99
N LYS D 108 -6.74 -28.02 0.33
CA LYS D 108 -7.37 -26.83 -0.27
C LYS D 108 -8.26 -27.27 -1.44
N ARG D 109 -7.94 -28.39 -2.11
CA ARG D 109 -8.75 -28.89 -3.27
C ARG D 109 -9.99 -29.61 -2.75
N LEU D 110 -9.97 -30.05 -1.50
CA LEU D 110 -11.13 -30.69 -0.84
C LEU D 110 -11.76 -29.71 0.14
N LYS D 111 -11.63 -28.41 -0.10
CA LYS D 111 -12.35 -27.36 0.66
C LYS D 111 -12.38 -27.72 2.16
N ILE D 112 -11.24 -28.21 2.70
CA ILE D 112 -10.95 -28.29 4.17
C ILE D 112 -10.18 -27.04 4.59
N PRO D 113 -10.76 -26.20 5.47
CA PRO D 113 -10.02 -25.15 6.13
C PRO D 113 -8.61 -25.56 6.55
N VAL D 114 -7.61 -24.74 6.18
CA VAL D 114 -6.17 -24.93 6.51
C VAL D 114 -5.70 -23.81 7.47
N PHE D 115 -5.03 -24.22 8.57
CA PHE D 115 -4.46 -23.38 9.65
C PHE D 115 -2.95 -23.59 9.71
N HIS D 116 -2.17 -22.50 9.68
CA HIS D 116 -0.71 -22.48 9.35
C HIS D 116 0.03 -21.64 10.38
N MET D 117 0.77 -22.28 11.31
CA MET D 117 1.70 -21.62 12.27
C MET D 117 3.08 -21.42 11.60
N GLU D 118 3.94 -20.59 12.21
CA GLU D 118 5.21 -20.10 11.59
C GLU D 118 4.87 -19.48 10.23
N ALA D 119 3.72 -18.80 10.17
CA ALA D 119 3.24 -18.09 8.98
C ALA D 119 4.13 -16.87 8.77
N GLY D 120 4.34 -16.48 7.52
CA GLY D 120 4.91 -15.18 7.17
C GLY D 120 6.38 -15.10 7.49
N ASN D 121 7.07 -16.25 7.59
CA ASN D 121 8.56 -16.32 7.67
C ASN D 121 9.15 -15.77 6.37
N ARG D 122 9.94 -14.71 6.49
CA ARG D 122 10.69 -14.10 5.35
C ARG D 122 12.06 -13.67 5.86
N CYS D 123 13.10 -14.22 5.27
CA CYS D 123 14.50 -13.76 5.42
C CYS D 123 14.87 -12.90 4.21
N PHE D 124 14.13 -13.07 3.11
CA PHE D 124 14.18 -12.20 1.92
C PHE D 124 15.36 -12.53 1.02
N ASP D 125 15.94 -13.73 1.12
CA ASP D 125 17.04 -14.18 0.22
C ASP D 125 16.48 -15.34 -0.61
N GLN D 126 16.15 -15.05 -1.86
CA GLN D 126 15.48 -16.00 -2.78
C GLN D 126 16.37 -17.22 -3.07
N ASN D 127 17.67 -17.13 -2.74
CA ASN D 127 18.64 -18.24 -2.93
C ASN D 127 18.48 -19.27 -1.80
N VAL D 128 17.80 -18.89 -0.71
CA VAL D 128 17.55 -19.75 0.49
C VAL D 128 16.34 -20.63 0.19
N PRO D 129 16.47 -21.97 0.28
CA PRO D 129 15.45 -22.89 -0.25
C PRO D 129 14.09 -22.95 0.46
N GLU D 130 14.04 -22.52 1.72
CA GLU D 130 12.78 -22.49 2.50
C GLU D 130 11.86 -21.42 1.92
N GLU D 131 12.44 -20.39 1.27
CA GLU D 131 11.71 -19.16 0.83
C GLU D 131 10.80 -19.45 -0.36
N ILE D 132 10.88 -20.64 -0.96
CA ILE D 132 9.95 -21.13 -2.02
C ILE D 132 8.63 -21.61 -1.38
N ASN D 133 8.68 -22.57 -0.44
CA ASN D 133 7.48 -23.15 0.22
C ASN D 133 6.80 -22.09 1.10
N ARG D 134 7.56 -21.32 1.89
CA ARG D 134 7.07 -20.15 2.68
C ARG D 134 6.04 -19.38 1.86
N LYS D 135 6.38 -19.06 0.60
CA LYS D 135 5.56 -18.21 -0.31
C LYS D 135 4.27 -18.96 -0.69
N ILE D 136 4.39 -20.22 -1.11
CA ILE D 136 3.24 -21.06 -1.57
C ILE D 136 2.25 -21.30 -0.40
N VAL D 137 2.72 -21.95 0.67
CA VAL D 137 1.85 -22.46 1.78
C VAL D 137 1.26 -21.28 2.58
N ASP D 138 1.86 -20.10 2.56
CA ASP D 138 1.25 -18.90 3.18
C ASP D 138 0.00 -18.52 2.38
N HIS D 139 0.06 -18.61 1.04
CA HIS D 139 -0.91 -18.01 0.09
C HIS D 139 -2.02 -19.02 -0.27
N VAL D 140 -1.85 -20.28 0.10
CA VAL D 140 -2.85 -21.39 -0.12
C VAL D 140 -3.52 -21.76 1.20
N SER D 141 -2.96 -21.36 2.33
CA SER D 141 -3.57 -21.48 3.68
C SER D 141 -4.80 -20.58 3.79
N ASP D 142 -5.75 -20.92 4.66
CA ASP D 142 -7.05 -20.21 4.82
C ASP D 142 -6.94 -19.26 6.02
N VAL D 143 -6.32 -19.72 7.12
CA VAL D 143 -5.94 -18.87 8.30
C VAL D 143 -4.46 -19.00 8.59
N ASN D 144 -3.74 -17.87 8.52
CA ASN D 144 -2.29 -17.79 8.83
C ASN D 144 -2.10 -17.34 10.28
N LEU D 145 -1.11 -17.93 10.96
CA LEU D 145 -0.83 -17.73 12.40
C LEU D 145 0.65 -17.42 12.57
N PRO D 146 1.08 -16.18 12.27
CA PRO D 146 2.48 -15.81 12.40
C PRO D 146 2.88 -15.69 13.89
N TYR D 147 4.17 -15.96 14.17
CA TYR D 147 4.78 -15.79 15.51
C TYR D 147 4.85 -14.30 15.89
N THR D 148 5.01 -13.43 14.91
CA THR D 148 5.48 -12.05 15.11
C THR D 148 4.47 -11.08 14.52
N GLU D 149 4.51 -9.83 15.01
CA GLU D 149 3.77 -8.69 14.42
C GLU D 149 4.49 -8.28 13.14
N HIS D 150 5.80 -8.56 13.04
CA HIS D 150 6.57 -8.40 11.78
C HIS D 150 5.86 -9.22 10.71
N SER D 151 5.69 -10.50 10.98
CA SER D 151 5.25 -11.47 9.98
C SER D 151 3.78 -11.22 9.63
N ARG D 152 3.02 -10.57 10.54
CA ARG D 152 1.68 -10.05 10.22
C ARG D 152 1.86 -9.03 9.09
N ARG D 153 2.69 -8.02 9.34
CA ARG D 153 2.96 -6.92 8.40
C ARG D 153 3.35 -7.53 7.05
N TYR D 154 4.27 -8.51 7.06
CA TYR D 154 4.79 -9.12 5.81
C TYR D 154 3.62 -9.78 5.07
N LEU D 155 2.79 -10.56 5.79
CA LEU D 155 1.65 -11.33 5.21
C LEU D 155 0.64 -10.33 4.67
N LEU D 156 0.46 -9.23 5.38
CA LEU D 156 -0.47 -8.15 4.98
C LEU D 156 0.01 -7.49 3.67
N ASP D 157 1.31 -7.31 3.45
CA ASP D 157 1.79 -6.54 2.25
C ASP D 157 1.85 -7.45 1.02
N GLU D 158 1.69 -8.75 1.17
CA GLU D 158 1.43 -9.65 0.02
C GLU D 158 -0.09 -9.78 -0.12
N GLY D 159 -0.82 -8.93 0.61
CA GLY D 159 -2.27 -8.71 0.42
C GLY D 159 -3.12 -9.91 0.83
N PHE D 160 -2.74 -10.60 1.90
CA PHE D 160 -3.50 -11.73 2.51
C PHE D 160 -4.64 -11.19 3.36
N ASN D 161 -5.73 -11.97 3.47
CA ASN D 161 -7.02 -11.55 4.10
C ASN D 161 -6.77 -11.06 5.55
N LYS D 162 -6.98 -9.75 5.80
CA LYS D 162 -6.79 -9.04 7.10
C LYS D 162 -7.47 -9.78 8.27
N ALA D 163 -8.66 -10.33 8.02
CA ALA D 163 -9.55 -10.97 9.02
C ALA D 163 -9.00 -12.32 9.48
N ASN D 164 -8.12 -12.94 8.66
CA ASN D 164 -7.69 -14.35 8.78
C ASN D 164 -6.20 -14.43 9.13
N ILE D 165 -5.68 -13.43 9.85
CA ILE D 165 -4.30 -13.44 10.42
C ILE D 165 -4.41 -13.27 11.93
N PHE D 166 -3.60 -13.97 12.71
CA PHE D 166 -3.59 -13.89 14.19
C PHE D 166 -2.17 -14.20 14.68
N VAL D 167 -1.62 -13.35 15.53
CA VAL D 167 -0.25 -13.48 16.09
C VAL D 167 -0.31 -14.37 17.33
N THR D 168 0.09 -15.63 17.18
CA THR D 168 0.13 -16.64 18.28
C THR D 168 1.23 -16.26 19.30
N GLY D 169 2.27 -15.52 18.89
CA GLY D 169 3.58 -15.49 19.56
C GLY D 169 4.39 -16.74 19.21
N SER D 170 5.67 -16.80 19.57
CA SER D 170 6.53 -17.99 19.30
C SER D 170 6.08 -19.15 20.19
N PRO D 171 6.03 -20.39 19.63
CA PRO D 171 5.67 -21.58 20.38
C PRO D 171 6.79 -22.12 21.29
N MET D 172 8.02 -21.60 21.15
CA MET D 172 9.24 -22.13 21.82
C MET D 172 9.17 -21.88 23.32
N THR D 173 8.92 -20.64 23.78
CA THR D 173 8.82 -20.37 25.24
C THR D 173 7.99 -21.49 25.86
N GLU D 174 6.79 -21.71 25.32
CA GLU D 174 5.83 -22.72 25.84
C GLU D 174 6.49 -24.11 25.95
N VAL D 175 7.22 -24.55 24.91
CA VAL D 175 7.82 -25.91 24.85
C VAL D 175 9.03 -26.00 25.81
N ILE D 176 9.77 -24.90 25.98
CA ILE D 176 10.90 -24.84 26.94
C ILE D 176 10.32 -24.89 28.37
N GLU D 177 9.33 -24.04 28.68
CA GLU D 177 8.51 -24.13 29.93
C GLU D 177 8.22 -25.60 30.23
N ALA D 178 7.58 -26.27 29.30
CA ALA D 178 7.04 -27.63 29.45
C ALA D 178 8.17 -28.65 29.49
N HIS D 179 9.39 -28.21 29.81
CA HIS D 179 10.55 -29.10 29.96
C HIS D 179 11.59 -28.49 30.90
N ARG D 180 11.75 -27.16 30.95
CA ARG D 180 12.96 -26.52 31.56
C ARG D 180 13.31 -27.26 32.85
N ASP D 181 12.35 -28.00 33.43
CA ASP D 181 12.57 -29.07 34.43
C ASP D 181 13.62 -30.06 33.92
N LYS D 182 13.33 -30.74 32.81
CA LYS D 182 14.21 -31.77 32.22
C LYS D 182 15.55 -31.14 31.84
N ILE D 183 15.56 -29.89 31.36
CA ILE D 183 16.80 -29.17 30.94
C ILE D 183 17.66 -28.89 32.17
N ASN D 184 17.15 -28.17 33.18
CA ASN D 184 17.94 -27.70 34.35
C ASN D 184 18.53 -28.89 35.14
N HIS D 185 17.97 -30.10 34.97
CA HIS D 185 18.48 -31.37 35.54
C HIS D 185 19.01 -32.27 34.41
N SER D 186 20.03 -31.83 33.67
CA SER D 186 20.65 -32.59 32.55
C SER D 186 22.13 -32.89 32.87
N ASP D 187 22.55 -34.13 32.58
CA ASP D 187 23.87 -34.68 32.96
C ASP D 187 24.85 -34.45 31.81
N VAL D 188 24.43 -33.74 30.75
CA VAL D 188 25.17 -33.70 29.46
C VAL D 188 26.53 -33.05 29.69
N LEU D 189 26.65 -32.20 30.72
CA LEU D 189 27.93 -31.52 31.06
C LEU D 189 28.80 -32.48 31.87
N ASN D 190 28.20 -33.20 32.82
CA ASN D 190 28.82 -34.36 33.52
C ASN D 190 29.31 -35.37 32.47
N LYS D 191 28.41 -35.80 31.57
CA LYS D 191 28.64 -36.90 30.58
C LYS D 191 29.85 -36.54 29.70
N LEU D 192 29.81 -35.40 29.01
CA LEU D 192 30.89 -34.92 28.11
C LEU D 192 32.01 -34.29 28.96
N GLY D 193 31.76 -34.08 30.25
CA GLY D 193 32.78 -33.61 31.20
C GLY D 193 33.30 -32.25 30.80
N LEU D 194 32.41 -31.28 30.61
CA LEU D 194 32.77 -29.84 30.41
C LEU D 194 32.31 -29.07 31.65
N GLU D 195 33.18 -28.22 32.19
CA GLU D 195 32.77 -27.22 33.20
C GLU D 195 31.88 -26.22 32.46
N PRO D 196 30.85 -25.63 33.12
CA PRO D 196 30.07 -24.54 32.53
C PRO D 196 30.94 -23.33 32.15
N GLN D 197 30.50 -22.57 31.15
CA GLN D 197 31.13 -21.32 30.63
C GLN D 197 32.53 -21.61 30.08
N GLN D 198 32.91 -22.89 29.92
CA GLN D 198 34.30 -23.32 29.58
C GLN D 198 34.28 -24.27 28.37
N TYR D 199 33.41 -24.00 27.39
CA TYR D 199 33.39 -24.65 26.06
C TYR D 199 32.59 -23.76 25.10
N ILE D 200 32.85 -23.91 23.80
CA ILE D 200 32.18 -23.14 22.71
C ILE D 200 31.47 -24.12 21.77
N LEU D 201 30.21 -23.82 21.44
CA LEU D 201 29.29 -24.71 20.69
C LEU D 201 29.17 -24.15 19.28
N VAL D 202 29.27 -25.01 18.26
CA VAL D 202 29.11 -24.64 16.83
C VAL D 202 28.16 -25.66 16.14
N SER D 203 26.92 -25.24 15.85
CA SER D 203 25.88 -26.05 15.15
C SER D 203 25.76 -25.57 13.71
N ALA D 204 26.50 -26.21 12.80
CA ALA D 204 26.63 -25.88 11.36
C ALA D 204 25.99 -26.98 10.53
N HIS D 205 24.67 -26.90 10.36
CA HIS D 205 23.85 -27.97 9.76
C HIS D 205 23.46 -27.58 8.33
N ARG D 206 23.34 -26.30 8.04
CA ARG D 206 22.81 -25.79 6.75
C ARG D 206 23.79 -26.12 5.64
N GLU D 207 23.33 -26.81 4.60
CA GLU D 207 23.90 -26.78 3.22
C GLU D 207 23.91 -25.34 2.72
N GLU D 208 25.04 -24.88 2.21
CA GLU D 208 25.30 -23.46 1.82
C GLU D 208 26.25 -22.84 2.85
N ASN D 209 26.27 -23.39 4.07
CA ASN D 209 27.31 -23.11 5.11
C ASN D 209 28.27 -24.31 5.17
N ILE D 210 28.05 -25.33 4.32
CA ILE D 210 28.83 -26.61 4.33
C ILE D 210 29.28 -26.99 2.91
N ASP D 211 28.37 -26.97 1.93
CA ASP D 211 28.61 -27.50 0.57
C ASP D 211 29.37 -26.46 -0.27
N ASN D 212 28.86 -25.22 -0.34
CA ASN D 212 29.58 -24.03 -0.89
C ASN D 212 30.98 -23.93 -0.26
N GLU D 213 32.00 -24.36 -1.00
CA GLU D 213 33.35 -24.70 -0.45
C GLU D 213 33.95 -23.48 0.25
N LYS D 214 33.79 -22.28 -0.31
CA LYS D 214 34.39 -21.02 0.26
C LYS D 214 33.82 -20.77 1.66
N ASN D 215 32.50 -20.92 1.81
CA ASN D 215 31.78 -20.83 3.11
C ASN D 215 32.35 -21.87 4.08
N PHE D 216 32.54 -23.12 3.62
CA PHE D 216 33.09 -24.22 4.43
C PHE D 216 34.52 -23.91 4.86
N LYS D 217 35.29 -23.26 3.98
CA LYS D 217 36.70 -22.91 4.29
C LYS D 217 36.68 -21.80 5.35
N SER D 218 35.99 -20.69 5.07
CA SER D 218 35.94 -19.50 5.95
C SER D 218 35.45 -19.89 7.36
N LEU D 219 34.72 -21.01 7.49
CA LEU D 219 34.12 -21.48 8.77
C LEU D 219 35.09 -22.39 9.53
N MET D 220 35.65 -23.40 8.86
CA MET D 220 36.63 -24.36 9.44
C MET D 220 37.84 -23.57 9.95
N ASN D 221 38.56 -22.94 9.01
CA ASN D 221 39.59 -21.91 9.28
C ASN D 221 39.18 -21.13 10.54
N ALA D 222 37.92 -20.69 10.62
CA ALA D 222 37.40 -19.86 11.73
C ALA D 222 37.33 -20.68 13.03
N ILE D 223 36.80 -21.89 12.98
CA ILE D 223 36.55 -22.72 14.19
C ILE D 223 37.88 -22.94 14.90
N ASN D 224 38.96 -23.16 14.14
CA ASN D 224 40.35 -23.31 14.65
C ASN D 224 40.78 -22.08 15.46
N ASP D 225 40.81 -20.92 14.81
CA ASP D 225 41.40 -19.68 15.36
C ASP D 225 40.63 -19.31 16.64
N ILE D 226 39.40 -19.83 16.78
CA ILE D 226 38.52 -19.68 17.99
C ILE D 226 39.00 -20.68 19.05
N ALA D 227 39.05 -21.98 18.71
CA ALA D 227 39.65 -23.01 19.58
C ALA D 227 40.93 -22.42 20.19
N LYS D 228 41.82 -21.91 19.35
CA LYS D 228 43.17 -21.38 19.71
C LYS D 228 43.07 -20.14 20.60
N LYS D 229 42.34 -19.11 20.17
CA LYS D 229 42.36 -17.78 20.84
C LYS D 229 41.80 -17.92 22.25
N TYR D 230 40.82 -18.81 22.44
CA TYR D 230 40.08 -18.94 23.72
C TYR D 230 40.67 -20.09 24.54
N LYS D 231 41.18 -21.14 23.88
CA LYS D 231 41.91 -22.29 24.49
C LYS D 231 40.92 -23.15 25.28
N MET D 232 39.69 -23.26 24.75
CA MET D 232 38.60 -24.11 25.31
C MET D 232 38.26 -25.18 24.28
N PRO D 233 37.72 -26.34 24.72
CA PRO D 233 37.24 -27.36 23.78
C PRO D 233 36.06 -26.80 22.98
N VAL D 234 35.89 -27.21 21.72
CA VAL D 234 34.86 -26.66 20.79
C VAL D 234 33.88 -27.78 20.41
N ILE D 235 32.74 -27.86 21.09
CA ILE D 235 31.63 -28.78 20.72
C ILE D 235 31.16 -28.35 19.33
N TYR D 236 31.35 -29.19 18.32
CA TYR D 236 31.01 -28.87 16.90
C TYR D 236 30.11 -29.95 16.32
N SER D 237 28.81 -29.63 16.14
CA SER D 237 27.79 -30.52 15.55
C SER D 237 27.44 -30.08 14.12
N THR D 238 27.70 -30.96 13.16
CA THR D 238 27.44 -30.78 11.71
C THR D 238 26.96 -32.14 11.18
N HIS D 239 26.93 -32.33 9.87
CA HIS D 239 26.39 -33.55 9.19
C HIS D 239 27.52 -34.57 8.96
N PRO D 240 27.21 -35.80 8.53
CA PRO D 240 28.21 -36.70 7.94
C PRO D 240 29.07 -36.07 6.82
N ARG D 241 28.43 -35.57 5.77
CA ARG D 241 29.07 -35.16 4.48
C ARG D 241 30.32 -34.31 4.74
N SER D 242 30.26 -33.37 5.70
CA SER D 242 31.39 -32.49 6.07
C SER D 242 32.53 -33.36 6.61
N TRP D 243 32.35 -33.97 7.78
CA TRP D 243 33.36 -34.87 8.41
C TRP D 243 34.14 -35.60 7.29
N LYS D 244 33.43 -36.25 6.36
CA LYS D 244 33.99 -37.08 5.25
C LYS D 244 34.97 -36.26 4.38
N LYS D 245 34.66 -34.97 4.17
CA LYS D 245 35.45 -34.06 3.29
C LYS D 245 36.25 -33.06 4.15
N ILE D 246 36.13 -33.10 5.49
CA ILE D 246 36.94 -32.26 6.41
C ILE D 246 38.32 -32.91 6.56
N GLU D 247 38.39 -34.23 6.46
CA GLU D 247 39.63 -35.03 6.61
C GLU D 247 40.31 -35.11 5.23
N GLU D 248 40.83 -33.97 4.77
CA GLU D 248 41.44 -33.76 3.43
C GLU D 248 42.62 -32.81 3.58
N SER D 249 43.70 -33.29 4.22
CA SER D 249 44.92 -32.53 4.62
C SER D 249 44.67 -31.88 5.99
N LYS D 250 43.86 -30.82 6.00
CA LYS D 250 43.54 -30.00 7.20
C LYS D 250 42.40 -30.68 7.97
N PHE D 251 42.60 -31.94 8.39
CA PHE D 251 41.74 -32.66 9.38
C PHE D 251 42.26 -32.39 10.80
N GLU D 252 43.51 -31.89 10.90
CA GLU D 252 44.28 -31.80 12.18
C GLU D 252 43.59 -30.82 13.15
N PHE D 253 42.80 -29.86 12.63
CA PHE D 253 42.39 -28.62 13.35
C PHE D 253 42.33 -28.89 14.86
N ASP D 254 43.42 -28.54 15.55
CA ASP D 254 43.56 -28.45 17.03
C ASP D 254 43.05 -29.70 17.72
N PRO D 255 43.61 -30.03 18.91
CA PRO D 255 43.09 -31.13 19.71
C PRO D 255 41.72 -30.71 20.28
N LEU D 256 41.59 -29.41 20.60
CA LEU D 256 40.45 -28.82 21.34
C LEU D 256 39.13 -29.12 20.63
N VAL D 257 39.08 -28.96 19.30
CA VAL D 257 37.86 -29.22 18.47
C VAL D 257 37.50 -30.70 18.61
N LYS D 258 36.28 -30.98 19.09
CA LYS D 258 35.81 -32.36 19.34
C LYS D 258 34.49 -32.60 18.56
N GLN D 259 34.08 -33.87 18.48
CA GLN D 259 32.90 -34.37 17.73
C GLN D 259 31.65 -34.42 18.63
N LEU D 260 30.47 -34.10 18.07
CA LEU D 260 29.15 -34.32 18.74
C LEU D 260 28.43 -35.53 18.12
N LYS D 261 27.70 -36.26 18.96
CA LYS D 261 26.58 -37.14 18.56
C LYS D 261 25.39 -36.21 18.32
N PRO D 262 24.26 -36.66 17.72
CA PRO D 262 23.00 -35.95 17.95
C PRO D 262 22.75 -35.96 19.47
N PHE D 263 21.99 -34.99 19.99
CA PHE D 263 21.49 -35.00 21.39
C PHE D 263 20.05 -34.47 21.42
N GLY D 264 19.24 -34.97 22.36
CA GLY D 264 17.82 -34.65 22.48
C GLY D 264 17.60 -33.15 22.56
N PHE D 265 16.35 -32.69 22.39
CA PHE D 265 15.99 -31.28 22.63
C PHE D 265 16.60 -30.88 23.97
N PHE D 266 16.24 -31.61 25.04
CA PHE D 266 16.56 -31.27 26.45
C PHE D 266 18.07 -31.08 26.58
N ASP D 267 18.84 -32.11 26.21
CA ASP D 267 20.31 -32.17 26.40
C ASP D 267 20.97 -31.02 25.62
N TYR D 268 20.70 -30.91 24.32
CA TYR D 268 21.36 -29.93 23.41
C TYR D 268 21.06 -28.50 23.90
N ASN D 269 19.84 -28.23 24.32
CA ASN D 269 19.49 -26.90 24.90
C ASN D 269 20.31 -26.72 26.17
N ALA D 270 20.37 -27.74 27.03
CA ALA D 270 21.10 -27.76 28.32
C ALA D 270 22.60 -27.50 28.07
N LEU D 271 23.17 -28.23 27.11
CA LEU D 271 24.51 -27.97 26.56
C LEU D 271 24.62 -26.51 26.09
N GLN D 272 23.64 -26.00 25.34
CA GLN D 272 23.64 -24.60 24.84
C GLN D 272 23.73 -23.64 26.03
N LYS D 273 22.77 -23.66 26.95
CA LYS D 273 22.58 -22.56 27.94
C LYS D 273 23.91 -22.28 28.65
N ASP D 274 24.65 -23.31 29.03
CA ASP D 274 25.87 -23.17 29.88
C ASP D 274 27.14 -23.00 29.02
N ALA D 275 27.03 -22.85 27.69
CA ALA D 275 28.18 -22.60 26.77
C ALA D 275 28.72 -21.19 27.01
N PHE D 276 29.99 -20.96 26.63
CA PHE D 276 30.66 -19.63 26.68
C PHE D 276 30.09 -18.78 25.55
N VAL D 277 30.18 -19.29 24.31
CA VAL D 277 29.57 -18.75 23.05
C VAL D 277 28.95 -19.92 22.28
N VAL D 278 27.94 -19.62 21.44
CA VAL D 278 27.22 -20.62 20.59
C VAL D 278 27.08 -20.07 19.17
N LEU D 279 27.75 -20.69 18.21
CA LEU D 279 27.64 -20.37 16.76
C LEU D 279 26.66 -21.34 16.08
N SER D 280 25.51 -20.85 15.62
CA SER D 280 24.44 -21.70 15.06
C SER D 280 23.82 -21.04 13.82
N ASP D 281 23.14 -21.84 12.99
CA ASP D 281 22.28 -21.37 11.86
C ASP D 281 20.89 -22.03 11.97
N SER D 282 20.77 -23.02 12.86
CA SER D 282 19.50 -23.50 13.45
C SER D 282 18.61 -22.30 13.78
N GLY D 283 17.47 -22.16 13.09
CA GLY D 283 16.55 -21.01 13.19
C GLY D 283 16.25 -20.68 14.63
N THR D 284 16.02 -21.74 15.43
CA THR D 284 15.86 -21.77 16.93
C THR D 284 16.82 -20.80 17.64
N LEU D 285 18.12 -20.87 17.36
CA LEU D 285 19.15 -20.02 18.02
C LEU D 285 18.54 -18.63 18.34
N SER D 286 18.04 -17.92 17.32
CA SER D 286 17.46 -16.55 17.46
C SER D 286 16.52 -16.53 18.67
N GLU D 287 15.69 -17.58 18.84
CA GLU D 287 14.71 -17.71 19.95
C GLU D 287 15.39 -18.37 21.17
N GLU D 288 16.01 -19.53 20.99
CA GLU D 288 16.60 -20.35 22.08
C GLU D 288 17.45 -19.45 22.99
N SER D 289 18.11 -18.43 22.44
CA SER D 289 19.03 -17.53 23.19
C SER D 289 18.29 -16.28 23.74
N SER D 290 17.08 -15.96 23.26
CA SER D 290 16.26 -14.88 23.87
C SER D 290 15.75 -15.40 25.23
N ILE D 291 15.59 -16.72 25.31
CA ILE D 291 14.75 -17.42 26.33
C ILE D 291 15.69 -18.05 27.37
N LEU D 292 16.43 -19.07 26.98
CA LEU D 292 17.61 -19.57 27.72
C LEU D 292 18.80 -18.62 27.50
N LYS D 293 18.90 -17.54 28.26
CA LYS D 293 19.58 -16.28 27.83
C LYS D 293 21.11 -16.44 27.69
N PHE D 294 21.60 -17.01 26.57
CA PHE D 294 23.03 -17.27 26.27
C PHE D 294 23.52 -16.42 25.09
N PRO D 295 24.84 -16.15 24.99
CA PRO D 295 25.46 -15.62 23.76
C PRO D 295 25.27 -16.46 22.49
N GLY D 296 24.47 -15.93 21.56
CA GLY D 296 24.21 -16.51 20.23
C GLY D 296 24.85 -15.69 19.12
N VAL D 297 25.54 -16.36 18.21
CA VAL D 297 26.08 -15.79 16.95
C VAL D 297 25.53 -16.63 15.82
N LEU D 298 24.80 -16.00 14.91
CA LEU D 298 24.07 -16.68 13.80
C LEU D 298 24.99 -16.76 12.59
N ILE D 299 25.50 -17.95 12.27
CA ILE D 299 26.29 -18.16 11.02
C ILE D 299 25.32 -18.18 9.83
N ARG D 300 24.89 -16.99 9.36
CA ARG D 300 23.91 -16.82 8.27
C ARG D 300 23.96 -15.39 7.73
N THR D 301 23.51 -15.17 6.51
CA THR D 301 23.55 -13.84 5.83
C THR D 301 22.21 -13.14 5.98
N SER D 302 21.16 -13.87 6.38
CA SER D 302 19.76 -13.39 6.52
C SER D 302 19.14 -13.97 7.80
N THR D 303 18.09 -13.33 8.31
CA THR D 303 17.29 -13.84 9.45
C THR D 303 15.82 -13.71 9.13
N GLU D 304 15.05 -14.71 9.55
CA GLU D 304 13.58 -14.69 9.62
C GLU D 304 13.17 -14.25 11.04
N ARG D 305 14.12 -13.84 11.87
CA ARG D 305 13.90 -13.41 13.29
C ARG D 305 14.53 -12.05 13.54
N PRO D 306 14.07 -10.99 12.85
CA PRO D 306 14.44 -9.61 13.17
C PRO D 306 13.99 -9.12 14.56
N GLU D 307 12.92 -9.71 15.09
CA GLU D 307 12.35 -9.28 16.41
C GLU D 307 13.47 -9.28 17.48
N VAL D 308 14.47 -10.14 17.30
CA VAL D 308 15.62 -10.32 18.23
C VAL D 308 16.63 -9.18 18.07
N LEU D 309 16.96 -8.79 16.84
CA LEU D 309 17.90 -7.66 16.55
C LEU D 309 17.30 -6.35 17.08
N ASP D 310 15.97 -6.29 17.15
CA ASP D 310 15.20 -5.11 17.64
C ASP D 310 15.53 -4.88 19.12
N LYS D 311 15.84 -5.97 19.86
CA LYS D 311 15.96 -6.02 21.34
C LYS D 311 17.42 -6.26 21.78
N GLY D 312 18.28 -6.72 20.86
CA GLY D 312 19.75 -6.81 21.02
C GLY D 312 20.15 -8.11 21.70
N THR D 313 19.57 -9.22 21.26
CA THR D 313 19.65 -10.55 21.92
C THR D 313 20.55 -11.47 21.09
N VAL D 314 20.90 -11.07 19.87
CA VAL D 314 21.75 -11.88 18.96
C VAL D 314 22.61 -10.97 18.09
N ILE D 315 23.75 -11.52 17.66
CA ILE D 315 24.69 -10.97 16.64
C ILE D 315 24.72 -11.93 15.46
N VAL D 316 24.53 -11.43 14.24
CA VAL D 316 24.58 -12.25 13.00
C VAL D 316 26.03 -12.27 12.52
N GLY D 317 26.73 -13.36 12.80
CA GLY D 317 28.16 -13.53 12.54
C GLY D 317 28.44 -13.64 11.06
N GLY D 318 27.51 -14.21 10.31
CA GLY D 318 27.69 -14.44 8.86
C GLY D 318 28.71 -15.54 8.60
N ILE D 319 29.24 -15.61 7.38
CA ILE D 319 30.02 -16.76 6.84
C ILE D 319 31.45 -16.33 6.54
N THR D 320 31.70 -15.06 6.27
CA THR D 320 33.07 -14.54 6.00
C THR D 320 33.88 -14.61 7.30
N TYR D 321 35.07 -15.21 7.23
CA TYR D 321 35.94 -15.62 8.37
C TYR D 321 36.12 -14.44 9.33
N ASN D 322 36.68 -13.36 8.82
CA ASN D 322 36.92 -12.11 9.59
C ASN D 322 35.68 -11.79 10.47
N ASN D 323 34.54 -11.46 9.87
CA ASN D 323 33.34 -10.96 10.58
C ASN D 323 32.91 -11.99 11.62
N LEU D 324 33.22 -13.26 11.40
CA LEU D 324 32.90 -14.35 12.34
C LEU D 324 33.68 -14.15 13.63
N ILE D 325 35.00 -14.03 13.51
CA ILE D 325 35.89 -13.84 14.68
C ILE D 325 35.44 -12.57 15.42
N GLN D 326 35.23 -11.46 14.72
CA GLN D 326 34.79 -10.19 15.36
C GLN D 326 33.48 -10.44 16.13
N SER D 327 32.56 -11.19 15.54
CA SER D 327 31.22 -11.44 16.11
C SER D 327 31.38 -12.17 17.44
N VAL D 328 32.19 -13.23 17.45
CA VAL D 328 32.33 -14.13 18.62
C VAL D 328 33.01 -13.38 19.76
N GLU D 329 34.00 -12.55 19.43
CA GLU D 329 34.65 -11.66 20.41
C GLU D 329 33.56 -10.78 21.00
N LEU D 330 32.78 -10.11 20.14
CA LEU D 330 31.74 -9.12 20.53
C LEU D 330 30.76 -9.79 21.51
N ALA D 331 30.50 -11.09 21.33
CA ALA D 331 29.65 -11.89 22.24
C ALA D 331 30.35 -11.95 23.61
N ARG D 332 31.51 -12.60 23.65
CA ARG D 332 32.26 -12.83 24.91
C ARG D 332 32.46 -11.46 25.57
N GLU D 333 33.04 -10.51 24.82
CA GLU D 333 33.49 -9.19 25.33
C GLU D 333 32.30 -8.44 25.94
N MET D 334 31.08 -8.82 25.56
CA MET D 334 29.82 -8.16 25.98
C MET D 334 29.25 -8.92 27.20
N GLN D 335 29.27 -10.26 27.18
CA GLN D 335 28.75 -11.07 28.31
C GLN D 335 29.66 -10.91 29.54
N ASN D 336 30.94 -10.60 29.35
CA ASN D 336 31.88 -10.40 30.48
C ASN D 336 31.52 -9.07 31.13
N ASN D 337 31.25 -8.02 30.34
CA ASN D 337 30.74 -6.71 30.84
C ASN D 337 29.31 -6.84 31.36
N ASN D 338 28.73 -8.05 31.30
CA ASN D 338 27.37 -8.37 31.85
C ASN D 338 26.35 -7.41 31.23
N GLU D 339 26.08 -7.55 29.94
CA GLU D 339 25.21 -6.60 29.18
C GLU D 339 23.82 -7.21 29.05
N PRO D 340 22.77 -6.38 28.93
CA PRO D 340 21.39 -6.86 29.01
C PRO D 340 20.99 -7.77 27.84
N MET D 341 20.55 -8.98 28.15
CA MET D 341 19.64 -9.81 27.31
C MET D 341 18.22 -9.45 27.73
N ILE D 342 17.29 -9.39 26.77
CA ILE D 342 15.93 -8.81 26.94
C ILE D 342 14.93 -9.67 26.16
N ASP D 343 13.69 -9.75 26.63
CA ASP D 343 12.67 -10.64 26.04
C ASP D 343 12.07 -9.95 24.82
N ALA D 344 12.10 -10.65 23.70
CA ALA D 344 11.37 -10.29 22.47
C ALA D 344 9.87 -10.25 22.79
N ILE D 345 9.18 -9.24 22.24
CA ILE D 345 7.75 -8.96 22.55
C ILE D 345 6.94 -10.23 22.26
N ASP D 346 7.01 -10.75 21.04
CA ASP D 346 6.12 -11.84 20.57
C ASP D 346 6.59 -13.19 21.17
N TYR D 347 7.70 -13.22 21.91
CA TYR D 347 8.23 -14.46 22.55
C TYR D 347 7.78 -14.58 24.02
N LYS D 348 7.00 -13.63 24.54
CA LYS D 348 6.65 -13.65 26.00
C LYS D 348 5.51 -14.64 26.23
N ASP D 349 4.51 -14.71 25.37
CA ASP D 349 3.30 -15.51 25.67
C ASP D 349 3.65 -17.00 25.61
N THR D 350 3.07 -17.76 26.56
CA THR D 350 3.32 -19.22 26.80
C THR D 350 2.03 -20.04 26.66
N ASN D 351 0.97 -19.47 26.10
CA ASN D 351 -0.35 -20.12 25.95
C ASN D 351 -0.71 -20.17 24.46
N VAL D 352 0.20 -20.69 23.64
CA VAL D 352 0.07 -20.72 22.16
C VAL D 352 -0.76 -21.94 21.76
N SER D 353 -0.49 -23.08 22.41
CA SER D 353 -1.28 -24.33 22.34
C SER D 353 -2.77 -24.00 22.39
N THR D 354 -3.22 -23.42 23.51
CA THR D 354 -4.62 -23.05 23.78
C THR D 354 -5.06 -22.01 22.71
N LYS D 355 -4.32 -20.91 22.59
CA LYS D 355 -4.57 -19.78 21.65
C LYS D 355 -5.07 -20.29 20.30
N VAL D 356 -4.31 -21.21 19.70
CA VAL D 356 -4.62 -21.86 18.40
C VAL D 356 -5.96 -22.57 18.55
N VAL D 357 -6.04 -23.48 19.52
CA VAL D 357 -7.22 -24.37 19.72
C VAL D 357 -8.50 -23.53 19.65
N LYS D 358 -8.59 -22.43 20.39
CA LYS D 358 -9.78 -21.54 20.33
C LYS D 358 -9.93 -21.01 18.89
N ILE D 359 -8.84 -20.50 18.29
CA ILE D 359 -8.83 -19.90 16.92
C ILE D 359 -9.28 -20.94 15.87
N ILE D 360 -9.04 -22.24 16.09
CA ILE D 360 -9.48 -23.32 15.15
C ILE D 360 -10.99 -23.53 15.33
N GLN D 361 -11.46 -23.70 16.56
CA GLN D 361 -12.90 -23.96 16.82
C GLN D 361 -13.71 -22.79 16.25
N SER D 362 -13.07 -21.62 16.14
CA SER D 362 -13.71 -20.34 15.75
C SER D 362 -13.79 -20.22 14.22
N TYR D 363 -12.67 -20.37 13.54
CA TYR D 363 -12.52 -20.00 12.12
C TYR D 363 -12.67 -21.24 11.26
N LYS D 364 -12.76 -22.43 11.87
CA LYS D 364 -13.17 -23.67 11.16
C LYS D 364 -14.37 -23.32 10.30
N ASP D 365 -15.37 -22.69 10.92
CA ASP D 365 -16.72 -22.49 10.35
C ASP D 365 -16.74 -21.17 9.57
N ILE D 366 -16.24 -20.10 10.17
CA ILE D 366 -16.11 -18.78 9.51
C ILE D 366 -15.58 -19.00 8.10
N ILE D 367 -14.62 -19.92 7.92
CA ILE D 367 -14.00 -20.19 6.59
C ILE D 367 -14.95 -20.99 5.71
N ASN D 368 -15.68 -21.96 6.25
CA ASN D 368 -16.64 -22.77 5.44
C ASN D 368 -17.73 -21.84 4.88
N ARG D 369 -18.11 -20.79 5.63
CA ARG D 369 -19.19 -19.84 5.25
C ARG D 369 -18.63 -18.77 4.29
N ASN D 370 -17.47 -18.20 4.58
CA ASN D 370 -16.97 -17.05 3.81
C ASN D 370 -16.29 -17.55 2.53
N THR D 371 -15.23 -18.35 2.66
CA THR D 371 -14.36 -18.79 1.54
C THR D 371 -15.08 -19.85 0.67
N TRP D 372 -15.92 -20.70 1.28
CA TRP D 372 -16.55 -21.87 0.58
C TRP D 372 -18.07 -21.75 0.49
N ARG D 373 -18.65 -20.67 1.02
CA ARG D 373 -20.12 -20.39 1.00
C ARG D 373 -20.87 -21.73 1.02
N LYS D 374 -21.36 -22.18 2.17
CA LYS D 374 -21.90 -23.57 2.34
C LYS D 374 -23.31 -23.55 2.97
N MET E 1 -41.22 -9.85 -21.49
CA MET E 1 -39.83 -9.36 -21.31
C MET E 1 -39.50 -9.35 -19.81
N GLU E 2 -40.07 -8.38 -19.06
CA GLU E 2 -39.69 -8.01 -17.66
C GLU E 2 -38.33 -7.28 -17.69
N LYS E 3 -38.32 -5.98 -17.38
CA LYS E 3 -37.11 -5.10 -17.49
C LYS E 3 -36.56 -4.74 -16.10
N LEU E 4 -35.31 -4.31 -16.06
CA LEU E 4 -34.61 -3.87 -14.83
C LEU E 4 -35.18 -2.52 -14.41
N LYS E 5 -35.59 -2.38 -13.14
CA LYS E 5 -36.14 -1.10 -12.62
C LYS E 5 -34.97 -0.27 -12.07
N LEU E 6 -34.61 0.78 -12.80
CA LEU E 6 -33.53 1.70 -12.39
C LEU E 6 -34.16 3.03 -11.99
N MET E 7 -34.01 3.40 -10.72
CA MET E 7 -34.26 4.77 -10.22
C MET E 7 -32.97 5.57 -10.38
N THR E 8 -32.99 6.62 -11.21
CA THR E 8 -31.87 7.59 -11.40
C THR E 8 -32.21 8.89 -10.65
N ILE E 9 -31.44 9.24 -9.62
CA ILE E 9 -31.77 10.36 -8.67
C ILE E 9 -30.81 11.53 -8.93
N VAL E 10 -31.37 12.71 -9.21
CA VAL E 10 -30.60 13.93 -9.62
C VAL E 10 -31.10 15.11 -8.80
N GLY E 11 -30.66 16.34 -9.10
CA GLY E 11 -31.04 17.53 -8.31
C GLY E 11 -30.52 18.84 -8.86
N THR E 12 -29.32 18.86 -9.46
CA THR E 12 -28.69 20.09 -10.01
C THR E 12 -28.58 19.95 -11.52
N ARG E 13 -28.48 21.07 -12.24
CA ARG E 13 -28.51 21.13 -13.71
C ARG E 13 -27.31 20.36 -14.28
N PRO E 14 -26.06 20.63 -13.85
CA PRO E 14 -24.87 19.97 -14.40
C PRO E 14 -24.87 18.45 -14.22
N GLU E 15 -25.20 17.98 -13.01
CA GLU E 15 -25.65 16.60 -12.74
C GLU E 15 -26.35 16.05 -13.99
N ILE E 16 -27.48 16.68 -14.35
CA ILE E 16 -28.39 16.19 -15.43
C ILE E 16 -27.64 16.21 -16.76
N ILE E 17 -27.00 17.33 -17.07
CA ILE E 17 -26.35 17.55 -18.38
C ILE E 17 -25.45 16.34 -18.70
N ARG E 18 -24.79 15.79 -17.67
CA ARG E 18 -23.76 14.73 -17.82
C ARG E 18 -24.45 13.38 -17.93
N LEU E 19 -25.54 13.22 -17.21
CA LEU E 19 -26.45 12.06 -17.33
C LEU E 19 -27.31 12.20 -18.59
N SER E 20 -27.41 13.41 -19.16
CA SER E 20 -28.26 13.72 -20.35
C SER E 20 -28.31 12.51 -21.30
N SER E 21 -27.16 12.14 -21.90
CA SER E 21 -27.06 11.03 -22.88
C SER E 21 -27.33 9.68 -22.20
N THR E 22 -26.92 9.57 -20.93
CA THR E 22 -26.89 8.32 -20.11
C THR E 22 -28.31 7.90 -19.73
N ILE E 23 -29.14 8.87 -19.34
CA ILE E 23 -30.58 8.74 -19.01
C ILE E 23 -31.32 8.22 -20.24
N LYS E 24 -31.12 8.88 -21.39
CA LYS E 24 -31.71 8.51 -22.70
C LYS E 24 -31.59 7.01 -22.91
N ALA E 25 -30.39 6.47 -22.70
CA ALA E 25 -30.05 5.05 -22.97
C ALA E 25 -30.71 4.15 -21.92
N CYS E 26 -30.86 4.64 -20.69
CA CYS E 26 -31.50 3.88 -19.58
C CYS E 26 -33.01 3.77 -19.85
N ASP E 27 -33.60 4.78 -20.49
CA ASP E 27 -35.01 4.76 -20.95
C ASP E 27 -35.18 3.70 -22.03
N GLN E 28 -34.20 3.61 -22.93
CA GLN E 28 -34.22 2.70 -24.10
C GLN E 28 -34.26 1.26 -23.59
N TYR E 29 -33.29 0.88 -22.76
CA TYR E 29 -32.94 -0.53 -22.45
C TYR E 29 -33.46 -0.95 -21.07
N PHE E 30 -33.88 0.00 -20.20
CA PHE E 30 -34.41 -0.28 -18.84
C PHE E 30 -35.79 0.37 -18.62
N ASN E 31 -36.23 0.32 -17.36
CA ASN E 31 -37.53 0.80 -16.83
C ASN E 31 -37.23 2.02 -15.94
N GLN E 32 -36.58 3.04 -16.50
CA GLN E 32 -35.91 4.10 -15.71
C GLN E 32 -36.96 5.03 -15.07
N ILE E 33 -37.05 5.02 -13.75
CA ILE E 33 -37.79 6.04 -12.96
C ILE E 33 -36.81 7.16 -12.57
N LEU E 34 -37.00 8.35 -13.14
CA LEU E 34 -36.09 9.51 -12.99
C LEU E 34 -36.61 10.42 -11.86
N VAL E 35 -36.08 10.27 -10.66
CA VAL E 35 -36.46 11.13 -9.51
C VAL E 35 -35.60 12.39 -9.49
N HIS E 36 -36.20 13.53 -9.14
CA HIS E 36 -35.55 14.83 -8.86
C HIS E 36 -35.76 15.18 -7.37
N THR E 37 -34.77 15.78 -6.69
CA THR E 37 -34.85 16.12 -5.23
C THR E 37 -35.48 17.50 -5.04
N GLY E 38 -35.63 18.26 -6.13
CA GLY E 38 -36.11 19.67 -6.09
C GLY E 38 -37.59 19.77 -6.45
N GLN E 39 -37.99 20.96 -6.93
CA GLN E 39 -39.40 21.32 -7.22
C GLN E 39 -39.59 21.48 -8.75
N ASN E 40 -40.81 21.23 -9.23
CA ASN E 40 -41.26 21.49 -10.62
C ASN E 40 -42.14 22.75 -10.65
N TYR E 41 -42.49 23.28 -9.46
CA TYR E 41 -43.55 24.31 -9.29
C TYR E 41 -42.91 25.70 -9.18
N ASP E 42 -41.87 25.94 -9.99
CA ASP E 42 -41.60 27.22 -10.69
C ASP E 42 -41.11 26.90 -12.11
N TYR E 43 -41.35 25.65 -12.54
CA TYR E 43 -40.56 24.89 -13.54
C TYR E 43 -41.47 24.53 -14.72
N THR E 44 -42.49 25.36 -14.98
CA THR E 44 -43.29 25.36 -16.23
C THR E 44 -42.83 26.54 -17.10
N LEU E 45 -42.02 27.46 -16.53
CA LEU E 45 -41.20 28.44 -17.28
C LEU E 45 -39.86 27.78 -17.68
N ASN E 46 -39.22 27.07 -16.74
CA ASN E 46 -37.85 26.47 -16.90
C ASN E 46 -37.97 24.99 -17.33
N GLN E 47 -39.12 24.58 -17.89
CA GLN E 47 -39.35 23.20 -18.39
C GLN E 47 -38.63 23.08 -19.74
N ILE E 48 -38.64 24.15 -20.55
CA ILE E 48 -37.95 24.22 -21.89
C ILE E 48 -36.47 23.86 -21.68
N PHE E 49 -35.76 24.63 -20.84
CA PHE E 49 -34.30 24.50 -20.57
C PHE E 49 -33.89 23.01 -20.58
N PHE E 50 -34.61 22.15 -19.85
CA PHE E 50 -34.26 20.73 -19.57
C PHE E 50 -35.36 19.79 -20.07
N ASP E 51 -36.00 20.21 -21.16
CA ASP E 51 -36.55 19.35 -22.25
C ASP E 51 -35.70 19.60 -23.49
N ASP E 52 -35.41 20.89 -23.78
CA ASP E 52 -34.52 21.35 -24.89
C ASP E 52 -33.21 20.56 -24.91
N LEU E 53 -32.85 19.92 -23.80
CA LEU E 53 -31.77 18.90 -23.75
C LEU E 53 -32.20 17.66 -24.54
N GLU E 54 -33.38 17.71 -25.18
CA GLU E 54 -34.06 16.57 -25.84
C GLU E 54 -34.24 15.43 -24.82
N LEU E 55 -34.75 15.74 -23.63
CA LEU E 55 -34.88 14.77 -22.50
C LEU E 55 -36.32 14.74 -21.99
N ARG E 56 -36.86 13.56 -21.73
CA ARG E 56 -38.17 13.41 -21.01
C ARG E 56 -38.01 14.04 -19.62
N GLN E 57 -39.09 14.62 -19.07
CA GLN E 57 -39.15 15.18 -17.68
C GLN E 57 -39.13 14.05 -16.65
N PRO E 58 -38.72 14.33 -15.38
CA PRO E 58 -38.73 13.31 -14.32
C PRO E 58 -40.13 12.82 -13.90
N ASP E 59 -40.22 11.56 -13.45
CA ASP E 59 -41.48 10.87 -13.07
C ASP E 59 -41.90 11.23 -11.64
N HIS E 60 -41.13 12.07 -10.95
CA HIS E 60 -41.20 12.25 -9.47
C HIS E 60 -40.33 13.44 -9.07
N TYR E 61 -40.94 14.45 -8.43
CA TYR E 61 -40.27 15.68 -7.91
C TYR E 61 -40.41 15.66 -6.39
N LEU E 62 -39.31 15.45 -5.66
CA LEU E 62 -39.37 15.13 -4.21
C LEU E 62 -39.60 16.42 -3.40
N GLU E 63 -39.54 17.58 -4.06
CA GLU E 63 -39.72 18.91 -3.43
C GLU E 63 -39.07 18.92 -2.04
N ALA E 64 -37.90 18.28 -1.89
CA ALA E 64 -37.01 18.39 -0.71
C ALA E 64 -36.51 19.83 -0.64
N VAL E 65 -35.79 20.19 0.42
CA VAL E 65 -35.29 21.58 0.69
C VAL E 65 -36.05 22.09 1.90
N GLY E 66 -35.40 22.98 2.66
CA GLY E 66 -35.91 23.53 3.93
C GLY E 66 -35.04 24.67 4.43
N SER E 67 -35.51 25.36 5.48
CA SER E 67 -34.80 26.49 6.15
C SER E 67 -33.31 26.49 5.78
N ASN E 68 -32.54 25.58 6.39
CA ASN E 68 -31.05 25.59 6.38
C ASN E 68 -30.53 24.35 5.65
N LEU E 69 -29.36 24.47 5.00
CA LEU E 69 -28.48 23.33 4.62
C LEU E 69 -28.30 22.43 5.85
N GLY E 70 -29.16 21.44 6.03
CA GLY E 70 -29.27 20.63 7.26
C GLY E 70 -30.62 19.96 7.31
N GLU E 71 -31.68 20.74 7.52
CA GLU E 71 -33.09 20.37 7.22
C GLU E 71 -33.10 19.75 5.82
N THR E 72 -32.47 20.43 4.87
CA THR E 72 -32.50 20.13 3.41
C THR E 72 -31.77 18.81 3.15
N MET E 73 -30.62 18.58 3.80
CA MET E 73 -29.92 17.26 3.76
C MET E 73 -30.87 16.21 4.36
N GLY E 74 -31.29 16.45 5.61
CA GLY E 74 -32.24 15.59 6.36
C GLY E 74 -33.34 15.07 5.46
N ASN E 75 -34.08 15.99 4.84
CA ASN E 75 -35.15 15.69 3.85
C ASN E 75 -34.62 14.67 2.84
N ILE E 76 -33.56 15.03 2.11
CA ILE E 76 -33.16 14.30 0.90
C ILE E 76 -32.93 12.83 1.28
N ILE E 77 -32.58 12.57 2.54
CA ILE E 77 -32.40 11.18 3.06
C ILE E 77 -33.77 10.50 3.19
N ALA E 78 -34.71 11.16 3.87
CA ALA E 78 -36.06 10.62 4.20
C ALA E 78 -36.92 10.52 2.95
N LYS E 79 -36.95 11.60 2.15
CA LYS E 79 -37.84 11.75 0.96
C LYS E 79 -37.43 10.76 -0.12
N THR E 80 -36.14 10.41 -0.14
CA THR E 80 -35.53 9.37 -0.99
C THR E 80 -35.85 7.99 -0.44
N TYR E 81 -35.62 7.81 0.87
CA TYR E 81 -35.93 6.57 1.60
C TYR E 81 -37.35 6.14 1.25
N ASP E 82 -38.27 7.11 1.22
CA ASP E 82 -39.70 6.90 0.91
C ASP E 82 -39.83 6.46 -0.55
N VAL E 83 -39.47 7.33 -1.50
CA VAL E 83 -39.66 7.06 -2.96
C VAL E 83 -38.95 5.74 -3.34
N LEU E 84 -37.90 5.37 -2.59
CA LEU E 84 -37.19 4.07 -2.75
C LEU E 84 -38.07 2.94 -2.21
N LEU E 85 -38.77 3.16 -1.10
CA LEU E 85 -39.68 2.13 -0.55
C LEU E 85 -40.83 1.88 -1.54
N ARG E 86 -41.40 2.96 -2.09
CA ARG E 86 -42.64 2.89 -2.90
C ARG E 86 -42.37 2.08 -4.17
N GLU E 87 -41.36 2.49 -4.94
CA GLU E 87 -41.11 1.97 -6.30
C GLU E 87 -40.26 0.69 -6.22
N GLN E 88 -39.57 0.48 -5.09
CA GLN E 88 -38.74 -0.73 -4.81
C GLN E 88 -37.92 -1.08 -6.05
N PRO E 89 -36.95 -0.22 -6.44
CA PRO E 89 -36.24 -0.37 -7.71
C PRO E 89 -35.10 -1.37 -7.56
N ASP E 90 -34.62 -1.88 -8.68
CA ASP E 90 -33.60 -2.96 -8.73
C ASP E 90 -32.22 -2.36 -8.48
N ALA E 91 -32.01 -1.06 -8.78
CA ALA E 91 -30.69 -0.38 -8.66
C ALA E 91 -30.83 1.14 -8.72
N LEU E 92 -30.00 1.85 -7.93
CA LEU E 92 -29.94 3.33 -7.87
C LEU E 92 -28.74 3.82 -8.70
N LEU E 93 -28.97 4.72 -9.66
CA LEU E 93 -27.93 5.38 -10.49
C LEU E 93 -27.78 6.84 -10.03
N ILE E 94 -26.54 7.26 -9.75
CA ILE E 94 -26.20 8.52 -9.05
C ILE E 94 -24.96 9.15 -9.70
N LEU E 95 -24.98 10.46 -9.93
CA LEU E 95 -23.84 11.22 -10.50
C LEU E 95 -23.28 12.16 -9.42
N GLY E 96 -21.96 12.11 -9.20
CA GLY E 96 -21.20 13.21 -8.60
C GLY E 96 -21.34 13.28 -7.09
N ASP E 97 -21.33 14.50 -6.56
CA ASP E 97 -21.02 14.83 -5.14
C ASP E 97 -21.94 15.94 -4.65
N THR E 98 -23.15 16.00 -5.16
CA THR E 98 -24.22 16.91 -4.69
C THR E 98 -24.84 16.31 -3.43
N ASN E 99 -25.71 17.08 -2.78
CA ASN E 99 -26.52 16.63 -1.63
C ASN E 99 -27.55 15.59 -2.11
N SER E 100 -27.93 15.62 -3.40
CA SER E 100 -28.85 14.62 -4.03
C SER E 100 -28.34 13.21 -3.80
N CYS E 101 -27.02 13.04 -3.73
CA CYS E 101 -26.33 11.73 -3.81
C CYS E 101 -26.25 11.09 -2.42
N LEU E 102 -26.69 11.77 -1.37
CA LEU E 102 -26.90 11.14 -0.03
C LEU E 102 -28.02 10.10 -0.13
N ALA E 103 -28.83 10.20 -1.19
CA ALA E 103 -29.83 9.18 -1.60
C ALA E 103 -29.25 7.77 -1.44
N ALA E 104 -27.95 7.63 -1.77
CA ALA E 104 -27.13 6.40 -1.59
C ALA E 104 -27.27 5.88 -0.16
N VAL E 105 -27.18 6.74 0.86
CA VAL E 105 -27.28 6.33 2.30
C VAL E 105 -28.58 5.55 2.49
N SER E 106 -29.66 6.03 1.88
CA SER E 106 -31.01 5.44 2.01
C SER E 106 -31.07 4.12 1.24
N ALA E 107 -30.86 4.17 -0.09
CA ALA E 107 -30.77 2.97 -0.95
C ALA E 107 -29.95 1.87 -0.28
N LYS E 108 -28.84 2.27 0.35
CA LYS E 108 -27.88 1.36 1.02
C LYS E 108 -28.60 0.65 2.18
N ARG E 109 -29.21 1.39 3.12
CA ARG E 109 -29.93 0.78 4.27
C ARG E 109 -31.02 -0.14 3.75
N LEU E 110 -31.49 0.12 2.53
CA LEU E 110 -32.57 -0.63 1.84
C LEU E 110 -31.99 -1.69 0.90
N LYS E 111 -30.68 -1.91 0.93
CA LYS E 111 -30.05 -3.08 0.25
C LYS E 111 -30.39 -3.08 -1.24
N ILE E 112 -30.52 -1.88 -1.83
CA ILE E 112 -30.54 -1.65 -3.30
C ILE E 112 -29.12 -1.36 -3.75
N PRO E 113 -28.59 -2.11 -4.74
CA PRO E 113 -27.31 -1.77 -5.36
C PRO E 113 -27.25 -0.30 -5.82
N VAL E 114 -26.14 0.38 -5.49
CA VAL E 114 -25.88 1.82 -5.82
C VAL E 114 -24.71 1.93 -6.80
N PHE E 115 -24.91 2.71 -7.88
CA PHE E 115 -23.99 2.87 -9.02
C PHE E 115 -23.64 4.35 -9.14
N HIS E 116 -22.42 4.76 -8.72
CA HIS E 116 -22.00 6.18 -8.56
C HIS E 116 -21.01 6.58 -9.67
N MET E 117 -21.50 7.27 -10.69
CA MET E 117 -20.67 7.87 -11.78
C MET E 117 -19.88 9.05 -11.19
N GLU E 118 -18.71 9.37 -11.78
CA GLU E 118 -17.78 10.46 -11.36
C GLU E 118 -17.22 10.15 -9.97
N ALA E 119 -16.90 8.87 -9.74
CA ALA E 119 -16.28 8.37 -8.50
C ALA E 119 -14.86 8.91 -8.41
N GLY E 120 -14.24 8.75 -7.24
CA GLY E 120 -12.81 8.99 -6.99
C GLY E 120 -12.37 10.41 -7.31
N ASN E 121 -13.22 11.40 -7.01
CA ASN E 121 -13.12 12.79 -7.52
C ASN E 121 -12.43 13.66 -6.46
N ARG E 122 -11.15 13.96 -6.64
CA ARG E 122 -10.28 14.44 -5.54
C ARG E 122 -9.44 15.61 -6.03
N CYS E 123 -9.53 16.71 -5.29
CA CYS E 123 -8.72 17.93 -5.48
C CYS E 123 -7.83 18.10 -4.26
N PHE E 124 -8.03 17.25 -3.24
CA PHE E 124 -7.21 17.19 -1.99
C PHE E 124 -7.06 18.56 -1.33
N ASP E 125 -8.18 19.25 -1.06
CA ASP E 125 -8.22 20.54 -0.31
C ASP E 125 -9.50 20.54 0.53
N GLN E 126 -9.46 19.95 1.73
CA GLN E 126 -10.66 19.69 2.57
C GLN E 126 -11.48 20.99 2.77
N ASN E 127 -10.84 22.16 2.61
CA ASN E 127 -11.49 23.50 2.73
C ASN E 127 -12.54 23.67 1.62
N VAL E 128 -12.40 22.94 0.51
CA VAL E 128 -13.40 22.83 -0.60
C VAL E 128 -14.63 22.07 -0.09
N PRO E 129 -15.86 22.61 -0.28
CA PRO E 129 -17.06 21.97 0.25
C PRO E 129 -17.45 20.63 -0.39
N GLU E 130 -17.29 20.52 -1.72
CA GLU E 130 -17.69 19.31 -2.48
C GLU E 130 -17.04 18.08 -1.84
N GLU E 131 -15.83 18.22 -1.32
CA GLU E 131 -14.95 17.10 -0.88
C GLU E 131 -15.53 16.33 0.30
N ILE E 132 -16.45 16.92 1.06
CA ILE E 132 -17.08 16.24 2.24
C ILE E 132 -17.99 15.12 1.75
N ASN E 133 -18.95 15.45 0.87
CA ASN E 133 -19.89 14.46 0.29
C ASN E 133 -19.11 13.46 -0.57
N ARG E 134 -18.08 13.91 -1.28
CA ARG E 134 -17.27 13.08 -2.20
C ARG E 134 -16.82 11.83 -1.46
N LYS E 135 -16.11 12.03 -0.33
CA LYS E 135 -15.57 10.96 0.56
C LYS E 135 -16.68 9.95 0.94
N ILE E 136 -17.83 10.46 1.37
CA ILE E 136 -18.97 9.66 1.92
C ILE E 136 -19.55 8.79 0.80
N VAL E 137 -20.03 9.41 -0.27
CA VAL E 137 -20.85 8.79 -1.36
C VAL E 137 -20.02 7.75 -2.14
N ASP E 138 -18.69 7.88 -2.18
CA ASP E 138 -17.78 6.93 -2.85
C ASP E 138 -17.76 5.61 -2.06
N HIS E 139 -17.84 5.68 -0.73
CA HIS E 139 -17.54 4.56 0.22
C HIS E 139 -18.81 3.83 0.62
N VAL E 140 -19.95 4.36 0.19
CA VAL E 140 -21.30 3.83 0.48
C VAL E 140 -21.94 3.34 -0.83
N SER E 141 -21.37 3.72 -1.98
CA SER E 141 -21.68 3.14 -3.30
C SER E 141 -21.15 1.70 -3.37
N ASP E 142 -21.81 0.85 -4.17
CA ASP E 142 -21.49 -0.58 -4.37
C ASP E 142 -20.62 -0.70 -5.63
N VAL E 143 -21.04 -0.08 -6.73
CA VAL E 143 -20.28 0.01 -8.02
C VAL E 143 -19.84 1.45 -8.25
N ASN E 144 -18.53 1.70 -8.20
CA ASN E 144 -17.95 3.05 -8.41
C ASN E 144 -17.45 3.17 -9.85
N LEU E 145 -17.95 4.15 -10.60
CA LEU E 145 -17.52 4.43 -11.99
C LEU E 145 -16.83 5.78 -12.05
N PRO E 146 -15.51 5.82 -11.80
CA PRO E 146 -14.73 7.05 -12.02
C PRO E 146 -14.59 7.35 -13.51
N TYR E 147 -14.34 8.62 -13.86
CA TYR E 147 -14.10 9.04 -15.27
C TYR E 147 -12.72 8.57 -15.75
N THR E 148 -11.78 8.37 -14.84
CA THR E 148 -10.34 8.36 -15.18
C THR E 148 -9.59 7.30 -14.38
N GLU E 149 -8.39 6.96 -14.85
CA GLU E 149 -7.48 5.98 -14.22
C GLU E 149 -6.82 6.62 -13.01
N HIS E 150 -6.59 7.94 -13.06
CA HIS E 150 -6.24 8.80 -11.89
C HIS E 150 -7.22 8.51 -10.76
N SER E 151 -8.51 8.48 -11.08
CA SER E 151 -9.61 8.46 -10.10
C SER E 151 -9.85 7.02 -9.66
N ARG E 152 -9.63 6.04 -10.54
CA ARG E 152 -9.55 4.59 -10.17
C ARG E 152 -8.44 4.42 -9.14
N ARG E 153 -7.28 4.99 -9.43
CA ARG E 153 -6.09 4.93 -8.57
C ARG E 153 -6.47 5.48 -7.19
N TYR E 154 -7.12 6.64 -7.16
CA TYR E 154 -7.39 7.33 -5.87
C TYR E 154 -8.25 6.39 -5.05
N LEU E 155 -9.26 5.79 -5.67
CA LEU E 155 -10.23 4.87 -5.01
C LEU E 155 -9.51 3.62 -4.46
N LEU E 156 -8.60 3.04 -5.25
CA LEU E 156 -7.86 1.81 -4.88
C LEU E 156 -6.93 2.10 -3.66
N ASP E 157 -6.54 3.36 -3.43
CA ASP E 157 -5.65 3.74 -2.32
C ASP E 157 -6.47 3.91 -1.02
N GLU E 158 -7.71 4.42 -1.14
CA GLU E 158 -8.71 4.51 -0.04
C GLU E 158 -9.28 3.11 0.27
N GLY E 159 -8.87 2.09 -0.48
CA GLY E 159 -9.04 0.68 -0.10
C GLY E 159 -10.42 0.18 -0.47
N PHE E 160 -10.94 0.64 -1.60
CA PHE E 160 -12.26 0.21 -2.13
C PHE E 160 -12.08 -1.07 -2.94
N ASN E 161 -13.18 -1.80 -3.09
CA ASN E 161 -13.23 -3.16 -3.70
C ASN E 161 -12.75 -3.08 -5.17
N LYS E 162 -11.54 -3.58 -5.43
CA LYS E 162 -10.93 -3.76 -6.78
C LYS E 162 -11.97 -4.20 -7.83
N ALA E 163 -12.78 -5.20 -7.50
CA ALA E 163 -13.68 -5.94 -8.41
C ALA E 163 -14.78 -5.02 -8.94
N ASN E 164 -15.12 -3.98 -8.17
CA ASN E 164 -16.31 -3.13 -8.41
C ASN E 164 -15.90 -1.69 -8.73
N ILE E 165 -14.86 -1.51 -9.53
CA ILE E 165 -14.51 -0.20 -10.13
C ILE E 165 -14.40 -0.38 -11.64
N PHE E 166 -14.96 0.55 -12.40
CA PHE E 166 -14.77 0.62 -13.87
C PHE E 166 -14.50 2.09 -14.29
N VAL E 167 -13.59 2.28 -15.22
CA VAL E 167 -13.28 3.61 -15.80
C VAL E 167 -14.21 3.84 -17.00
N THR E 168 -15.29 4.58 -16.80
CA THR E 168 -16.34 4.82 -17.82
C THR E 168 -15.76 5.78 -18.88
N GLY E 169 -14.94 6.73 -18.44
CA GLY E 169 -14.53 7.89 -19.27
C GLY E 169 -15.34 9.10 -18.85
N SER E 170 -15.00 10.29 -19.31
CA SER E 170 -15.85 11.48 -19.07
C SER E 170 -17.07 11.36 -19.96
N PRO E 171 -18.27 11.64 -19.41
CA PRO E 171 -19.50 11.62 -20.20
C PRO E 171 -19.60 12.76 -21.23
N MET E 172 -18.74 13.78 -21.10
CA MET E 172 -18.90 15.10 -21.77
C MET E 172 -18.74 14.91 -23.28
N THR E 173 -17.59 14.40 -23.75
CA THR E 173 -17.31 14.19 -25.19
C THR E 173 -18.56 13.69 -25.92
N GLU E 174 -19.25 12.69 -25.33
CA GLU E 174 -20.45 12.03 -25.89
C GLU E 174 -21.65 13.00 -25.93
N VAL E 175 -21.90 13.67 -24.80
CA VAL E 175 -22.93 14.74 -24.66
C VAL E 175 -22.69 15.79 -25.76
N ILE E 176 -21.57 16.50 -25.67
CA ILE E 176 -21.14 17.52 -26.66
C ILE E 176 -21.37 16.99 -28.08
N GLU E 177 -21.15 15.68 -28.33
CA GLU E 177 -21.38 15.05 -29.64
C GLU E 177 -22.87 15.12 -29.97
N ALA E 178 -23.72 14.69 -29.05
CA ALA E 178 -25.19 14.65 -29.26
C ALA E 178 -25.76 16.07 -29.23
N HIS E 179 -24.92 17.10 -29.45
CA HIS E 179 -25.33 18.53 -29.50
C HIS E 179 -24.33 19.41 -30.26
N ARG E 180 -23.29 18.86 -30.90
CA ARG E 180 -22.33 19.74 -31.62
C ARG E 180 -23.09 20.40 -32.79
N ASP E 181 -24.14 19.73 -33.27
CA ASP E 181 -25.09 20.32 -34.25
C ASP E 181 -25.64 21.64 -33.71
N LYS E 182 -26.28 21.60 -32.54
CA LYS E 182 -26.93 22.79 -31.92
C LYS E 182 -25.89 23.88 -31.69
N ILE E 183 -24.72 23.51 -31.16
CA ILE E 183 -23.58 24.43 -30.86
C ILE E 183 -23.16 25.18 -32.14
N ASN E 184 -22.70 24.47 -33.18
CA ASN E 184 -22.08 25.09 -34.39
C ASN E 184 -23.08 26.00 -35.12
N HIS E 185 -24.38 25.68 -35.07
CA HIS E 185 -25.49 26.50 -35.61
C HIS E 185 -26.08 27.36 -34.49
N SER E 186 -25.23 28.07 -33.74
CA SER E 186 -25.64 28.99 -32.64
C SER E 186 -25.50 30.46 -33.10
N ASP E 187 -26.56 31.24 -32.93
CA ASP E 187 -26.59 32.71 -33.19
C ASP E 187 -25.74 33.44 -32.14
N VAL E 188 -25.72 32.92 -30.90
CA VAL E 188 -25.27 33.60 -29.64
C VAL E 188 -24.25 34.70 -29.96
N LEU E 189 -23.27 34.43 -30.82
CA LEU E 189 -22.26 35.44 -31.26
C LEU E 189 -22.99 36.63 -31.90
N ASN E 190 -23.91 36.36 -32.84
CA ASN E 190 -24.67 37.38 -33.62
C ASN E 190 -25.78 38.00 -32.76
N LYS E 191 -26.23 37.29 -31.70
CA LYS E 191 -27.22 37.83 -30.71
C LYS E 191 -26.53 38.93 -29.89
N LEU E 192 -25.31 38.69 -29.40
CA LEU E 192 -24.56 39.65 -28.56
C LEU E 192 -23.62 40.49 -29.44
N GLY E 193 -23.62 40.23 -30.76
CA GLY E 193 -22.79 40.96 -31.75
C GLY E 193 -21.33 41.01 -31.33
N LEU E 194 -20.66 39.86 -31.32
CA LEU E 194 -19.21 39.71 -31.07
C LEU E 194 -18.56 39.02 -32.27
N GLU E 195 -17.42 39.53 -32.75
CA GLU E 195 -16.53 38.78 -33.68
C GLU E 195 -15.93 37.62 -32.89
N PRO E 196 -15.88 36.39 -33.45
CA PRO E 196 -15.05 35.31 -32.91
C PRO E 196 -13.59 35.74 -32.69
N GLN E 197 -13.05 35.47 -31.49
CA GLN E 197 -11.65 35.72 -31.07
C GLN E 197 -11.50 37.16 -30.56
N GLN E 198 -12.61 37.89 -30.44
CA GLN E 198 -12.62 39.35 -30.12
C GLN E 198 -13.58 39.58 -28.95
N TYR E 199 -13.49 38.70 -27.95
CA TYR E 199 -14.16 38.83 -26.64
C TYR E 199 -13.49 37.83 -25.70
N ILE E 200 -13.55 38.09 -24.39
CA ILE E 200 -12.96 37.23 -23.32
C ILE E 200 -14.06 36.85 -22.32
N LEU E 201 -14.15 35.57 -21.98
CA LEU E 201 -15.25 34.97 -21.18
C LEU E 201 -14.73 34.73 -19.75
N VAL E 202 -15.50 35.09 -18.72
CA VAL E 202 -15.12 34.91 -17.28
C VAL E 202 -16.29 34.33 -16.47
N SER E 203 -16.30 33.01 -16.23
CA SER E 203 -17.34 32.28 -15.45
C SER E 203 -16.84 32.02 -14.01
N ALA E 204 -17.40 32.76 -13.03
CA ALA E 204 -16.94 32.80 -11.62
C ALA E 204 -18.13 32.63 -10.67
N HIS E 205 -18.49 31.39 -10.35
CA HIS E 205 -19.79 31.00 -9.76
C HIS E 205 -19.62 30.43 -8.35
N ARG E 206 -18.39 30.32 -7.84
CA ARG E 206 -18.09 29.55 -6.61
C ARG E 206 -17.98 30.50 -5.43
N GLU E 207 -18.68 30.20 -4.34
CA GLU E 207 -18.34 30.67 -2.97
C GLU E 207 -16.84 30.42 -2.76
N GLU E 208 -16.10 31.43 -2.32
CA GLU E 208 -14.64 31.35 -2.11
C GLU E 208 -13.93 31.89 -3.35
N ASN E 209 -14.64 32.04 -4.46
CA ASN E 209 -14.22 32.92 -5.59
C ASN E 209 -15.07 34.20 -5.59
N ILE E 210 -16.22 34.17 -4.90
CA ILE E 210 -17.17 35.34 -4.73
C ILE E 210 -16.97 35.96 -3.34
N ASP E 211 -17.05 35.16 -2.27
CA ASP E 211 -17.32 35.59 -0.86
C ASP E 211 -16.03 36.04 -0.16
N ASN E 212 -15.04 35.15 -0.01
CA ASN E 212 -13.73 35.46 0.62
C ASN E 212 -13.27 36.85 0.15
N GLU E 213 -13.64 37.88 0.91
CA GLU E 213 -13.64 39.32 0.53
C GLU E 213 -12.36 39.68 -0.22
N LYS E 214 -11.23 38.97 0.04
CA LYS E 214 -9.91 39.28 -0.56
C LYS E 214 -9.84 38.77 -2.01
N ASN E 215 -10.23 37.51 -2.25
CA ASN E 215 -10.18 36.83 -3.57
C ASN E 215 -10.98 37.64 -4.60
N PHE E 216 -12.16 38.12 -4.19
CA PHE E 216 -13.08 38.95 -5.01
C PHE E 216 -12.41 40.27 -5.43
N LYS E 217 -11.40 40.74 -4.67
CA LYS E 217 -10.62 41.97 -4.98
C LYS E 217 -9.55 41.64 -6.03
N SER E 218 -8.77 40.59 -5.81
CA SER E 218 -7.72 40.14 -6.77
C SER E 218 -8.33 39.91 -8.14
N LEU E 219 -9.59 39.44 -8.20
CA LEU E 219 -10.27 39.01 -9.46
C LEU E 219 -10.83 40.25 -10.20
N MET E 220 -11.73 40.99 -9.56
CA MET E 220 -12.37 42.22 -10.11
C MET E 220 -11.29 43.14 -10.67
N ASN E 221 -10.19 43.26 -9.93
CA ASN E 221 -8.99 44.08 -10.23
C ASN E 221 -8.34 43.54 -11.53
N ALA E 222 -8.38 42.23 -11.73
CA ALA E 222 -7.75 41.52 -12.88
C ALA E 222 -8.71 41.46 -14.07
N ILE E 223 -10.03 41.43 -13.82
CA ILE E 223 -11.05 41.48 -14.90
C ILE E 223 -11.01 42.87 -15.54
N ASN E 224 -10.75 43.92 -14.75
CA ASN E 224 -10.35 45.26 -15.23
C ASN E 224 -9.17 45.16 -16.18
N ASP E 225 -8.00 44.86 -15.63
CA ASP E 225 -6.68 45.10 -16.25
C ASP E 225 -6.53 44.16 -17.45
N ILE E 226 -7.30 43.06 -17.47
CA ILE E 226 -7.48 42.17 -18.66
C ILE E 226 -8.18 42.98 -19.76
N ALA E 227 -9.34 43.55 -19.46
CA ALA E 227 -10.09 44.42 -20.39
C ALA E 227 -9.13 45.47 -20.94
N LYS E 228 -8.57 46.28 -20.04
CA LYS E 228 -7.64 47.39 -20.36
C LYS E 228 -6.59 46.92 -21.37
N LYS E 229 -5.95 45.77 -21.12
CA LYS E 229 -4.68 45.36 -21.78
C LYS E 229 -4.98 44.81 -23.17
N TYR E 230 -6.11 44.12 -23.35
CA TYR E 230 -6.46 43.41 -24.62
C TYR E 230 -7.38 44.31 -25.45
N LYS E 231 -8.37 44.95 -24.81
CA LYS E 231 -9.25 46.03 -25.38
C LYS E 231 -10.39 45.37 -26.18
N MET E 232 -11.03 44.39 -25.55
CA MET E 232 -12.15 43.59 -26.10
C MET E 232 -13.20 43.47 -25.03
N PRO E 233 -14.49 43.29 -25.38
CA PRO E 233 -15.52 43.01 -24.38
C PRO E 233 -14.99 41.90 -23.46
N VAL E 234 -15.61 41.76 -22.29
CA VAL E 234 -15.23 40.78 -21.25
C VAL E 234 -16.53 40.24 -20.65
N ILE E 235 -17.27 39.48 -21.45
CA ILE E 235 -18.48 38.72 -21.05
C ILE E 235 -18.19 38.10 -19.67
N TYR E 236 -18.91 38.52 -18.62
CA TYR E 236 -18.66 38.11 -17.21
C TYR E 236 -19.95 37.53 -16.62
N SER E 237 -20.06 36.20 -16.67
CA SER E 237 -21.12 35.37 -16.03
C SER E 237 -20.68 35.00 -14.62
N THR E 238 -21.32 35.59 -13.60
CA THR E 238 -21.11 35.33 -12.14
C THR E 238 -22.50 35.17 -11.51
N HIS E 239 -22.64 35.39 -10.20
CA HIS E 239 -23.92 35.26 -9.46
C HIS E 239 -24.59 36.64 -9.32
N PRO E 240 -25.87 36.71 -8.89
CA PRO E 240 -26.50 38.01 -8.64
C PRO E 240 -25.80 38.67 -7.43
N ARG E 241 -25.49 37.86 -6.41
CA ARG E 241 -24.95 38.29 -5.09
C ARG E 241 -23.77 39.26 -5.28
N SER E 242 -22.89 39.01 -6.25
CA SER E 242 -21.68 39.84 -6.52
C SER E 242 -22.09 41.18 -7.15
N TRP E 243 -23.01 41.14 -8.11
CA TRP E 243 -23.56 42.34 -8.80
C TRP E 243 -24.08 43.35 -7.76
N LYS E 244 -24.68 42.86 -6.68
CA LYS E 244 -25.08 43.67 -5.49
C LYS E 244 -23.86 44.41 -4.93
N LYS E 245 -22.75 43.68 -4.75
CA LYS E 245 -21.59 44.13 -3.94
C LYS E 245 -20.55 44.85 -4.81
N ILE E 246 -20.70 44.81 -6.15
CA ILE E 246 -19.78 45.48 -7.13
C ILE E 246 -20.31 46.87 -7.50
N GLU E 247 -21.57 47.18 -7.16
CA GLU E 247 -22.20 48.49 -7.48
C GLU E 247 -21.92 49.46 -6.32
N GLU E 248 -20.66 49.50 -5.87
CA GLU E 248 -20.16 50.37 -4.77
C GLU E 248 -18.69 50.67 -5.03
N SER E 249 -18.31 51.94 -5.07
CA SER E 249 -16.90 52.42 -5.00
C SER E 249 -16.23 52.18 -6.36
N LYS E 250 -15.86 50.93 -6.65
CA LYS E 250 -15.14 50.49 -7.88
C LYS E 250 -16.18 50.26 -8.99
N PHE E 251 -16.13 51.07 -10.05
CA PHE E 251 -16.82 50.86 -11.35
C PHE E 251 -15.76 50.50 -12.40
N GLU E 252 -14.49 50.49 -11.96
CA GLU E 252 -13.29 50.77 -12.79
C GLU E 252 -13.25 49.87 -14.02
N PHE E 253 -13.85 48.67 -13.97
CA PHE E 253 -13.88 47.70 -15.09
C PHE E 253 -14.75 48.28 -16.22
N ASP E 254 -14.33 49.44 -16.71
CA ASP E 254 -14.40 49.91 -18.12
C ASP E 254 -15.81 49.72 -18.67
N PRO E 255 -16.10 50.33 -19.84
CA PRO E 255 -17.34 50.00 -20.56
C PRO E 255 -17.32 48.53 -20.97
N LEU E 256 -16.14 47.99 -21.27
CA LEU E 256 -15.93 46.75 -22.06
C LEU E 256 -16.57 45.56 -21.33
N VAL E 257 -16.28 45.36 -20.04
CA VAL E 257 -16.90 44.29 -19.20
C VAL E 257 -18.41 44.44 -19.30
N LYS E 258 -19.14 43.34 -19.54
CA LYS E 258 -20.62 43.34 -19.67
C LYS E 258 -21.20 42.26 -18.75
N GLN E 259 -22.46 42.41 -18.35
CA GLN E 259 -23.27 41.37 -17.67
C GLN E 259 -23.67 40.30 -18.70
N LEU E 260 -23.86 39.06 -18.25
CA LEU E 260 -24.50 37.99 -19.05
C LEU E 260 -25.88 37.67 -18.49
N LYS E 261 -26.78 37.18 -19.34
CA LYS E 261 -28.00 36.43 -18.94
C LYS E 261 -27.55 34.99 -18.64
N PRO E 262 -28.34 34.15 -17.95
CA PRO E 262 -28.16 32.71 -18.09
C PRO E 262 -28.05 32.38 -19.58
N PHE E 263 -27.41 31.26 -19.95
CA PHE E 263 -27.37 30.75 -21.35
C PHE E 263 -27.20 29.22 -21.35
N GLY E 264 -28.13 28.52 -21.99
CA GLY E 264 -28.17 27.05 -22.05
C GLY E 264 -26.97 26.49 -22.78
N PHE E 265 -26.16 25.70 -22.06
CA PHE E 265 -25.16 24.73 -22.60
C PHE E 265 -24.91 24.95 -24.10
N PHE E 266 -25.92 24.67 -24.96
CA PHE E 266 -25.82 24.79 -26.44
C PHE E 266 -25.18 26.13 -26.79
N ASP E 267 -25.85 27.22 -26.42
CA ASP E 267 -25.40 28.61 -26.67
C ASP E 267 -24.03 28.82 -26.00
N TYR E 268 -23.91 28.49 -24.71
CA TYR E 268 -22.75 28.88 -23.85
C TYR E 268 -21.46 28.24 -24.36
N ASN E 269 -21.55 27.05 -24.96
CA ASN E 269 -20.37 26.30 -25.47
C ASN E 269 -19.89 26.92 -26.79
N ALA E 270 -20.81 27.43 -27.62
CA ALA E 270 -20.49 28.20 -28.84
C ALA E 270 -19.84 29.54 -28.46
N LEU E 271 -20.24 30.08 -27.30
CA LEU E 271 -19.69 31.33 -26.74
C LEU E 271 -18.28 31.08 -26.16
N GLN E 272 -18.04 29.93 -25.52
CA GLN E 272 -16.70 29.55 -25.01
C GLN E 272 -15.75 29.30 -26.18
N LYS E 273 -16.17 28.50 -27.17
CA LYS E 273 -15.26 27.79 -28.09
C LYS E 273 -14.60 28.81 -29.04
N ASP E 274 -15.20 29.99 -29.21
CA ASP E 274 -14.70 31.05 -30.12
C ASP E 274 -14.19 32.26 -29.33
N ALA E 275 -14.23 32.21 -27.99
CA ALA E 275 -13.65 33.24 -27.09
C ALA E 275 -12.13 33.29 -27.29
N PHE E 276 -11.54 34.46 -27.11
CA PHE E 276 -10.07 34.67 -27.22
C PHE E 276 -9.41 33.81 -26.16
N VAL E 277 -9.98 33.86 -24.95
CA VAL E 277 -9.56 33.18 -23.71
C VAL E 277 -10.81 33.03 -22.83
N VAL E 278 -10.86 31.96 -22.03
CA VAL E 278 -11.97 31.67 -21.07
C VAL E 278 -11.37 31.52 -19.67
N LEU E 279 -11.77 32.39 -18.74
CA LEU E 279 -11.47 32.25 -17.29
C LEU E 279 -12.69 31.66 -16.57
N SER E 280 -12.76 30.33 -16.43
CA SER E 280 -13.88 29.61 -15.76
C SER E 280 -13.35 28.97 -14.48
N ASP E 281 -14.25 28.61 -13.55
CA ASP E 281 -13.99 27.69 -12.40
C ASP E 281 -15.05 26.58 -12.34
N SER E 282 -16.07 26.68 -13.20
CA SER E 282 -16.87 25.56 -13.73
C SER E 282 -16.02 24.29 -13.87
N GLY E 283 -16.39 23.21 -13.18
CA GLY E 283 -15.67 21.93 -13.19
C GLY E 283 -15.40 21.42 -14.59
N THR E 284 -16.32 21.66 -15.53
CA THR E 284 -16.23 21.30 -16.98
C THR E 284 -14.93 21.83 -17.62
N LEU E 285 -14.86 23.14 -17.89
CA LEU E 285 -13.65 23.88 -18.38
C LEU E 285 -12.49 22.92 -18.70
N SER E 286 -11.88 22.31 -17.68
CA SER E 286 -10.87 21.24 -17.83
C SER E 286 -11.30 20.32 -18.99
N GLU E 287 -12.49 19.74 -18.94
CA GLU E 287 -13.04 18.82 -20.00
C GLU E 287 -13.45 19.62 -21.26
N GLU E 288 -14.16 20.73 -21.09
CA GLU E 288 -14.74 21.50 -22.22
C GLU E 288 -13.60 22.07 -23.08
N SER E 289 -12.57 22.64 -22.46
CA SER E 289 -11.38 23.19 -23.15
C SER E 289 -10.63 22.07 -23.91
N SER E 290 -10.58 20.83 -23.41
CA SER E 290 -9.94 19.67 -24.10
C SER E 290 -10.73 19.35 -25.39
N ILE E 291 -12.06 19.37 -25.27
CA ILE E 291 -13.01 18.87 -26.31
C ILE E 291 -13.19 19.97 -27.35
N LEU E 292 -13.59 21.16 -26.92
CA LEU E 292 -13.85 22.32 -27.81
C LEU E 292 -12.57 23.17 -27.95
N LYS E 293 -11.46 22.53 -28.27
CA LYS E 293 -10.08 23.05 -28.12
C LYS E 293 -10.04 24.60 -28.07
N PHE E 294 -10.28 25.19 -26.88
CA PHE E 294 -10.14 26.65 -26.61
C PHE E 294 -9.16 26.94 -25.47
N PRO E 295 -8.59 28.17 -25.37
CA PRO E 295 -7.74 28.57 -24.25
C PRO E 295 -8.49 28.69 -22.92
N GLY E 296 -8.28 27.69 -22.04
CA GLY E 296 -8.89 27.62 -20.70
C GLY E 296 -7.89 28.02 -19.63
N VAL E 297 -8.33 28.84 -18.68
CA VAL E 297 -7.53 29.25 -17.49
C VAL E 297 -8.41 29.01 -16.26
N LEU E 298 -8.10 27.94 -15.54
CA LEU E 298 -8.82 27.53 -14.32
C LEU E 298 -8.52 28.53 -13.20
N ILE E 299 -9.54 29.25 -12.74
CA ILE E 299 -9.46 30.13 -11.53
C ILE E 299 -9.84 29.29 -10.33
N ARG E 300 -8.98 28.32 -10.00
CA ARG E 300 -9.03 27.49 -8.77
C ARG E 300 -7.61 27.28 -8.27
N THR E 301 -7.47 26.61 -7.13
CA THR E 301 -6.18 26.36 -6.43
C THR E 301 -5.94 24.85 -6.35
N SER E 302 -6.70 24.07 -7.14
CA SER E 302 -6.84 22.58 -7.03
C SER E 302 -7.77 22.07 -8.15
N THR E 303 -7.40 20.96 -8.81
CA THR E 303 -8.23 20.30 -9.86
C THR E 303 -8.50 18.85 -9.49
N GLU E 304 -9.66 18.34 -9.92
CA GLU E 304 -10.02 16.90 -9.90
C GLU E 304 -9.70 16.28 -11.26
N ARG E 305 -9.31 17.13 -12.23
CA ARG E 305 -9.01 16.80 -13.64
C ARG E 305 -7.53 17.09 -13.92
N PRO E 306 -6.59 16.41 -13.22
CA PRO E 306 -5.18 16.49 -13.60
C PRO E 306 -4.89 15.84 -14.96
N GLU E 307 -5.73 14.95 -15.46
CA GLU E 307 -5.46 14.23 -16.74
C GLU E 307 -5.24 15.26 -17.87
N VAL E 308 -5.86 16.43 -17.74
CA VAL E 308 -5.66 17.60 -18.62
C VAL E 308 -4.22 18.13 -18.48
N LEU E 309 -3.74 18.46 -17.27
CA LEU E 309 -2.36 19.00 -17.01
C LEU E 309 -1.27 18.04 -17.53
N ASP E 310 -1.57 16.73 -17.54
CA ASP E 310 -0.68 15.65 -18.03
C ASP E 310 -0.47 15.83 -19.54
N LYS E 311 -1.40 16.49 -20.22
CA LYS E 311 -1.49 16.53 -21.71
C LYS E 311 -1.26 17.95 -22.26
N GLY E 312 -1.45 18.97 -21.40
CA GLY E 312 -1.22 20.40 -21.70
C GLY E 312 -2.44 21.04 -22.34
N THR E 313 -3.60 20.77 -21.78
CA THR E 313 -4.91 21.21 -22.31
C THR E 313 -5.33 22.49 -21.57
N VAL E 314 -4.78 22.74 -20.38
CA VAL E 314 -5.19 23.89 -19.52
C VAL E 314 -3.98 24.44 -18.76
N ILE E 315 -4.12 25.69 -18.32
CA ILE E 315 -3.24 26.44 -17.37
C ILE E 315 -4.09 26.77 -16.15
N VAL E 316 -3.55 26.69 -14.94
CA VAL E 316 -4.31 26.98 -13.68
C VAL E 316 -4.00 28.40 -13.18
N GLY E 317 -4.92 29.33 -13.44
CA GLY E 317 -4.78 30.77 -13.15
C GLY E 317 -4.51 31.02 -11.68
N GLY E 318 -5.23 30.33 -10.79
CA GLY E 318 -5.20 30.64 -9.35
C GLY E 318 -6.04 31.88 -9.06
N ILE E 319 -5.84 32.48 -7.88
CA ILE E 319 -6.75 33.53 -7.33
C ILE E 319 -5.93 34.75 -6.90
N THR E 320 -4.61 34.73 -7.04
CA THR E 320 -3.75 35.92 -6.85
C THR E 320 -3.74 36.71 -8.17
N TYR E 321 -3.95 38.04 -8.09
CA TYR E 321 -3.89 38.97 -9.24
C TYR E 321 -2.75 38.53 -10.14
N ASN E 322 -1.53 38.61 -9.63
CA ASN E 322 -0.31 38.60 -10.47
C ASN E 322 -0.35 37.40 -11.42
N ASN E 323 -0.58 36.18 -10.90
CA ASN E 323 -0.57 34.94 -11.73
C ASN E 323 -1.79 34.95 -12.66
N LEU E 324 -2.97 35.30 -12.16
CA LEU E 324 -4.19 35.36 -12.98
C LEU E 324 -3.89 36.09 -14.29
N ILE E 325 -3.00 37.08 -14.25
CA ILE E 325 -2.56 37.82 -15.47
C ILE E 325 -1.54 36.98 -16.23
N GLN E 326 -0.40 36.67 -15.61
CA GLN E 326 0.67 35.83 -16.23
C GLN E 326 0.01 34.66 -16.95
N SER E 327 -1.12 34.17 -16.42
CA SER E 327 -1.79 32.92 -16.84
C SER E 327 -2.55 33.15 -18.13
N VAL E 328 -3.35 34.21 -18.19
CA VAL E 328 -4.07 34.63 -19.43
C VAL E 328 -3.01 34.94 -20.51
N GLU E 329 -2.00 35.73 -20.18
CA GLU E 329 -0.95 36.15 -21.14
C GLU E 329 -0.31 34.87 -21.72
N LEU E 330 -0.16 33.82 -20.91
CA LEU E 330 0.43 32.51 -21.33
C LEU E 330 -0.54 31.79 -22.25
N ALA E 331 -1.84 31.82 -21.94
CA ALA E 331 -2.90 31.23 -22.77
C ALA E 331 -2.82 31.85 -24.15
N ARG E 332 -3.01 33.17 -24.23
CA ARG E 332 -3.17 33.88 -25.52
C ARG E 332 -1.89 33.63 -26.31
N GLU E 333 -0.74 33.81 -25.66
CA GLU E 333 0.61 33.87 -26.27
C GLU E 333 0.89 32.54 -27.00
N MET E 334 0.24 31.46 -26.56
CA MET E 334 0.49 30.06 -27.02
C MET E 334 -0.55 29.66 -28.08
N GLN E 335 -1.80 30.15 -27.98
CA GLN E 335 -2.77 30.04 -29.10
C GLN E 335 -2.20 30.81 -30.29
N ASN E 336 -1.63 32.00 -30.07
CA ASN E 336 -1.12 32.90 -31.14
C ASN E 336 0.16 32.31 -31.72
N ASN E 337 0.81 31.39 -31.01
CA ASN E 337 1.99 30.62 -31.50
C ASN E 337 1.51 29.28 -32.06
N ASN E 338 0.19 29.05 -32.09
CA ASN E 338 -0.46 27.83 -32.64
C ASN E 338 0.15 26.57 -32.00
N GLU E 339 0.34 26.59 -30.68
CA GLU E 339 0.76 25.40 -29.90
C GLU E 339 -0.41 24.43 -29.83
N PRO E 340 -0.15 23.15 -29.47
CA PRO E 340 -1.11 22.07 -29.67
C PRO E 340 -2.07 21.97 -28.48
N MET E 341 -3.34 21.67 -28.74
CA MET E 341 -4.30 21.20 -27.73
C MET E 341 -4.50 19.71 -28.00
N ILE E 342 -4.42 18.86 -26.99
CA ILE E 342 -4.32 17.37 -27.17
C ILE E 342 -5.36 16.69 -26.28
N ASP E 343 -5.96 15.63 -26.84
CA ASP E 343 -7.06 14.89 -26.18
C ASP E 343 -6.47 14.13 -25.01
N ALA E 344 -7.03 14.34 -23.82
CA ALA E 344 -6.86 13.47 -22.65
C ALA E 344 -7.21 12.03 -23.04
N ILE E 345 -6.63 11.06 -22.32
CA ILE E 345 -6.72 9.61 -22.64
C ILE E 345 -8.15 9.12 -22.40
N ASP E 346 -8.74 9.50 -21.26
CA ASP E 346 -10.03 8.95 -20.78
C ASP E 346 -11.18 9.80 -21.34
N TYR E 347 -10.87 10.95 -21.98
CA TYR E 347 -11.90 11.78 -22.68
C TYR E 347 -12.09 11.32 -24.13
N LYS E 348 -11.29 10.36 -24.61
CA LYS E 348 -11.37 9.92 -26.03
C LYS E 348 -12.73 9.24 -26.26
N ASP E 349 -13.24 8.49 -25.29
CA ASP E 349 -14.36 7.54 -25.54
C ASP E 349 -15.72 8.25 -25.46
N THR E 350 -16.63 7.94 -26.41
CA THR E 350 -17.97 8.58 -26.55
C THR E 350 -19.14 7.61 -26.29
N ASN E 351 -18.89 6.37 -25.88
CA ASN E 351 -19.94 5.33 -25.69
C ASN E 351 -20.19 5.06 -24.19
N VAL E 352 -20.31 6.11 -23.39
CA VAL E 352 -20.33 6.03 -21.89
C VAL E 352 -21.74 5.59 -21.44
N SER E 353 -22.76 6.22 -22.01
CA SER E 353 -24.18 5.84 -21.88
C SER E 353 -24.31 4.31 -21.92
N THR E 354 -24.01 3.70 -23.06
CA THR E 354 -24.15 2.25 -23.29
C THR E 354 -23.20 1.51 -22.34
N LYS E 355 -22.02 2.08 -22.05
CA LYS E 355 -20.98 1.48 -21.17
C LYS E 355 -21.57 1.24 -19.78
N VAL E 356 -22.20 2.25 -19.18
CA VAL E 356 -22.82 2.14 -17.84
C VAL E 356 -23.92 1.06 -17.92
N VAL E 357 -24.75 1.14 -18.95
CA VAL E 357 -25.99 0.31 -19.07
C VAL E 357 -25.62 -1.16 -18.87
N LYS E 358 -24.67 -1.69 -19.65
CA LYS E 358 -24.19 -3.11 -19.55
C LYS E 358 -23.64 -3.34 -18.15
N ILE E 359 -22.82 -2.41 -17.66
CA ILE E 359 -22.23 -2.47 -16.30
C ILE E 359 -23.38 -2.68 -15.31
N ILE E 360 -24.42 -1.84 -15.35
CA ILE E 360 -25.53 -1.89 -14.35
C ILE E 360 -26.16 -3.27 -14.45
N GLN E 361 -26.49 -3.71 -15.66
CA GLN E 361 -27.20 -5.01 -15.91
C GLN E 361 -26.37 -6.16 -15.32
N SER E 362 -25.04 -6.05 -15.44
CA SER E 362 -24.03 -7.10 -15.09
C SER E 362 -23.91 -7.24 -13.57
N TYR E 363 -23.69 -6.10 -12.91
CA TYR E 363 -23.16 -5.98 -11.53
C TYR E 363 -24.31 -5.68 -10.57
N LYS E 364 -25.53 -5.59 -11.08
CA LYS E 364 -26.77 -5.54 -10.26
C LYS E 364 -26.81 -6.79 -9.38
N ASP E 365 -26.75 -7.97 -10.02
CA ASP E 365 -26.91 -9.31 -9.39
C ASP E 365 -25.65 -9.63 -8.58
N ILE E 366 -24.49 -9.35 -9.16
CA ILE E 366 -23.17 -9.64 -8.55
C ILE E 366 -23.11 -8.97 -7.18
N ILE E 367 -23.77 -7.84 -7.00
CA ILE E 367 -23.76 -7.10 -5.71
C ILE E 367 -24.77 -7.70 -4.74
N ASN E 368 -25.97 -8.03 -5.19
CA ASN E 368 -26.97 -8.72 -4.35
C ASN E 368 -26.33 -9.98 -3.77
N ARG E 369 -25.64 -10.76 -4.60
CA ARG E 369 -25.00 -12.05 -4.17
C ARG E 369 -23.82 -11.74 -3.25
N ASN E 370 -22.76 -11.14 -3.76
CA ASN E 370 -21.51 -10.91 -3.01
C ASN E 370 -21.79 -10.09 -1.75
N THR E 371 -22.37 -8.90 -1.89
CA THR E 371 -22.39 -7.84 -0.84
C THR E 371 -23.58 -8.06 0.11
N TRP E 372 -24.71 -8.61 -0.34
CA TRP E 372 -25.90 -8.80 0.53
C TRP E 372 -26.18 -10.30 0.81
N ARG E 373 -25.85 -11.21 -0.12
CA ARG E 373 -26.18 -12.67 -0.04
C ARG E 373 -27.71 -12.86 -0.11
N LYS E 374 -28.22 -13.52 -1.16
CA LYS E 374 -29.68 -13.68 -1.44
C LYS E 374 -29.93 -14.97 -2.24
N MET F 1 -11.11 32.24 32.86
CA MET F 1 -10.48 31.10 32.14
C MET F 1 -11.06 30.98 30.71
N GLU F 2 -12.39 30.85 30.56
CA GLU F 2 -13.10 30.21 29.41
C GLU F 2 -12.42 28.88 29.12
N LYS F 3 -13.18 27.83 28.86
CA LYS F 3 -12.62 26.49 28.58
C LYS F 3 -13.14 25.97 27.24
N LEU F 4 -12.49 24.96 26.71
CA LEU F 4 -12.83 24.37 25.39
C LEU F 4 -14.29 23.92 25.42
N LYS F 5 -15.15 24.50 24.56
CA LYS F 5 -16.58 24.12 24.49
C LYS F 5 -16.75 22.88 23.60
N LEU F 6 -17.18 21.77 24.20
CA LEU F 6 -17.09 20.40 23.64
C LEU F 6 -18.48 19.76 23.67
N MET F 7 -19.20 19.76 22.56
CA MET F 7 -20.44 18.95 22.38
C MET F 7 -20.09 17.45 22.37
N THR F 8 -20.81 16.63 23.14
CA THR F 8 -20.67 15.15 23.18
C THR F 8 -22.01 14.55 22.78
N ILE F 9 -22.07 13.71 21.75
CA ILE F 9 -23.37 13.27 21.17
C ILE F 9 -23.51 11.74 21.20
N VAL F 10 -24.57 11.27 21.87
CA VAL F 10 -24.82 9.86 22.24
C VAL F 10 -26.23 9.47 21.79
N GLY F 11 -26.58 8.19 21.89
CA GLY F 11 -27.88 7.67 21.46
C GLY F 11 -28.29 6.47 22.27
N THR F 12 -27.62 5.33 22.03
CA THR F 12 -27.93 4.03 22.69
C THR F 12 -27.24 4.01 24.06
N ARG F 13 -27.60 3.01 24.87
CA ARG F 13 -27.01 2.74 26.22
C ARG F 13 -25.55 2.32 26.05
N PRO F 14 -25.25 1.27 25.26
CA PRO F 14 -23.88 0.76 25.16
C PRO F 14 -22.93 1.93 24.86
N GLU F 15 -23.34 2.82 23.94
CA GLU F 15 -22.62 4.06 23.55
C GLU F 15 -22.29 4.89 24.81
N ILE F 16 -23.24 5.03 25.74
CA ILE F 16 -23.12 5.95 26.91
C ILE F 16 -22.27 5.25 27.98
N ILE F 17 -22.48 3.96 28.18
CA ILE F 17 -21.70 3.14 29.15
C ILE F 17 -20.20 3.33 28.90
N ARG F 18 -19.77 3.42 27.63
CA ARG F 18 -18.33 3.49 27.25
C ARG F 18 -17.84 4.93 27.39
N LEU F 19 -18.57 5.87 26.79
CA LEU F 19 -18.33 7.33 26.91
C LEU F 19 -18.42 7.77 28.38
N SER F 20 -19.03 6.96 29.25
CA SER F 20 -19.25 7.23 30.70
C SER F 20 -18.02 7.93 31.33
N SER F 21 -16.96 7.15 31.62
CA SER F 21 -15.71 7.60 32.29
C SER F 21 -15.12 8.81 31.55
N THR F 22 -15.18 8.75 30.22
CA THR F 22 -14.57 9.74 29.30
C THR F 22 -15.32 11.07 29.34
N ILE F 23 -16.66 11.04 29.50
CA ILE F 23 -17.50 12.27 29.70
C ILE F 23 -17.10 12.90 31.03
N LYS F 24 -17.19 12.11 32.11
CA LYS F 24 -16.91 12.53 33.51
C LYS F 24 -15.66 13.40 33.57
N ALA F 25 -14.62 13.01 32.84
CA ALA F 25 -13.36 13.78 32.70
C ALA F 25 -13.65 15.09 31.96
N CYS F 26 -14.19 14.99 30.74
CA CYS F 26 -14.53 16.17 29.90
C CYS F 26 -15.26 17.21 30.77
N ASP F 27 -16.13 16.73 31.67
CA ASP F 27 -16.92 17.58 32.61
C ASP F 27 -16.00 18.36 33.54
N GLN F 28 -14.87 17.76 33.95
CA GLN F 28 -13.88 18.35 34.89
C GLN F 28 -13.01 19.40 34.18
N TYR F 29 -12.60 19.13 32.94
CA TYR F 29 -11.52 19.90 32.26
C TYR F 29 -12.10 20.81 31.18
N PHE F 30 -13.33 20.56 30.73
CA PHE F 30 -13.96 21.28 29.60
C PHE F 30 -15.36 21.78 29.95
N ASN F 31 -15.87 22.63 29.06
CA ASN F 31 -17.26 23.16 29.05
C ASN F 31 -18.15 22.20 28.23
N GLN F 32 -18.37 20.99 28.72
CA GLN F 32 -18.99 19.88 27.92
C GLN F 32 -20.52 20.05 27.83
N ILE F 33 -21.05 20.17 26.61
CA ILE F 33 -22.51 20.16 26.31
C ILE F 33 -22.87 18.76 25.82
N LEU F 34 -23.40 17.90 26.71
CA LEU F 34 -23.93 16.55 26.36
C LEU F 34 -25.27 16.71 25.62
N VAL F 35 -25.63 15.75 24.77
CA VAL F 35 -26.80 15.84 23.85
C VAL F 35 -27.18 14.43 23.43
N HIS F 36 -28.49 14.19 23.35
CA HIS F 36 -29.09 12.84 23.21
C HIS F 36 -30.08 12.94 22.04
N THR F 37 -30.07 11.97 21.11
CA THR F 37 -30.84 12.06 19.84
C THR F 37 -32.31 11.69 20.10
N GLY F 38 -32.57 10.80 21.07
CA GLY F 38 -33.91 10.23 21.34
C GLY F 38 -34.77 11.14 22.21
N GLN F 39 -35.53 10.54 23.13
CA GLN F 39 -36.67 11.17 23.86
C GLN F 39 -36.38 11.12 25.37
N ASN F 40 -36.91 12.09 26.14
CA ASN F 40 -36.81 12.12 27.63
C ASN F 40 -38.19 12.04 28.29
N TYR F 41 -39.27 12.44 27.59
CA TYR F 41 -40.62 12.54 28.18
C TYR F 41 -40.91 11.31 29.06
N ASP F 42 -40.78 10.10 28.48
CA ASP F 42 -40.98 8.79 29.17
C ASP F 42 -39.89 8.61 30.24
N TYR F 43 -38.64 8.91 29.88
CA TYR F 43 -37.37 8.55 30.57
C TYR F 43 -37.47 8.66 32.10
N THR F 44 -38.44 9.41 32.64
CA THR F 44 -38.59 9.67 34.10
C THR F 44 -38.77 8.34 34.86
N LEU F 45 -38.53 7.19 34.19
CA LEU F 45 -38.27 5.87 34.85
C LEU F 45 -36.86 5.36 34.49
N ASN F 46 -36.36 5.64 33.28
CA ASN F 46 -35.03 5.18 32.80
C ASN F 46 -33.93 5.97 33.48
N GLN F 47 -34.13 7.29 33.57
CA GLN F 47 -33.40 8.20 34.49
C GLN F 47 -32.52 7.34 35.43
N ILE F 48 -33.12 6.44 36.22
CA ILE F 48 -32.41 5.60 37.25
C ILE F 48 -31.15 5.00 36.64
N PHE F 49 -31.32 4.06 35.72
CA PHE F 49 -30.22 3.23 35.16
C PHE F 49 -29.07 4.17 34.72
N PHE F 50 -29.42 5.26 34.04
CA PHE F 50 -28.46 6.21 33.40
C PHE F 50 -28.38 7.47 34.23
N ASP F 51 -28.44 7.25 35.55
CA ASP F 51 -27.96 8.12 36.65
C ASP F 51 -27.29 7.22 37.71
N ASP F 52 -27.88 6.06 38.03
CA ASP F 52 -27.18 4.97 38.76
C ASP F 52 -26.14 4.36 37.81
N LEU F 53 -24.86 4.72 38.02
CA LEU F 53 -23.82 4.97 36.98
C LEU F 53 -23.22 6.36 37.22
N GLU F 54 -23.83 7.14 38.13
CA GLU F 54 -23.33 8.44 38.68
C GLU F 54 -23.16 9.49 37.55
N LEU F 55 -23.68 9.19 36.35
CA LEU F 55 -23.57 10.03 35.13
C LEU F 55 -24.62 11.15 35.17
N ARG F 56 -24.21 12.40 34.99
CA ARG F 56 -25.16 13.54 34.88
C ARG F 56 -26.01 13.34 33.61
N GLN F 57 -27.03 14.18 33.42
CA GLN F 57 -28.09 13.99 32.39
C GLN F 57 -27.92 15.01 31.27
N PRO F 58 -28.19 14.62 30.01
CA PRO F 58 -27.92 15.47 28.85
C PRO F 58 -28.52 16.87 28.98
N ASP F 59 -27.78 17.87 28.54
CA ASP F 59 -28.16 19.31 28.58
C ASP F 59 -29.36 19.51 27.64
N HIS F 60 -29.40 18.74 26.55
CA HIS F 60 -30.44 18.81 25.48
C HIS F 60 -30.90 17.38 25.11
N TYR F 61 -32.15 17.23 24.67
CA TYR F 61 -32.71 16.01 24.03
C TYR F 61 -33.37 16.42 22.72
N LEU F 62 -33.23 15.58 21.68
CA LEU F 62 -33.48 15.95 20.27
C LEU F 62 -34.75 15.30 19.77
N GLU F 63 -35.41 14.50 20.63
CA GLU F 63 -36.73 13.88 20.33
C GLU F 63 -36.80 13.66 18.81
N ALA F 64 -35.74 13.12 18.22
CA ALA F 64 -35.71 12.58 16.84
C ALA F 64 -36.17 11.13 16.94
N VAL F 65 -36.26 10.45 15.79
CA VAL F 65 -36.99 9.15 15.61
C VAL F 65 -38.28 9.50 14.86
N GLY F 66 -38.67 8.67 13.88
CA GLY F 66 -39.72 8.98 12.89
C GLY F 66 -40.47 7.74 12.45
N SER F 67 -41.39 7.90 11.48
CA SER F 67 -42.28 6.84 10.93
C SER F 67 -41.49 5.60 10.52
N ASN F 68 -40.27 5.80 10.00
CA ASN F 68 -39.37 4.75 9.43
C ASN F 68 -37.91 5.16 9.65
N LEU F 69 -37.05 4.19 9.94
CA LEU F 69 -35.60 4.31 9.62
C LEU F 69 -35.52 4.95 8.23
N GLY F 70 -35.12 6.22 8.14
CA GLY F 70 -35.16 6.96 6.88
C GLY F 70 -35.65 8.37 7.11
N GLU F 71 -36.85 8.52 7.67
CA GLU F 71 -37.30 9.77 8.34
C GLU F 71 -36.22 10.13 9.36
N THR F 72 -35.82 9.13 10.15
CA THR F 72 -35.20 9.27 11.49
C THR F 72 -33.71 9.63 11.34
N MET F 73 -33.03 9.06 10.33
CA MET F 73 -31.71 9.59 9.88
C MET F 73 -31.91 11.04 9.47
N GLY F 74 -32.68 11.26 8.40
CA GLY F 74 -33.05 12.60 7.88
C GLY F 74 -33.27 13.59 9.01
N ASN F 75 -33.76 13.09 10.15
CA ASN F 75 -33.99 13.88 11.38
C ASN F 75 -32.64 14.19 12.03
N ILE F 76 -31.93 13.16 12.53
CA ILE F 76 -30.72 13.31 13.40
C ILE F 76 -29.73 14.29 12.75
N ILE F 77 -29.63 14.30 11.42
CA ILE F 77 -28.74 15.24 10.66
C ILE F 77 -29.22 16.69 10.89
N ALA F 78 -30.44 17.00 10.42
CA ALA F 78 -31.09 18.31 10.52
C ALA F 78 -31.18 18.75 11.99
N LYS F 79 -31.58 17.85 12.89
CA LYS F 79 -31.69 18.08 14.36
C LYS F 79 -30.31 18.43 14.93
N THR F 80 -29.34 17.53 14.73
CA THR F 80 -27.91 17.67 15.15
C THR F 80 -27.31 18.91 14.48
N TYR F 81 -27.64 19.14 13.22
CA TYR F 81 -27.17 20.33 12.45
C TYR F 81 -27.46 21.61 13.23
N ASP F 82 -28.58 21.64 13.97
CA ASP F 82 -29.11 22.86 14.64
C ASP F 82 -28.45 22.97 16.02
N VAL F 83 -28.56 21.92 16.83
CA VAL F 83 -27.95 21.88 18.20
C VAL F 83 -26.50 22.39 18.08
N LEU F 84 -25.83 22.12 16.96
CA LEU F 84 -24.44 22.60 16.72
C LEU F 84 -24.45 24.11 16.43
N LEU F 85 -25.31 24.54 15.51
CA LEU F 85 -25.38 25.93 14.99
C LEU F 85 -25.67 26.91 16.15
N ARG F 86 -26.58 26.53 17.06
CA ARG F 86 -26.89 27.26 18.32
C ARG F 86 -25.63 27.34 19.19
N GLU F 87 -25.27 26.23 19.85
CA GLU F 87 -24.32 26.18 20.99
C GLU F 87 -22.91 26.50 20.52
N GLN F 88 -22.67 26.49 19.21
CA GLN F 88 -21.36 26.81 18.56
C GLN F 88 -20.23 26.19 19.36
N PRO F 89 -20.06 24.85 19.33
CA PRO F 89 -18.98 24.20 20.06
C PRO F 89 -17.67 24.36 19.29
N ASP F 90 -16.55 24.26 20.03
CA ASP F 90 -15.16 24.24 19.50
C ASP F 90 -14.87 22.90 18.80
N ALA F 91 -15.63 21.84 19.11
CA ALA F 91 -15.30 20.44 18.75
C ALA F 91 -16.42 19.47 19.17
N LEU F 92 -16.55 18.36 18.44
CA LEU F 92 -17.56 17.28 18.61
C LEU F 92 -16.83 16.05 19.14
N LEU F 93 -17.32 15.40 20.21
CA LEU F 93 -16.96 14.01 20.61
C LEU F 93 -17.95 13.06 19.95
N ILE F 94 -17.76 11.75 20.07
CA ILE F 94 -18.61 10.75 19.35
C ILE F 94 -18.01 9.37 19.57
N LEU F 95 -18.88 8.36 19.68
CA LEU F 95 -18.47 6.96 19.93
C LEU F 95 -19.24 6.08 18.96
N GLY F 96 -18.52 5.25 18.22
CA GLY F 96 -19.06 4.05 17.53
C GLY F 96 -19.90 4.37 16.30
N ASP F 97 -20.87 3.49 16.05
CA ASP F 97 -21.44 3.17 14.71
C ASP F 97 -22.95 3.00 14.87
N THR F 98 -23.55 3.88 15.66
CA THR F 98 -25.02 4.11 15.74
C THR F 98 -25.33 5.30 14.84
N ASN F 99 -26.60 5.48 14.46
CA ASN F 99 -27.10 6.58 13.58
C ASN F 99 -26.93 7.92 14.29
N SER F 100 -26.65 7.87 15.61
CA SER F 100 -26.45 9.01 16.53
C SER F 100 -25.25 9.85 16.11
N CYS F 101 -24.35 9.27 15.32
CA CYS F 101 -23.01 9.79 14.99
C CYS F 101 -22.92 10.14 13.50
N LEU F 102 -24.06 10.20 12.81
CA LEU F 102 -24.20 10.97 11.55
C LEU F 102 -24.19 12.44 11.93
N ALA F 103 -24.15 12.69 13.23
CA ALA F 103 -23.91 14.01 13.84
C ALA F 103 -22.69 14.66 13.18
N ALA F 104 -21.69 13.83 12.84
CA ALA F 104 -20.44 14.28 12.20
C ALA F 104 -20.77 15.04 10.92
N VAL F 105 -21.64 14.45 10.07
CA VAL F 105 -21.97 14.96 8.72
C VAL F 105 -22.20 16.46 8.82
N SER F 106 -22.98 16.87 9.83
CA SER F 106 -23.33 18.28 10.12
C SER F 106 -22.08 19.00 10.61
N ALA F 107 -21.54 18.51 11.72
CA ALA F 107 -20.32 19.05 12.36
C ALA F 107 -19.26 19.35 11.29
N LYS F 108 -19.11 18.46 10.32
CA LYS F 108 -18.15 18.64 9.21
C LYS F 108 -18.53 19.88 8.40
N ARG F 109 -19.79 20.00 7.96
CA ARG F 109 -20.25 21.14 7.12
C ARG F 109 -19.98 22.45 7.88
N LEU F 110 -20.27 22.45 9.17
CA LEU F 110 -20.17 23.63 10.06
C LEU F 110 -18.73 23.81 10.53
N LYS F 111 -17.80 23.05 9.95
CA LYS F 111 -16.33 23.18 10.18
C LYS F 111 -16.04 23.07 11.68
N ILE F 112 -16.67 22.09 12.34
CA ILE F 112 -16.32 21.64 13.72
C ILE F 112 -15.49 20.36 13.61
N PRO F 113 -14.29 20.38 14.22
CA PRO F 113 -13.48 19.17 14.37
C PRO F 113 -14.29 18.06 15.04
N VAL F 114 -14.44 16.90 14.39
CA VAL F 114 -15.02 15.67 15.03
C VAL F 114 -13.90 14.78 15.56
N PHE F 115 -14.03 14.34 16.79
CA PHE F 115 -13.25 13.23 17.38
C PHE F 115 -14.17 12.01 17.55
N HIS F 116 -13.83 10.91 16.89
CA HIS F 116 -14.63 9.66 16.82
C HIS F 116 -13.85 8.55 17.52
N MET F 117 -14.21 8.22 18.76
CA MET F 117 -13.74 6.98 19.46
C MET F 117 -14.38 5.76 18.80
N GLU F 118 -13.87 4.56 19.08
CA GLU F 118 -14.25 3.28 18.41
C GLU F 118 -14.11 3.44 16.89
N ALA F 119 -13.02 4.08 16.47
CA ALA F 119 -12.66 4.26 15.05
C ALA F 119 -12.22 2.91 14.50
N GLY F 120 -12.28 2.76 13.17
CA GLY F 120 -11.76 1.61 12.43
C GLY F 120 -12.30 0.29 12.95
N ASN F 121 -13.57 0.25 13.31
CA ASN F 121 -14.26 -1.01 13.71
C ASN F 121 -14.59 -1.79 12.43
N ARG F 122 -14.06 -3.00 12.25
CA ARG F 122 -14.25 -3.78 10.99
C ARG F 122 -14.36 -5.25 11.35
N CYS F 123 -15.33 -5.93 10.73
CA CYS F 123 -15.58 -7.40 10.78
C CYS F 123 -15.54 -7.99 9.37
N PHE F 124 -15.60 -7.13 8.34
CA PHE F 124 -15.42 -7.46 6.91
C PHE F 124 -16.58 -8.33 6.42
N ASP F 125 -17.81 -7.99 6.83
CA ASP F 125 -19.06 -8.59 6.29
C ASP F 125 -20.12 -7.48 6.21
N GLN F 126 -20.36 -6.95 5.00
CA GLN F 126 -21.20 -5.74 4.78
C GLN F 126 -22.68 -6.06 5.01
N ASN F 127 -23.01 -7.35 5.11
CA ASN F 127 -24.30 -7.89 5.63
C ASN F 127 -24.51 -7.43 7.08
N VAL F 128 -23.44 -7.19 7.83
CA VAL F 128 -23.51 -6.65 9.21
C VAL F 128 -23.89 -5.18 9.10
N PRO F 129 -25.09 -4.78 9.60
CA PRO F 129 -25.62 -3.44 9.33
C PRO F 129 -24.74 -2.30 9.88
N GLU F 130 -23.96 -2.55 10.93
CA GLU F 130 -23.07 -1.52 11.53
C GLU F 130 -22.01 -1.09 10.50
N GLU F 131 -21.55 -2.02 9.64
CA GLU F 131 -20.50 -1.79 8.60
C GLU F 131 -20.87 -0.65 7.64
N ILE F 132 -22.12 -0.19 7.63
CA ILE F 132 -22.57 0.89 6.70
C ILE F 132 -22.21 2.24 7.31
N ASN F 133 -22.64 2.50 8.55
CA ASN F 133 -22.31 3.75 9.29
C ASN F 133 -20.79 3.80 9.49
N ARG F 134 -20.17 2.67 9.84
CA ARG F 134 -18.75 2.56 10.27
C ARG F 134 -17.85 3.24 9.23
N LYS F 135 -17.83 2.75 7.99
CA LYS F 135 -17.08 3.34 6.85
C LYS F 135 -17.35 4.86 6.83
N ILE F 136 -18.62 5.28 6.77
CA ILE F 136 -19.03 6.69 6.52
C ILE F 136 -18.35 7.62 7.53
N VAL F 137 -18.60 7.41 8.84
CA VAL F 137 -18.27 8.36 9.95
C VAL F 137 -16.75 8.41 10.20
N ASP F 138 -16.05 7.29 10.04
CA ASP F 138 -14.58 7.21 10.13
C ASP F 138 -13.99 8.22 9.12
N HIS F 139 -14.56 8.34 7.91
CA HIS F 139 -13.99 9.15 6.79
C HIS F 139 -14.41 10.61 6.86
N VAL F 140 -15.53 10.91 7.52
CA VAL F 140 -16.02 12.30 7.76
C VAL F 140 -15.38 12.84 9.07
N SER F 141 -15.13 11.99 10.07
CA SER F 141 -14.33 12.36 11.28
C SER F 141 -12.99 12.96 10.85
N ASP F 142 -12.42 13.79 11.73
CA ASP F 142 -11.21 14.61 11.49
C ASP F 142 -10.06 14.00 12.27
N VAL F 143 -10.36 13.45 13.46
CA VAL F 143 -9.44 12.67 14.34
C VAL F 143 -10.10 11.34 14.71
N ASN F 144 -9.50 10.22 14.32
CA ASN F 144 -10.01 8.87 14.67
C ASN F 144 -9.19 8.29 15.79
N LEU F 145 -9.86 7.85 16.86
CA LEU F 145 -9.24 7.25 18.05
C LEU F 145 -9.72 5.81 18.17
N PRO F 146 -9.07 4.87 17.47
CA PRO F 146 -9.47 3.47 17.49
C PRO F 146 -8.98 2.80 18.79
N TYR F 147 -9.67 1.76 19.25
CA TYR F 147 -9.31 1.08 20.52
C TYR F 147 -7.98 0.32 20.39
N THR F 148 -7.54 0.01 19.18
CA THR F 148 -6.43 -0.97 18.99
C THR F 148 -5.51 -0.58 17.82
N GLU F 149 -4.28 -1.10 17.82
CA GLU F 149 -3.40 -1.04 16.64
C GLU F 149 -4.16 -1.66 15.48
N HIS F 150 -4.79 -2.82 15.69
CA HIS F 150 -5.57 -3.53 14.65
C HIS F 150 -6.30 -2.50 13.78
N SER F 151 -7.12 -1.67 14.43
CA SER F 151 -7.98 -0.67 13.77
C SER F 151 -7.12 0.45 13.16
N ARG F 152 -6.12 0.94 13.89
CA ARG F 152 -5.20 1.95 13.32
C ARG F 152 -4.70 1.44 11.96
N ARG F 153 -4.30 0.17 11.91
CA ARG F 153 -3.91 -0.51 10.65
C ARG F 153 -5.09 -0.43 9.67
N TYR F 154 -6.20 -1.12 9.94
CA TYR F 154 -7.42 -1.07 9.09
C TYR F 154 -7.53 0.32 8.45
N LEU F 155 -7.40 1.37 9.28
CA LEU F 155 -7.67 2.79 8.91
C LEU F 155 -6.64 3.28 7.89
N LEU F 156 -5.35 3.16 8.23
CA LEU F 156 -4.27 3.66 7.35
C LEU F 156 -4.45 3.05 5.96
N ASP F 157 -4.94 1.81 5.88
CA ASP F 157 -5.07 1.06 4.61
C ASP F 157 -6.27 1.60 3.82
N GLU F 158 -7.23 2.22 4.49
CA GLU F 158 -8.32 3.02 3.86
C GLU F 158 -7.78 4.42 3.56
N GLY F 159 -6.45 4.56 3.55
CA GLY F 159 -5.75 5.78 3.12
C GLY F 159 -6.08 6.98 3.99
N PHE F 160 -6.50 6.77 5.25
CA PHE F 160 -6.81 7.88 6.20
C PHE F 160 -5.50 8.55 6.64
N ASN F 161 -5.61 9.76 7.19
CA ASN F 161 -4.47 10.65 7.51
C ASN F 161 -3.66 10.07 8.67
N LYS F 162 -2.40 9.66 8.38
CA LYS F 162 -1.39 9.11 9.33
C LYS F 162 -1.35 9.93 10.63
N ALA F 163 -1.49 11.25 10.54
CA ALA F 163 -1.08 12.22 11.59
C ALA F 163 -2.21 12.44 12.58
N ASN F 164 -3.44 12.14 12.15
CA ASN F 164 -4.70 12.36 12.91
C ASN F 164 -5.28 11.01 13.31
N ILE F 165 -4.44 10.15 13.88
CA ILE F 165 -4.84 8.84 14.48
C ILE F 165 -4.07 8.64 15.79
N PHE F 166 -4.78 8.21 16.84
CA PHE F 166 -4.24 7.90 18.19
C PHE F 166 -4.90 6.61 18.66
N VAL F 167 -4.19 5.73 19.36
CA VAL F 167 -4.85 4.49 19.88
C VAL F 167 -5.16 4.70 21.37
N THR F 168 -6.37 5.19 21.64
CA THR F 168 -6.92 5.40 23.00
C THR F 168 -6.76 4.08 23.77
N GLY F 169 -6.96 2.93 23.13
CA GLY F 169 -7.07 1.64 23.82
C GLY F 169 -8.51 1.48 24.26
N SER F 170 -8.95 0.32 24.78
CA SER F 170 -10.39 0.09 25.07
C SER F 170 -10.82 0.92 26.27
N PRO F 171 -11.98 1.60 26.17
CA PRO F 171 -12.46 2.42 27.27
C PRO F 171 -13.18 1.53 28.28
N MET F 172 -13.32 0.23 27.98
CA MET F 172 -14.14 -0.72 28.80
C MET F 172 -13.41 -1.16 30.07
N THR F 173 -12.08 -1.19 30.08
CA THR F 173 -11.29 -1.55 31.29
C THR F 173 -11.36 -0.41 32.30
N GLU F 174 -11.27 0.84 31.83
CA GLU F 174 -11.33 2.05 32.71
C GLU F 174 -12.67 2.08 33.44
N VAL F 175 -13.76 1.70 32.76
CA VAL F 175 -15.16 1.84 33.24
C VAL F 175 -15.49 0.67 34.18
N ILE F 176 -15.11 -0.56 33.83
CA ILE F 176 -15.24 -1.77 34.70
C ILE F 176 -14.40 -1.58 35.97
N GLU F 177 -13.27 -0.87 35.87
CA GLU F 177 -12.43 -0.48 37.02
C GLU F 177 -13.28 0.37 37.97
N ALA F 178 -13.82 1.48 37.48
CA ALA F 178 -14.52 2.54 38.25
C ALA F 178 -15.73 1.97 38.98
N HIS F 179 -16.15 0.75 38.63
CA HIS F 179 -17.36 0.09 39.19
C HIS F 179 -17.02 -1.31 39.72
N ARG F 180 -15.79 -1.61 40.19
CA ARG F 180 -15.53 -3.03 40.60
C ARG F 180 -15.85 -3.19 42.08
N ASP F 181 -16.06 -2.09 42.82
CA ASP F 181 -16.68 -2.14 44.16
C ASP F 181 -18.17 -2.47 44.01
N LYS F 182 -18.87 -1.74 43.12
CA LYS F 182 -20.32 -1.92 42.81
C LYS F 182 -20.57 -3.27 42.09
N ILE F 183 -19.52 -4.03 41.75
CA ILE F 183 -19.63 -5.32 41.00
C ILE F 183 -19.41 -6.47 41.98
N ASN F 184 -18.32 -6.42 42.75
CA ASN F 184 -17.87 -7.52 43.64
C ASN F 184 -18.72 -7.51 44.92
N HIS F 185 -19.45 -6.39 45.17
CA HIS F 185 -20.46 -6.21 46.26
C HIS F 185 -21.87 -6.09 45.64
N SER F 186 -22.33 -7.11 44.90
CA SER F 186 -23.69 -7.17 44.32
C SER F 186 -24.43 -8.40 44.86
N ASP F 187 -25.72 -8.23 45.15
CA ASP F 187 -26.63 -9.27 45.72
C ASP F 187 -27.19 -10.17 44.61
N VAL F 188 -27.00 -9.77 43.34
CA VAL F 188 -27.77 -10.26 42.16
C VAL F 188 -27.64 -11.79 42.03
N LEU F 189 -26.64 -12.41 42.67
CA LEU F 189 -26.53 -13.89 42.75
C LEU F 189 -27.56 -14.42 43.77
N ASN F 190 -27.64 -13.76 44.93
CA ASN F 190 -28.70 -13.98 45.95
C ASN F 190 -30.05 -13.69 45.28
N LYS F 191 -30.38 -12.42 45.04
CA LYS F 191 -31.60 -11.97 44.32
C LYS F 191 -32.23 -13.15 43.54
N LEU F 192 -31.45 -13.83 42.69
CA LEU F 192 -31.96 -14.77 41.64
C LEU F 192 -31.90 -16.22 42.13
N GLY F 193 -31.43 -16.44 43.36
CA GLY F 193 -31.34 -17.77 43.99
C GLY F 193 -30.37 -18.65 43.24
N LEU F 194 -29.15 -18.15 43.02
CA LEU F 194 -28.10 -18.81 42.20
C LEU F 194 -26.80 -18.84 42.99
N GLU F 195 -26.16 -20.02 43.01
CA GLU F 195 -24.77 -20.22 43.50
C GLU F 195 -23.82 -19.83 42.37
N PRO F 196 -22.65 -19.21 42.66
CA PRO F 196 -21.65 -18.90 41.64
C PRO F 196 -21.08 -20.16 40.98
N GLN F 197 -20.97 -20.16 39.65
CA GLN F 197 -20.31 -21.22 38.83
C GLN F 197 -21.29 -22.37 38.59
N GLN F 198 -22.59 -22.09 38.78
CA GLN F 198 -23.69 -23.10 38.75
C GLN F 198 -24.74 -22.69 37.71
N TYR F 199 -24.48 -21.66 36.90
CA TYR F 199 -25.50 -21.11 35.95
C TYR F 199 -24.85 -20.58 34.68
N ILE F 200 -25.35 -21.04 33.53
CA ILE F 200 -25.07 -20.47 32.17
C ILE F 200 -25.89 -19.18 32.02
N LEU F 201 -25.38 -18.22 31.25
CA LEU F 201 -26.10 -17.00 30.84
C LEU F 201 -26.12 -16.94 29.31
N VAL F 202 -27.23 -16.47 28.70
CA VAL F 202 -27.41 -16.37 27.22
C VAL F 202 -28.04 -15.00 26.88
N SER F 203 -27.35 -14.18 26.10
CA SER F 203 -27.83 -12.87 25.58
C SER F 203 -27.87 -12.95 24.06
N ALA F 204 -29.05 -13.11 23.47
CA ALA F 204 -29.29 -13.00 22.01
C ALA F 204 -30.25 -11.83 21.74
N HIS F 205 -29.70 -10.64 21.52
CA HIS F 205 -30.45 -9.38 21.29
C HIS F 205 -30.32 -8.91 19.85
N ARG F 206 -29.24 -9.26 19.14
CA ARG F 206 -29.05 -8.94 17.71
C ARG F 206 -30.18 -9.58 16.89
N GLU F 207 -30.95 -8.77 16.13
CA GLU F 207 -31.81 -9.26 15.03
C GLU F 207 -30.93 -10.10 14.10
N GLU F 208 -31.50 -11.12 13.45
CA GLU F 208 -30.77 -11.97 12.46
C GLU F 208 -29.91 -13.00 13.20
N ASN F 209 -29.80 -12.89 14.54
CA ASN F 209 -29.59 -14.04 15.46
C ASN F 209 -30.97 -14.56 15.89
N ILE F 210 -32.00 -13.75 15.64
CA ILE F 210 -33.36 -13.85 16.27
C ILE F 210 -34.41 -13.91 15.16
N ASP F 211 -34.53 -12.86 14.34
CA ASP F 211 -35.55 -12.72 13.27
C ASP F 211 -35.40 -13.83 12.24
N ASN F 212 -34.24 -13.89 11.59
CA ASN F 212 -33.80 -15.01 10.71
C ASN F 212 -34.30 -16.35 11.28
N GLU F 213 -35.10 -17.07 10.49
CA GLU F 213 -35.92 -18.22 10.97
C GLU F 213 -35.00 -19.35 11.43
N LYS F 214 -34.10 -19.82 10.55
CA LYS F 214 -33.19 -20.95 10.84
C LYS F 214 -32.34 -20.62 12.07
N ASN F 215 -31.67 -19.46 12.05
CA ASN F 215 -30.72 -19.03 13.11
C ASN F 215 -31.41 -19.15 14.47
N PHE F 216 -32.67 -18.78 14.56
CA PHE F 216 -33.50 -18.97 15.78
C PHE F 216 -33.51 -20.46 16.14
N LYS F 217 -33.84 -21.31 15.16
CA LYS F 217 -34.07 -22.76 15.38
C LYS F 217 -32.83 -23.36 16.00
N SER F 218 -31.69 -23.20 15.31
CA SER F 218 -30.36 -23.62 15.78
C SER F 218 -30.14 -23.11 17.21
N LEU F 219 -30.37 -21.81 17.44
CA LEU F 219 -29.97 -21.16 18.71
C LEU F 219 -30.81 -21.73 19.85
N MET F 220 -32.13 -21.60 19.74
CA MET F 220 -33.12 -22.20 20.67
C MET F 220 -32.76 -23.68 20.88
N ASN F 221 -32.82 -24.48 19.81
CA ASN F 221 -32.51 -25.94 19.82
C ASN F 221 -31.28 -26.18 20.72
N ALA F 222 -30.29 -25.28 20.70
CA ALA F 222 -29.01 -25.40 21.44
C ALA F 222 -29.21 -25.11 22.94
N ILE F 223 -29.67 -23.90 23.29
CA ILE F 223 -29.98 -23.45 24.69
C ILE F 223 -30.68 -24.59 25.44
N ASN F 224 -31.53 -25.37 24.74
CA ASN F 224 -32.12 -26.63 25.22
C ASN F 224 -30.99 -27.61 25.55
N ASP F 225 -30.40 -28.22 24.52
CA ASP F 225 -29.60 -29.46 24.62
C ASP F 225 -28.32 -29.14 25.43
N ILE F 226 -28.10 -27.85 25.71
CA ILE F 226 -27.16 -27.29 26.73
C ILE F 226 -27.70 -27.58 28.15
N ALA F 227 -28.92 -27.12 28.45
CA ALA F 227 -29.54 -27.20 29.78
C ALA F 227 -29.63 -28.66 30.25
N LYS F 228 -30.01 -29.58 29.35
CA LYS F 228 -30.13 -31.04 29.60
C LYS F 228 -28.75 -31.67 29.84
N LYS F 229 -27.77 -31.32 28.99
CA LYS F 229 -26.37 -31.82 29.03
C LYS F 229 -25.73 -31.44 30.38
N TYR F 230 -25.77 -30.15 30.74
CA TYR F 230 -25.02 -29.56 31.89
C TYR F 230 -25.91 -29.50 33.13
N LYS F 231 -27.23 -29.63 32.97
CA LYS F 231 -28.20 -29.80 34.09
C LYS F 231 -27.95 -28.73 35.16
N MET F 232 -27.97 -27.46 34.76
CA MET F 232 -28.06 -26.29 35.67
C MET F 232 -28.95 -25.24 35.01
N PRO F 233 -29.40 -24.22 35.77
CA PRO F 233 -30.17 -23.12 35.20
C PRO F 233 -29.50 -22.57 33.94
N VAL F 234 -30.28 -21.97 33.04
CA VAL F 234 -29.83 -21.34 31.77
C VAL F 234 -30.55 -19.98 31.61
N ILE F 235 -30.01 -18.96 32.27
CA ILE F 235 -30.61 -17.60 32.39
C ILE F 235 -30.54 -16.94 31.01
N TYR F 236 -31.67 -16.54 30.44
CA TYR F 236 -31.77 -16.15 29.00
C TYR F 236 -32.39 -14.75 28.92
N SER F 237 -31.65 -13.82 28.29
CA SER F 237 -32.08 -12.44 27.99
C SER F 237 -32.11 -12.27 26.47
N THR F 238 -33.30 -12.28 25.88
CA THR F 238 -33.56 -11.90 24.46
C THR F 238 -34.59 -10.76 24.48
N HIS F 239 -35.08 -10.34 23.32
CA HIS F 239 -36.15 -9.31 23.19
C HIS F 239 -37.49 -9.96 23.49
N PRO F 240 -38.63 -9.24 23.39
CA PRO F 240 -39.94 -9.87 23.66
C PRO F 240 -40.44 -10.70 22.46
N ARG F 241 -40.34 -10.17 21.23
CA ARG F 241 -40.77 -10.81 19.94
C ARG F 241 -40.33 -12.28 19.85
N SER F 242 -39.23 -12.66 20.52
CA SER F 242 -38.68 -14.05 20.54
C SER F 242 -39.48 -14.90 21.53
N TRP F 243 -39.59 -14.45 22.78
CA TRP F 243 -40.49 -15.02 23.82
C TRP F 243 -41.91 -15.15 23.23
N LYS F 244 -42.42 -14.09 22.62
CA LYS F 244 -43.74 -14.04 21.90
C LYS F 244 -43.87 -15.24 20.96
N LYS F 245 -42.81 -15.56 20.21
CA LYS F 245 -42.80 -16.64 19.19
C LYS F 245 -42.45 -17.98 19.85
N ILE F 246 -41.86 -17.97 21.04
CA ILE F 246 -41.39 -19.21 21.72
C ILE F 246 -42.61 -20.02 22.19
N GLU F 247 -43.72 -19.35 22.52
CA GLU F 247 -44.99 -20.02 22.92
C GLU F 247 -45.68 -20.52 21.64
N GLU F 248 -45.22 -21.66 21.12
CA GLU F 248 -45.63 -22.25 19.82
C GLU F 248 -45.47 -23.78 19.90
N SER F 249 -45.06 -24.43 18.80
CA SER F 249 -44.99 -25.91 18.67
C SER F 249 -43.85 -26.46 19.54
N LYS F 250 -42.67 -25.81 19.50
CA LYS F 250 -41.44 -26.20 20.25
C LYS F 250 -41.49 -25.61 21.67
N PHE F 251 -42.69 -25.19 22.13
CA PHE F 251 -42.90 -24.56 23.45
C PHE F 251 -41.97 -25.22 24.49
N GLU F 252 -41.80 -26.54 24.42
CA GLU F 252 -41.05 -27.37 25.42
C GLU F 252 -40.03 -26.49 26.15
N PHE F 253 -38.92 -26.16 25.50
CA PHE F 253 -37.81 -25.33 26.05
C PHE F 253 -37.09 -26.06 27.19
N ASP F 254 -37.83 -26.50 28.20
CA ASP F 254 -37.29 -27.27 29.35
C ASP F 254 -37.30 -26.35 30.58
N PRO F 255 -37.55 -26.89 31.79
CA PRO F 255 -37.77 -26.07 32.98
C PRO F 255 -36.55 -25.26 33.46
N LEU F 256 -35.35 -25.61 33.00
CA LEU F 256 -34.08 -25.06 33.55
C LEU F 256 -33.81 -23.66 32.99
N VAL F 257 -34.19 -23.37 31.73
CA VAL F 257 -34.03 -22.02 31.11
C VAL F 257 -35.04 -21.09 31.78
N LYS F 258 -34.63 -19.89 32.17
CA LYS F 258 -35.51 -18.87 32.76
C LYS F 258 -35.46 -17.63 31.85
N GLN F 259 -36.33 -16.65 32.06
CA GLN F 259 -36.17 -15.26 31.53
C GLN F 259 -35.21 -14.51 32.44
N LEU F 260 -34.67 -13.37 31.99
CA LEU F 260 -33.88 -12.46 32.84
C LEU F 260 -34.50 -11.06 32.79
N LYS F 261 -34.88 -10.54 33.95
CA LYS F 261 -35.28 -9.13 34.10
C LYS F 261 -34.05 -8.28 33.81
N PRO F 262 -34.12 -7.29 32.89
CA PRO F 262 -33.00 -6.39 32.64
C PRO F 262 -32.42 -5.78 33.94
N PHE F 263 -31.16 -6.11 34.25
CA PHE F 263 -30.41 -5.64 35.45
C PHE F 263 -29.32 -4.63 35.03
N GLY F 264 -29.13 -3.57 35.83
CA GLY F 264 -28.15 -2.50 35.58
C GLY F 264 -26.76 -3.05 35.31
N PHE F 265 -25.89 -2.22 34.73
CA PHE F 265 -24.49 -2.57 34.33
C PHE F 265 -23.83 -3.41 35.43
N PHE F 266 -23.57 -2.79 36.59
CA PHE F 266 -23.01 -3.41 37.82
C PHE F 266 -23.48 -4.86 37.90
N ASP F 267 -24.80 -5.04 37.96
CA ASP F 267 -25.45 -6.33 38.25
C ASP F 267 -25.19 -7.30 37.11
N TYR F 268 -25.27 -6.83 35.85
CA TYR F 268 -25.20 -7.73 34.66
C TYR F 268 -23.80 -8.36 34.61
N ASN F 269 -22.75 -7.58 34.88
CA ASN F 269 -21.35 -8.05 34.82
C ASN F 269 -21.07 -9.00 35.99
N ALA F 270 -21.43 -8.59 37.22
CA ALA F 270 -21.39 -9.43 38.45
C ALA F 270 -22.01 -10.82 38.16
N LEU F 271 -23.09 -10.83 37.38
CA LEU F 271 -23.66 -12.08 36.81
C LEU F 271 -22.58 -12.75 35.97
N GLN F 272 -22.20 -12.13 34.84
CA GLN F 272 -21.34 -12.74 33.79
C GLN F 272 -20.07 -13.31 34.43
N LYS F 273 -19.43 -12.60 35.35
CA LYS F 273 -18.09 -13.02 35.84
C LYS F 273 -18.25 -14.41 36.48
N ASP F 274 -19.19 -14.57 37.42
CA ASP F 274 -19.31 -15.78 38.29
C ASP F 274 -20.07 -16.89 37.55
N ALA F 275 -20.44 -16.69 36.29
CA ALA F 275 -21.16 -17.68 35.45
C ALA F 275 -20.24 -18.85 35.12
N PHE F 276 -20.83 -20.02 34.87
CA PHE F 276 -20.15 -21.27 34.45
C PHE F 276 -19.66 -21.09 33.01
N VAL F 277 -20.55 -20.65 32.11
CA VAL F 277 -20.29 -20.32 30.69
C VAL F 277 -21.23 -19.15 30.30
N VAL F 278 -20.82 -18.29 29.35
CA VAL F 278 -21.66 -17.17 28.83
C VAL F 278 -21.75 -17.28 27.31
N LEU F 279 -22.96 -17.21 26.73
CA LEU F 279 -23.22 -16.99 25.29
C LEU F 279 -23.85 -15.62 25.11
N SER F 280 -23.15 -14.65 24.55
CA SER F 280 -23.71 -13.32 24.22
C SER F 280 -23.31 -12.94 22.79
N ASP F 281 -23.94 -11.90 22.24
CA ASP F 281 -23.59 -11.32 20.90
C ASP F 281 -23.41 -9.81 21.06
N SER F 282 -23.42 -9.32 22.30
CA SER F 282 -22.98 -7.96 22.68
C SER F 282 -21.54 -7.78 22.18
N GLY F 283 -21.20 -6.58 21.68
CA GLY F 283 -19.82 -6.23 21.26
C GLY F 283 -18.89 -6.28 22.46
N THR F 284 -19.47 -6.13 23.65
CA THR F 284 -18.78 -6.10 24.95
C THR F 284 -18.40 -7.52 25.40
N LEU F 285 -19.02 -8.56 24.85
CA LEU F 285 -18.76 -9.99 25.21
C LEU F 285 -17.25 -10.24 25.14
N SER F 286 -16.62 -9.85 24.03
CA SER F 286 -15.16 -9.96 23.84
C SER F 286 -14.42 -9.24 24.99
N GLU F 287 -14.63 -7.92 25.17
CA GLU F 287 -13.86 -7.08 26.15
C GLU F 287 -14.15 -7.53 27.59
N GLU F 288 -15.42 -7.63 27.96
CA GLU F 288 -15.81 -7.95 29.35
C GLU F 288 -15.13 -9.27 29.76
N SER F 289 -15.27 -10.33 28.95
CA SER F 289 -14.68 -11.68 29.22
C SER F 289 -13.19 -11.51 29.54
N SER F 290 -12.50 -10.67 28.76
CA SER F 290 -11.06 -10.38 28.93
C SER F 290 -10.84 -9.77 30.31
N ILE F 291 -11.53 -8.67 30.58
CA ILE F 291 -11.22 -7.79 31.74
C ILE F 291 -11.65 -8.51 33.03
N LEU F 292 -12.84 -9.12 33.09
CA LEU F 292 -13.25 -10.05 34.19
C LEU F 292 -13.15 -11.48 33.68
N LYS F 293 -12.05 -12.19 33.94
CA LYS F 293 -11.69 -13.41 33.17
C LYS F 293 -12.74 -14.50 33.40
N PHE F 294 -13.71 -14.63 32.47
CA PHE F 294 -14.76 -15.70 32.41
C PHE F 294 -14.90 -16.27 31.00
N PRO F 295 -15.34 -17.54 30.87
CA PRO F 295 -15.49 -18.15 29.54
C PRO F 295 -16.70 -17.56 28.81
N GLY F 296 -16.43 -16.84 27.71
CA GLY F 296 -17.42 -16.25 26.80
C GLY F 296 -17.41 -16.91 25.42
N VAL F 297 -18.59 -17.11 24.83
CA VAL F 297 -18.76 -17.77 23.50
C VAL F 297 -19.68 -16.89 22.68
N LEU F 298 -19.05 -16.00 21.90
CA LEU F 298 -19.67 -15.08 20.91
C LEU F 298 -20.57 -15.86 19.94
N ILE F 299 -21.89 -15.61 19.98
CA ILE F 299 -22.84 -16.07 18.92
C ILE F 299 -22.76 -15.05 17.78
N ARG F 300 -21.73 -15.18 16.93
CA ARG F 300 -21.62 -14.44 15.64
C ARG F 300 -20.67 -15.18 14.71
N THR F 301 -20.62 -14.74 13.45
CA THR F 301 -19.78 -15.30 12.37
C THR F 301 -18.89 -14.17 11.82
N SER F 302 -18.49 -13.28 12.72
CA SER F 302 -17.44 -12.26 12.54
C SER F 302 -17.27 -11.57 13.89
N THR F 303 -16.05 -11.13 14.21
CA THR F 303 -15.75 -10.18 15.32
C THR F 303 -15.22 -8.90 14.71
N GLU F 304 -15.19 -7.85 15.51
CA GLU F 304 -14.38 -6.63 15.27
C GLU F 304 -13.40 -6.51 16.43
N ARG F 305 -13.13 -7.65 17.09
CA ARG F 305 -12.29 -7.79 18.29
C ARG F 305 -11.38 -9.00 18.10
N PRO F 306 -10.49 -8.96 17.09
CA PRO F 306 -9.55 -10.07 16.85
C PRO F 306 -8.49 -10.10 17.96
N GLU F 307 -8.10 -8.93 18.49
CA GLU F 307 -7.08 -8.81 19.56
C GLU F 307 -7.31 -9.89 20.60
N VAL F 308 -8.57 -10.22 20.87
CA VAL F 308 -8.94 -11.14 21.98
C VAL F 308 -8.57 -12.57 21.53
N LEU F 309 -8.67 -12.87 20.24
CA LEU F 309 -8.30 -14.20 19.65
C LEU F 309 -6.77 -14.36 19.63
N ASP F 310 -6.06 -13.23 19.44
CA ASP F 310 -4.58 -13.13 19.46
C ASP F 310 -4.04 -13.58 20.82
N LYS F 311 -4.84 -13.56 21.89
CA LYS F 311 -4.41 -13.89 23.27
C LYS F 311 -5.16 -15.11 23.83
N GLY F 312 -6.23 -15.56 23.17
CA GLY F 312 -7.03 -16.77 23.52
C GLY F 312 -8.03 -16.51 24.65
N THR F 313 -8.86 -15.49 24.54
CA THR F 313 -9.73 -14.96 25.63
C THR F 313 -11.17 -14.94 25.12
N VAL F 314 -11.53 -15.99 24.37
CA VAL F 314 -12.82 -16.10 23.64
C VAL F 314 -12.70 -17.22 22.60
N ILE F 315 -13.77 -18.00 22.48
CA ILE F 315 -14.14 -18.82 21.29
C ILE F 315 -15.28 -18.10 20.55
N VAL F 316 -15.42 -18.32 19.24
CA VAL F 316 -16.55 -17.82 18.40
C VAL F 316 -17.51 -18.98 18.15
N GLY F 317 -18.64 -18.97 18.87
CA GLY F 317 -19.69 -20.02 18.82
C GLY F 317 -20.28 -20.12 17.44
N GLY F 318 -20.47 -18.97 16.78
CA GLY F 318 -21.18 -18.88 15.49
C GLY F 318 -22.68 -18.96 15.68
N ILE F 319 -23.39 -19.51 14.70
CA ILE F 319 -24.89 -19.51 14.65
C ILE F 319 -25.42 -20.93 14.46
N THR F 320 -24.65 -21.84 13.85
CA THR F 320 -25.07 -23.24 13.58
C THR F 320 -25.12 -24.03 14.88
N TYR F 321 -26.05 -24.98 14.98
CA TYR F 321 -26.22 -25.89 16.14
C TYR F 321 -24.88 -26.57 16.44
N ASN F 322 -24.46 -27.47 15.54
CA ASN F 322 -23.34 -28.41 15.78
C ASN F 322 -22.18 -27.66 16.44
N ASN F 323 -21.85 -26.45 15.97
CA ASN F 323 -20.72 -25.65 16.52
C ASN F 323 -21.02 -25.32 17.98
N LEU F 324 -21.92 -24.36 18.22
CA LEU F 324 -22.24 -23.79 19.56
C LEU F 324 -22.16 -24.84 20.68
N ILE F 325 -22.61 -26.07 20.40
CA ILE F 325 -22.44 -27.23 21.31
C ILE F 325 -20.96 -27.35 21.69
N GLN F 326 -20.10 -27.52 20.68
CA GLN F 326 -18.63 -27.76 20.84
C GLN F 326 -18.01 -26.58 21.58
N SER F 327 -18.26 -25.37 21.06
CA SER F 327 -17.69 -24.08 21.52
C SER F 327 -17.91 -23.94 23.02
N VAL F 328 -19.11 -24.24 23.48
CA VAL F 328 -19.47 -24.17 24.93
C VAL F 328 -18.80 -25.36 25.64
N GLU F 329 -18.80 -26.56 25.02
CA GLU F 329 -18.12 -27.75 25.57
C GLU F 329 -16.64 -27.40 25.76
N LEU F 330 -16.02 -26.86 24.70
CA LEU F 330 -14.66 -26.27 24.75
C LEU F 330 -14.59 -25.30 25.94
N ALA F 331 -15.32 -24.19 25.87
CA ALA F 331 -15.26 -23.08 26.84
C ALA F 331 -14.98 -23.66 28.23
N ARG F 332 -15.89 -24.52 28.71
CA ARG F 332 -15.93 -25.08 30.10
C ARG F 332 -14.74 -26.03 30.26
N GLU F 333 -14.59 -26.97 29.33
CA GLU F 333 -13.60 -28.07 29.35
C GLU F 333 -12.21 -27.46 29.52
N MET F 334 -12.04 -26.19 29.11
CA MET F 334 -10.77 -25.44 29.21
C MET F 334 -10.67 -24.77 30.58
N GLN F 335 -11.62 -23.90 30.96
CA GLN F 335 -11.61 -23.26 32.31
C GLN F 335 -11.69 -24.33 33.43
N ASN F 336 -11.93 -25.59 33.06
CA ASN F 336 -11.93 -26.77 33.98
C ASN F 336 -10.49 -27.22 34.23
N ASN F 337 -9.58 -27.02 33.24
CA ASN F 337 -8.15 -27.46 33.23
C ASN F 337 -7.23 -26.27 33.58
N ASN F 338 -7.77 -25.18 34.16
CA ASN F 338 -7.02 -24.01 34.71
C ASN F 338 -6.28 -23.26 33.60
N GLU F 339 -6.72 -23.40 32.34
CA GLU F 339 -6.04 -22.80 31.15
C GLU F 339 -6.07 -21.29 31.31
N PRO F 340 -5.00 -20.57 30.91
CA PRO F 340 -4.88 -19.15 31.24
C PRO F 340 -5.76 -18.23 30.39
N MET F 341 -6.29 -17.18 31.01
CA MET F 341 -6.88 -15.99 30.35
C MET F 341 -5.87 -14.86 30.46
N ILE F 342 -5.66 -14.15 29.35
CA ILE F 342 -4.51 -13.21 29.18
C ILE F 342 -5.07 -11.84 28.75
N ASP F 343 -4.64 -10.79 29.44
CA ASP F 343 -4.89 -9.39 29.01
C ASP F 343 -4.40 -9.22 27.57
N ALA F 344 -5.30 -8.79 26.68
CA ALA F 344 -4.97 -8.23 25.34
C ALA F 344 -4.24 -6.90 25.52
N ILE F 345 -3.31 -6.59 24.61
CA ILE F 345 -2.43 -5.40 24.74
C ILE F 345 -3.32 -4.18 24.93
N ASP F 346 -4.30 -3.96 24.04
CA ASP F 346 -4.95 -2.63 23.86
C ASP F 346 -6.09 -2.44 24.88
N TYR F 347 -6.22 -3.38 25.82
CA TYR F 347 -7.19 -3.35 26.94
C TYR F 347 -6.51 -3.06 28.29
N LYS F 348 -5.18 -2.95 28.35
CA LYS F 348 -4.46 -2.92 29.66
C LYS F 348 -4.48 -1.50 30.26
N ASP F 349 -4.39 -0.45 29.45
CA ASP F 349 -4.36 0.95 29.95
C ASP F 349 -5.79 1.32 30.41
N THR F 350 -5.91 2.21 31.40
CA THR F 350 -7.21 2.69 31.99
C THR F 350 -7.19 4.23 32.19
N ASN F 351 -6.60 4.98 31.26
CA ASN F 351 -6.51 6.47 31.32
C ASN F 351 -7.19 7.06 30.06
N VAL F 352 -8.00 6.25 29.38
CA VAL F 352 -8.63 6.58 28.06
C VAL F 352 -9.39 7.90 28.17
N SER F 353 -9.94 8.20 29.34
CA SER F 353 -10.64 9.48 29.62
C SER F 353 -9.67 10.65 29.43
N THR F 354 -8.59 10.65 30.21
CA THR F 354 -7.59 11.74 30.27
C THR F 354 -6.84 11.82 28.93
N LYS F 355 -6.64 10.67 28.25
CA LYS F 355 -6.02 10.60 26.90
C LYS F 355 -6.84 11.43 25.90
N VAL F 356 -8.12 11.09 25.78
CA VAL F 356 -9.05 11.77 24.85
C VAL F 356 -9.06 13.25 25.19
N VAL F 357 -9.14 13.56 26.48
CA VAL F 357 -9.15 14.97 26.95
C VAL F 357 -7.88 15.67 26.45
N LYS F 358 -6.72 15.06 26.67
CA LYS F 358 -5.41 15.67 26.30
C LYS F 358 -5.31 15.76 24.77
N ILE F 359 -5.84 14.74 24.07
CA ILE F 359 -5.82 14.64 22.57
C ILE F 359 -6.74 15.71 21.96
N ILE F 360 -7.94 15.89 22.51
CA ILE F 360 -8.98 16.84 22.01
C ILE F 360 -8.46 18.27 22.13
N GLN F 361 -7.82 18.62 23.26
CA GLN F 361 -7.21 19.97 23.46
C GLN F 361 -6.14 20.19 22.37
N SER F 362 -5.21 19.25 22.25
CA SER F 362 -3.99 19.33 21.42
C SER F 362 -4.39 19.64 19.97
N TYR F 363 -5.29 18.83 19.41
CA TYR F 363 -5.51 18.70 17.94
C TYR F 363 -6.67 19.58 17.48
N LYS F 364 -7.43 20.15 18.40
CA LYS F 364 -8.62 20.95 18.04
C LYS F 364 -8.15 22.11 17.15
N ASP F 365 -7.13 22.86 17.57
CA ASP F 365 -6.58 24.03 16.80
C ASP F 365 -5.89 23.54 15.52
N ILE F 366 -5.11 22.47 15.62
CA ILE F 366 -4.46 21.77 14.47
C ILE F 366 -5.50 21.55 13.35
N ILE F 367 -6.53 20.79 13.64
CA ILE F 367 -7.62 20.41 12.70
C ILE F 367 -8.22 21.67 12.03
N ASN F 368 -8.04 22.86 12.59
CA ASN F 368 -8.59 24.10 11.99
C ASN F 368 -7.57 24.71 11.04
N ARG F 369 -6.34 24.88 11.53
CA ARG F 369 -5.16 25.43 10.81
C ARG F 369 -4.91 24.60 9.53
N ASN F 370 -5.25 23.30 9.58
CA ASN F 370 -4.80 22.29 8.60
C ASN F 370 -5.92 22.04 7.60
N THR F 371 -6.96 21.28 7.99
CA THR F 371 -8.17 21.00 7.19
C THR F 371 -8.81 22.31 6.70
N TRP F 372 -9.21 23.19 7.64
CA TRP F 372 -10.13 24.34 7.44
C TRP F 372 -9.36 25.67 7.29
N ARG F 373 -8.13 25.76 7.80
CA ARG F 373 -7.17 26.89 7.61
C ARG F 373 -7.79 28.21 8.11
N LYS F 374 -7.67 28.53 9.39
CA LYS F 374 -8.21 29.79 9.94
C LYS F 374 -7.10 30.52 10.73
#